data_4K0K
#
_entry.id   4K0K
#
_cell.length_a   401.300
_cell.length_b   401.300
_cell.length_c   173.680
_cell.angle_alpha   90.00
_cell.angle_beta   90.00
_cell.angle_gamma   90.00
#
_symmetry.space_group_name_H-M   'P 41 21 2'
#
loop_
_entity.id
_entity.type
_entity.pdbx_description
1 polymer '16S ribosomal RNA'
2 polymer '30S ribosomal protein S2'
3 polymer '30S ribosomal protein S3'
4 polymer '30S ribosomal protein S4'
5 polymer '30S ribosomal protein S5'
6 polymer '30S ribosomal protein S6'
7 polymer '30S ribosomal protein S7'
8 polymer '30S ribosomal protein S8'
9 polymer '30S ribosomal protein S9'
10 polymer '30S ribosomal protein S10'
11 polymer '30S ribosomal protein S11'
12 polymer '30S ribosomal protein S12'
13 polymer '30S ribosomal protein S13'
14 polymer '30S ribosomal protein S14'
15 polymer '30S ribosomal protein S15'
16 polymer '30S ribosomal protein S16'
17 polymer '30S ribosomal protein S17'
18 polymer '30S ribosomal protein S18'
19 polymer '30S ribosomal protein S19'
20 polymer '30S ribosomal protein S20'
21 polymer '30S ribosomal protein THX'
22 polymer mRNA
23 polymer RNA-ASL
#
loop_
_entity_poly.entity_id
_entity_poly.type
_entity_poly.pdbx_seq_one_letter_code
_entity_poly.pdbx_strand_id
1 'polyribonucleotide'
;UGGAGAGUUUGAUCCUGGCUCAGGGUGAACGCUGGCGGCGUGCCUAAGACAUGCAAGUCGUGCGGGCCGCGGGAUUUUAC
UCCGUGGUCAGCGGCGGACGGGUGAGUAACGCGUGGGUGACCUACCCGGAAGAGGGGGACAACCCGGGGAAACUCGGGCU
AAUCCCCCAUGUGGACCCGCCCCUUGGGGUGUGUCCAAAGGGCUUUGCCCGCUUCCGGAUGGGCCCGCGUCCCAUCAGCU
AGUUGGUGGGGUAAUGGCCCACCAAGGCGACGACGGGUAGCCGGUCUGAGAGGAUGGCCGGCCACAGGGGCACUGAGACA
CGGGCCCCACUCCUACGGGAGGCAGCAGUUAGGAAUCUUCCGCAAUGGGCGCAAGCCUGACGGAGCGACGCCGCUUGGAG
GAAGAAGCCCUUCGGGGUGUAAACUCCUGAACCCGGGACGAAACCCCCGACGAGGGGACUGACGGUACCGGGGUAAUAGC
GCCGGCCAACUCCGUGCCAGCAGCCGCGGUAAUACGGAGGGCGCGAGCGUUACCCGGAUUCACUGGGCGUAAAGGGCGUG
UAGGCGGCCUGGGGCGUCCCAUGUGAAAGACCACGGCUCAACCGUGGGGGAGCGUGGGAUACGCUCAGGCUAGACGGUGG
GAGAGGGUGGUGGAAUUCCCGGAGUAGCGGUGAAAUGCGCAGAUACCGGGAGGAACGCCGAUGGCGAAGGCAGCCACCUG
GUCCACCCGUGACGCUGAGGCGCGAAAGCGUGGGGAGCAAACCGGAUUAGAUACCCGGGUAGUCCACGCCCUAAACGAUG
CGCGCUAGGUCUCUGGGUCUCCUGGGGGCCGAAGCUAACGCGUUAAGCGCGCCGCCUGGGGAGUACGGCCGCAAGGCUGA
AACUCAAAGGAAUUGACGGGGGCCCGCACAAGCGGUGGAGCAUGUGGUUUAAUUCGAAGCAACGCGAAGAACCUUACCAG
GCCUUGACAUGCUAGGGAACCCGGGUGAAAGCCUGGGGUGCCCCGCGAGGGGAGCCCUAGCACAGGUGCUGCAUGGCCGU
CGUCAGCUCGUGCCGUGAGGUGUUGGGUUAAGUCCCGCAACGAGCGCAACCCCCGCCGUUAGUUGCCAGCGGUUCGGCCG
GGCACUCUAACGGGACUGCCCGCGAAAGCGGGAGGAAGGAGGGGACGACGUCUGGUCAGCAUGGCCCUUACGGCCUGGGC
GACACACGUGCUACAAUGCCCACUACAAAGCGAUGCCACCCGGCAACGGGGAGCUAAUCGCAAAAAGGUGGGCCCAGUUC
GGAUUGGGGUCUGCAACCCGACCCCAUGAAGCCGGAAUCGCUAGUAAUCGCGGAUCAGCCAUGCCGCGGUGAAUACGUUC
CCGGGCCUUGUACACACCGCCCGUCACGCCAUGGGAGCGGGCUCUACCCGAAGUCGCCGGGAGCCUACGGGCAGGCGCCG
AGGGUAGGGCCCGUGACUGGGGCGAAGUCGUAACAAGGUAGCUGUACCGGAAGGUGCGGCUGGAUCACCUCCUUUCU
;
A
2 'polypeptide(L)'
;VKELLEAGVHFGHERKRWNPKFARYIYAERNGIHIIDLQKTMEELERTFRFIEDLAMRGGTILFVGTKKQAQDIVRMEAE
RAGMPYVNQRWLGGMLTNFKTISQRVHRLEELEALFASPEIEERPKKEQVRLKHELERLQKYLSGFRLLKRLPDAIFVVD
PTKEAIAVREARKLFIPVIALADTDSDPDLVDYIIPGNDDAIRSIQLILSRAVDLIIQARGGVVEPSPSYALVQE
;
B
3 'polypeptide(L)'
;GNKIHPIGFRLGITRDWESRWYAGKKQYRHLLLEDQRIRGLLEKELYSAGLARVDIERAADNVAVTVHVAKPGVVIGRGG
ERIRVLREELAKLTGKNVALNVQEVQNPNLSAPLVAQRVAEQIERRFAVRRAIKQAVQRVMESGAKGAKVIVSGRIGGAE
QARTEWAAQGRVPLHTLRANIDYGFALARTTYGVLGVKAYIFLGEVI
;
C
4 'polypeptide(L)'
;GRYIGPVCRLCRREGVKLYLKGERCYSPKCAMERRPYPPGQHGQKRARRPSDYAVRLREKQKLRRIYGISERQFRNLFEE
ASKKKGVTGSVFLGLLESRLDNVVYRLGFAVSRRQARQLVRHGHITVNGRRVDLPSYRVRPGDEIAVAEKSRNLELIRQN
LEAMKGRKVGPWLSLDVEGMKGKFLRLPDREDLALPVNEQLVIEFYSR
;
D
5 'polypeptide(L)'
;DFEEKMILIRRTARMQAGGRRFRFGALVVVGDRQGRVGLGFGKAPEVPLAVQKAGYYARRNMVEVPLQNGTIPHEIEVEF
GASKIVLKPAAPGTGVIAGAVPRAILELAGVTDILTKELGSRNPINIAYATMEALRQLRTKADVERLRKGE
;
E
6 'polypeptide(L)'
;MRRYEVNIVLNPNLDQSQLALEKEIIQRALENYGARVEKVEELGLRRLAYPIAKDPQGYFLWYQVEMPEDRVNDLARELR
IRDNVRRVMVVKSQEPFLANA
;
F
7 'polypeptide(L)'
;ARRRRAEVRQLQPDLVYGDVLVTAFINKIMRDGKKNLAARIFYDACKIIQEKTGQEPLKVFKQAVENVKPRMEVRSRRVG
GANYQVPMEVSPRRQQSLALRWLVQAANQRPERRAAVRIAHELMDAAEGKGGAVKKKEDVERMAEANRAYAHYRW
;
G
8 'polypeptide(L)'
;MLTDPIADMLTRIRNATRVYKESTDVPASRFKEEILRILAREGFIKGYERVDVDGKPYLRVYLKYGPRRQGPDPRPEQVI
HHIRRISKPGRRVYVGVKEIPRVRRGLGIAILSTSKGVLTDREARKLGVGGELICEVW
;
H
9 'polypeptide(L)'
;EQYYGTGRRKEAVARVFLRPGNGKVTVNGQDFNEYFQGLVRAVAALEPLRAVDALGRFDAYITVRGGGKSGQIDAIKLGI
ARALVQYNPDYRAKLKPLGFLTRDARVVERKKYGKHKARRAPQYSKR
;
I
10 'polypeptide(L)'
;KIRIKLRGFDHKTLDASAQKIVEAARRSGAQVSGPIPLPTRVRRFTVIRGPFKHKDSREHFELRTHNRLVDIINPNRKTI
EQLMTLDLPTGVEIEIKTV
;
J
11 'polypeptide(L)'
;KRQVASGRAYIHASYNNTIVTITDPDGNPITWSSGGVIGYKGSRKGTPYAAQLAALDAAKKAMAYGMQSVDVIVRGTGAG
REQAIRALQASGLQVKSIVDDTPVPHNGCRPKKKFRKAS
;
K
12 'polypeptide(L)'
;PTINQLVRKGREKVRKKSKVPALKGAPFRRGVCTVVRTVTPKKPNSALRKVAKVRLTSGYEVTAYIPGEGHNLQEHSVVL
IRGGRVKDLPGVRYHIVRGVYDAAGVKDRKKSRSKYGTKKPKEAAK
;
L
13 'polypeptide(L)'
;ARIAGVEIPRNKRVDVALTYIYGIGKARAKEALEKTGINPATRVKDLTEAEVVRLREYVENTWKLEGELRAEVAANIKRL
MDIGCYRGLRHRRGLPVRGQRTRTNARTRKGPRKTVAGKKK
;
M
14 'polypeptide(L)' ARKALIEKAKRTPKFKVRAYTRCVRCGRARSVYRFFGLCRICLRELAHKGQLPGVRKASW N
15 'polypeptide(L)'
;PITKEEKQKVIQEFARFPGDTGSTEVQVALLTLRINRLSEHLKVHKKDHHSHRGLLMMVGQRRRLLRYLQREDPERYRAL
IEKLGIRG
;
O
16 'polypeptide(L)'
;MVKIRLARFGSKHNPHYRIVVTDARRKRDGKYIEKIGYYDPRKTTPDWLKVDVERARYWLSVGAQPTDTARRLLRQAGVF
RQEA
;
P
17 'polypeptide(L)'
;PKKVLTGVVVSDKMQKTVTVLVERQFPHPLYGKVIKRSKKYLAHDPEEKYKLGDVVEIIESRPISKRKRFRVLRLVESGR
MDLVEKYLIRRQNYESLSKR
;
Q
18 'polypeptide(L)' KAKVKATLGEFDLRDYRNVEVLKRFLSETGKILPRRRTGLSAKEQRILAKTIKRARILGLLPFTEKLVRK R
19 'polypeptide(L)' SLKKGVFVDDHLLEKVLELNAKGEKRLIKTWSRRSTIVPEMVGHTIAVYNGKQHVPVYITENMVGHKLGEFAPTRTYRG S
20 'polypeptide(L)'
;RNLSALKRHRQSLKRRLRNKAKKSAIKTLSKKAIQLAQEGKAEEALKIMRKAESLIDKAAKGSTLHKNAAARRKSRLMRK
VRQLLEAAGAPLIGGGLSA
;
T
21 'polypeptide(L)' GKGDRRTRRGKIWRGTYGKYRPRKK U
22 'polyribonucleotide' UAGUA X
23 'polyribonucleotide' AUUIGAAAUCU Y
#
loop_
_chem_comp.id
_chem_comp.type
_chem_comp.name
_chem_comp.formula
A RNA linking ADENOSINE-5'-MONOPHOSPHATE 'C10 H14 N5 O7 P'
C RNA linking CYTIDINE-5'-MONOPHOSPHATE 'C9 H14 N3 O8 P'
G RNA linking GUANOSINE-5'-MONOPHOSPHATE 'C10 H14 N5 O8 P'
I RNA linking 'INOSINIC ACID' 'C10 H13 N4 O8 P'
U RNA linking URIDINE-5'-MONOPHOSPHATE 'C9 H13 N2 O9 P'
#
# COMPACT_ATOMS: atom_id res chain seq x y z
N VAL B 1 -23.46 -48.37 -34.27
CA VAL B 1 -22.60 -47.97 -35.43
C VAL B 1 -21.46 -47.02 -34.96
N LYS B 2 -20.47 -47.56 -34.24
CA LYS B 2 -19.28 -46.77 -33.87
C LYS B 2 -18.07 -47.47 -34.49
N GLU B 3 -17.26 -48.16 -33.68
CA GLU B 3 -16.20 -49.04 -34.16
C GLU B 3 -15.10 -48.42 -35.08
N LEU B 4 -15.45 -48.15 -36.33
CA LEU B 4 -14.47 -47.68 -37.29
C LEU B 4 -14.74 -46.23 -37.64
N LEU B 5 -15.91 -45.72 -37.24
CA LEU B 5 -16.30 -44.37 -37.60
C LEU B 5 -15.28 -43.37 -37.09
N GLU B 6 -15.00 -43.45 -35.80
CA GLU B 6 -13.94 -42.67 -35.16
C GLU B 6 -12.61 -42.89 -35.88
N ALA B 7 -12.28 -44.15 -36.17
CA ALA B 7 -11.04 -44.45 -36.89
C ALA B 7 -11.06 -43.90 -38.32
N GLY B 8 -12.16 -43.25 -38.72
CA GLY B 8 -12.24 -42.49 -39.96
C GLY B 8 -11.00 -41.65 -40.11
N VAL B 9 -10.88 -40.61 -39.28
CA VAL B 9 -9.61 -39.84 -39.08
C VAL B 9 -9.58 -39.09 -37.72
N HIS B 10 -10.26 -39.63 -36.71
CA HIS B 10 -10.64 -38.88 -35.51
C HIS B 10 -10.08 -39.51 -34.23
N PHE B 11 -9.14 -40.42 -34.43
CA PHE B 11 -8.32 -40.97 -33.38
C PHE B 11 -7.35 -39.90 -32.89
N GLY B 12 -6.06 -40.26 -32.86
CA GLY B 12 -4.96 -39.33 -32.64
C GLY B 12 -5.13 -37.90 -33.10
N HIS B 13 -4.65 -36.97 -32.26
CA HIS B 13 -4.49 -35.56 -32.65
C HIS B 13 -3.16 -34.96 -32.13
N GLU B 14 -3.22 -34.03 -31.19
CA GLU B 14 -2.11 -33.05 -30.96
C GLU B 14 -0.72 -33.68 -30.79
N ARG B 15 0.33 -32.87 -31.00
CA ARG B 15 1.70 -33.36 -30.97
C ARG B 15 2.58 -32.60 -29.97
N LYS B 16 3.21 -33.34 -29.05
CA LYS B 16 4.26 -32.84 -28.11
C LYS B 16 4.00 -31.42 -27.55
N ARG B 17 2.71 -31.19 -27.33
CA ARG B 17 2.13 -30.03 -26.68
C ARG B 17 1.27 -30.65 -25.57
N TRP B 18 1.71 -31.82 -25.13
CA TRP B 18 0.88 -32.75 -24.36
C TRP B 18 0.76 -32.40 -22.88
N ASN B 19 0.37 -33.40 -22.12
CA ASN B 19 0.19 -33.32 -20.69
C ASN B 19 0.29 -34.75 -20.22
N PRO B 20 1.39 -35.09 -19.54
CA PRO B 20 1.72 -36.49 -19.33
C PRO B 20 0.65 -37.27 -18.57
N LYS B 21 -0.28 -36.55 -17.95
CA LYS B 21 -1.47 -37.14 -17.31
C LYS B 21 -2.25 -37.97 -18.33
N PHE B 22 -2.12 -37.61 -19.59
CA PHE B 22 -2.80 -38.31 -20.67
C PHE B 22 -2.00 -39.53 -21.19
N ALA B 23 -0.99 -39.98 -20.44
CA ALA B 23 -0.14 -41.08 -20.94
C ALA B 23 -0.90 -42.41 -21.11
N ARG B 24 -1.81 -42.67 -20.17
CA ARG B 24 -2.74 -43.78 -20.23
C ARG B 24 -3.46 -43.87 -21.57
N TYR B 25 -4.25 -42.84 -21.87
CA TYR B 25 -5.11 -42.83 -23.06
C TYR B 25 -4.39 -42.66 -24.40
N ILE B 26 -3.15 -43.14 -24.50
CA ILE B 26 -2.40 -43.02 -25.76
C ILE B 26 -1.82 -44.35 -26.21
N TYR B 27 -1.89 -44.58 -27.52
CA TYR B 27 -1.33 -45.78 -28.12
C TYR B 27 0.15 -45.57 -28.47
N ALA B 28 0.45 -44.69 -29.43
CA ALA B 28 1.87 -44.48 -29.84
C ALA B 28 2.18 -43.10 -30.41
N GLU B 29 3.48 -42.83 -30.54
CA GLU B 29 3.96 -41.58 -31.14
C GLU B 29 4.55 -41.88 -32.51
N ARG B 30 3.69 -41.99 -33.51
CA ARG B 30 4.12 -42.28 -34.88
C ARG B 30 4.29 -41.00 -35.66
N ASN B 31 5.37 -40.94 -36.42
CA ASN B 31 5.69 -39.80 -37.29
C ASN B 31 5.55 -38.45 -36.57
N GLY B 32 6.05 -38.42 -35.33
CA GLY B 32 6.12 -37.20 -34.52
C GLY B 32 4.88 -36.82 -33.73
N ILE B 33 3.76 -37.47 -34.02
CA ILE B 33 2.46 -37.06 -33.47
C ILE B 33 1.94 -38.08 -32.47
N HIS B 34 1.02 -37.64 -31.60
CA HIS B 34 0.42 -38.55 -30.62
C HIS B 34 -0.82 -39.20 -31.23
N ILE B 35 -0.96 -40.52 -31.04
CA ILE B 35 -2.09 -41.28 -31.58
C ILE B 35 -2.83 -42.05 -30.50
N ILE B 36 -4.09 -41.70 -30.28
CA ILE B 36 -4.79 -42.11 -29.08
C ILE B 36 -5.49 -43.44 -29.27
N ASP B 37 -5.34 -44.33 -28.28
CA ASP B 37 -5.93 -45.67 -28.30
C ASP B 37 -7.45 -45.59 -28.27
N LEU B 38 -8.08 -46.25 -29.24
CA LEU B 38 -9.52 -46.14 -29.43
C LEU B 38 -10.27 -47.17 -28.61
N GLN B 39 -9.68 -48.36 -28.48
CA GLN B 39 -10.20 -49.36 -27.54
C GLN B 39 -10.53 -48.63 -26.23
N LYS B 40 -9.59 -47.83 -25.74
CA LYS B 40 -9.79 -47.06 -24.51
C LYS B 40 -10.80 -45.94 -24.72
N THR B 41 -10.85 -45.37 -25.92
CA THR B 41 -11.86 -44.36 -26.20
C THR B 41 -13.24 -44.93 -25.98
N MET B 42 -13.46 -46.13 -26.50
CA MET B 42 -14.73 -46.80 -26.31
C MET B 42 -14.95 -47.10 -24.84
N GLU B 43 -13.96 -47.74 -24.21
CA GLU B 43 -14.07 -48.11 -22.80
C GLU B 43 -14.67 -46.98 -22.00
N GLU B 44 -14.23 -45.77 -22.30
CA GLU B 44 -14.72 -44.58 -21.62
C GLU B 44 -16.03 -44.10 -22.19
N LEU B 45 -16.16 -44.16 -23.50
CA LEU B 45 -17.32 -43.62 -24.20
C LEU B 45 -18.64 -44.24 -23.72
N GLU B 46 -18.61 -45.52 -23.41
CA GLU B 46 -19.78 -46.24 -22.90
C GLU B 46 -20.19 -45.65 -21.55
N ARG B 47 -19.28 -45.79 -20.59
CA ARG B 47 -19.43 -45.24 -19.25
C ARG B 47 -19.92 -43.79 -19.28
N THR B 48 -19.49 -43.08 -20.30
CA THR B 48 -19.78 -41.67 -20.40
C THR B 48 -21.20 -41.48 -20.93
N PHE B 49 -21.55 -42.28 -21.94
CA PHE B 49 -22.88 -42.25 -22.55
C PHE B 49 -23.88 -42.85 -21.59
N ARG B 50 -23.45 -43.91 -20.91
CA ARG B 50 -24.22 -44.51 -19.84
C ARG B 50 -24.54 -43.48 -18.76
N PHE B 51 -23.62 -42.54 -18.53
CA PHE B 51 -23.94 -41.45 -17.64
C PHE B 51 -25.05 -40.63 -18.27
N ILE B 52 -24.90 -40.34 -19.56
CA ILE B 52 -25.85 -39.48 -20.24
C ILE B 52 -27.26 -40.02 -20.08
N GLU B 53 -27.47 -41.28 -20.46
CA GLU B 53 -28.74 -41.98 -20.29
C GLU B 53 -29.33 -41.69 -18.91
N ASP B 54 -28.71 -42.29 -17.90
CA ASP B 54 -29.18 -42.25 -16.50
C ASP B 54 -29.65 -40.85 -16.04
N LEU B 55 -29.05 -39.78 -16.58
CA LEU B 55 -29.49 -38.43 -16.23
C LEU B 55 -30.33 -37.80 -17.34
N ALA B 56 -30.18 -38.29 -18.56
CA ALA B 56 -31.04 -37.83 -19.65
C ALA B 56 -32.47 -38.25 -19.37
N MET B 57 -32.67 -39.54 -19.14
CA MET B 57 -34.01 -40.08 -18.87
C MET B 57 -34.61 -39.43 -17.63
N ARG B 58 -33.82 -39.27 -16.58
CA ARG B 58 -34.26 -38.53 -15.40
C ARG B 58 -34.62 -37.08 -15.72
N GLY B 59 -34.51 -36.69 -16.98
CA GLY B 59 -34.90 -35.36 -17.44
C GLY B 59 -33.95 -34.26 -16.97
N GLY B 60 -32.64 -34.48 -17.14
CA GLY B 60 -31.62 -33.58 -16.60
C GLY B 60 -31.51 -32.26 -17.34
N THR B 61 -30.32 -31.67 -17.29
CA THR B 61 -29.94 -30.57 -18.20
C THR B 61 -28.43 -30.67 -18.43
N ILE B 62 -28.02 -30.72 -19.70
CA ILE B 62 -26.62 -30.69 -20.06
C ILE B 62 -26.36 -29.30 -20.59
N LEU B 63 -25.30 -28.66 -20.09
CA LEU B 63 -24.85 -27.41 -20.68
C LEU B 63 -23.68 -27.68 -21.63
N PHE B 64 -23.92 -27.42 -22.91
CA PHE B 64 -22.91 -27.66 -23.93
C PHE B 64 -22.04 -26.41 -24.08
N VAL B 65 -20.73 -26.63 -24.17
CA VAL B 65 -19.77 -25.55 -24.39
C VAL B 65 -18.75 -25.96 -25.41
N GLY B 66 -18.75 -25.19 -26.50
CA GLY B 66 -17.76 -25.29 -27.55
C GLY B 66 -17.56 -23.91 -28.14
N THR B 67 -16.31 -23.49 -28.25
CA THR B 67 -16.01 -22.16 -28.77
C THR B 67 -14.89 -22.11 -29.82
N LYS B 68 -14.19 -23.23 -30.05
CA LYS B 68 -13.16 -23.30 -31.10
C LYS B 68 -13.86 -23.03 -32.43
N LYS B 69 -13.10 -22.66 -33.46
CA LYS B 69 -13.69 -22.50 -34.79
C LYS B 69 -14.43 -23.78 -35.11
N GLN B 70 -13.73 -24.89 -34.92
CA GLN B 70 -14.16 -26.18 -35.40
C GLN B 70 -15.36 -26.75 -34.67
N ALA B 71 -15.74 -26.12 -33.55
CA ALA B 71 -16.96 -26.48 -32.87
C ALA B 71 -17.97 -25.38 -33.17
N GLN B 72 -18.18 -24.46 -32.23
CA GLN B 72 -18.98 -23.25 -32.46
C GLN B 72 -20.35 -23.55 -33.06
N ASP B 73 -20.43 -23.59 -34.39
CA ASP B 73 -21.68 -23.76 -35.10
C ASP B 73 -22.26 -25.16 -34.91
N ILE B 74 -21.38 -26.15 -34.81
CA ILE B 74 -21.79 -27.53 -34.54
C ILE B 74 -22.31 -27.72 -33.10
N VAL B 75 -22.18 -26.70 -32.26
CA VAL B 75 -22.76 -26.77 -30.92
C VAL B 75 -24.16 -26.18 -30.90
N ARG B 76 -24.36 -25.03 -31.53
CA ARG B 76 -25.71 -24.44 -31.61
C ARG B 76 -26.67 -25.33 -32.40
N MET B 77 -26.15 -26.37 -33.06
CA MET B 77 -27.00 -27.35 -33.71
C MET B 77 -27.42 -28.40 -32.70
N GLU B 78 -26.56 -29.38 -32.47
CA GLU B 78 -26.85 -30.54 -31.64
C GLU B 78 -27.42 -30.21 -30.26
N ALA B 79 -27.02 -29.08 -29.71
CA ALA B 79 -27.61 -28.61 -28.47
C ALA B 79 -29.06 -28.27 -28.72
N GLU B 80 -29.33 -27.49 -29.77
CA GLU B 80 -30.70 -27.10 -30.08
C GLU B 80 -31.51 -28.28 -30.62
N ARG B 81 -30.79 -29.23 -31.24
CA ARG B 81 -31.36 -30.52 -31.64
C ARG B 81 -31.62 -31.38 -30.39
N ALA B 82 -31.84 -30.72 -29.27
CA ALA B 82 -31.95 -31.36 -27.96
C ALA B 82 -32.66 -30.49 -26.91
N GLY B 83 -33.00 -29.25 -27.29
CA GLY B 83 -33.52 -28.27 -26.35
C GLY B 83 -32.58 -27.97 -25.20
N MET B 84 -31.32 -28.39 -25.33
CA MET B 84 -30.30 -28.23 -24.28
C MET B 84 -29.50 -26.95 -24.50
N PRO B 85 -29.27 -26.18 -23.42
CA PRO B 85 -28.53 -24.92 -23.54
C PRO B 85 -27.09 -25.09 -24.02
N TYR B 86 -26.54 -24.02 -24.57
CA TYR B 86 -25.17 -24.03 -25.09
C TYR B 86 -24.43 -22.69 -24.90
N VAL B 87 -23.11 -22.76 -24.77
CA VAL B 87 -22.29 -21.56 -24.90
C VAL B 87 -21.37 -21.72 -26.10
N ASN B 88 -21.44 -20.72 -26.97
CA ASN B 88 -20.95 -20.80 -28.33
C ASN B 88 -19.95 -19.69 -28.66
N GLN B 89 -20.32 -18.46 -28.31
CA GLN B 89 -19.52 -17.31 -28.68
C GLN B 89 -18.32 -17.08 -27.74
N ARG B 90 -18.61 -16.81 -26.47
CA ARG B 90 -17.55 -16.66 -25.45
C ARG B 90 -17.99 -16.92 -24.00
N TRP B 91 -17.25 -17.77 -23.31
CA TRP B 91 -17.61 -18.13 -21.95
C TRP B 91 -17.52 -16.96 -20.97
N LEU B 92 -18.64 -16.43 -20.53
CA LEU B 92 -18.59 -15.33 -19.55
C LEU B 92 -18.27 -15.76 -18.11
N GLY B 93 -17.32 -15.07 -17.51
CA GLY B 93 -16.90 -15.35 -16.15
C GLY B 93 -18.01 -15.26 -15.13
N GLY B 94 -18.38 -16.42 -14.61
CA GLY B 94 -19.39 -16.50 -13.57
C GLY B 94 -20.71 -16.98 -14.11
N MET B 95 -20.67 -17.59 -15.29
CA MET B 95 -21.89 -18.12 -15.89
C MET B 95 -22.53 -19.13 -14.95
N LEU B 96 -21.79 -20.15 -14.55
CA LEU B 96 -22.27 -21.06 -13.51
C LEU B 96 -22.15 -20.41 -12.13
N THR B 97 -21.09 -19.66 -11.95
CA THR B 97 -20.72 -19.24 -10.61
C THR B 97 -21.44 -18.01 -10.09
N ASN B 98 -21.44 -16.96 -10.88
CA ASN B 98 -22.21 -15.77 -10.57
C ASN B 98 -23.59 -15.84 -11.22
N PHE B 99 -23.94 -17.02 -11.72
CA PHE B 99 -25.23 -17.32 -12.37
C PHE B 99 -26.40 -16.40 -12.09
N LYS B 100 -26.86 -16.33 -10.85
CA LYS B 100 -27.93 -15.41 -10.49
C LYS B 100 -27.76 -14.07 -11.20
N THR B 101 -26.55 -13.51 -11.10
CA THR B 101 -26.25 -12.16 -11.63
C THR B 101 -26.05 -12.12 -13.16
N ILE B 102 -25.40 -13.13 -13.72
CA ILE B 102 -25.32 -13.22 -15.16
C ILE B 102 -26.72 -13.40 -15.71
N SER B 103 -27.56 -14.07 -14.96
CA SER B 103 -28.94 -14.30 -15.39
C SER B 103 -29.70 -12.99 -15.56
N GLN B 104 -29.50 -12.05 -14.63
CA GLN B 104 -30.10 -10.71 -14.74
C GLN B 104 -30.00 -10.12 -16.14
N ARG B 105 -29.01 -10.56 -16.89
CA ARG B 105 -28.89 -10.17 -18.29
C ARG B 105 -29.93 -10.87 -19.16
N VAL B 106 -30.40 -12.03 -18.75
CA VAL B 106 -31.47 -12.69 -19.51
C VAL B 106 -32.84 -12.12 -19.09
N HIS B 107 -33.05 -12.00 -17.77
CA HIS B 107 -34.10 -11.16 -17.19
C HIS B 107 -34.30 -9.88 -18.04
N ARG B 108 -33.21 -9.31 -18.55
CA ARG B 108 -33.20 -8.02 -19.29
C ARG B 108 -33.07 -8.17 -20.82
N LEU B 109 -32.68 -9.34 -21.27
CA LEU B 109 -32.70 -9.63 -22.69
C LEU B 109 -34.13 -9.65 -23.15
N GLU B 110 -34.91 -10.58 -22.61
CA GLU B 110 -36.23 -10.87 -23.15
C GLU B 110 -37.26 -9.78 -22.83
N GLU B 111 -36.83 -8.72 -22.14
CA GLU B 111 -37.59 -7.47 -22.09
C GLU B 111 -37.60 -6.80 -23.46
N LEU B 112 -36.81 -7.33 -24.38
CA LEU B 112 -36.67 -6.77 -25.71
C LEU B 112 -37.44 -7.56 -26.78
N GLU B 113 -37.67 -8.85 -26.55
CA GLU B 113 -38.65 -9.61 -27.35
C GLU B 113 -40.02 -8.92 -27.22
N ALA B 114 -40.31 -8.42 -26.01
CA ALA B 114 -41.51 -7.65 -25.71
C ALA B 114 -41.62 -6.43 -26.62
N LEU B 115 -40.61 -5.58 -26.53
CA LEU B 115 -40.63 -4.32 -27.27
C LEU B 115 -40.18 -4.52 -28.72
N PHE B 116 -39.84 -5.76 -29.08
CA PHE B 116 -39.60 -6.14 -30.47
C PHE B 116 -40.87 -5.81 -31.24
N ALA B 117 -41.94 -6.56 -30.97
CA ALA B 117 -43.26 -6.24 -31.49
C ALA B 117 -44.09 -5.71 -30.33
N SER B 118 -44.14 -4.38 -30.20
CA SER B 118 -44.94 -3.72 -29.19
C SER B 118 -45.37 -2.36 -29.74
N PRO B 119 -46.12 -1.56 -28.95
CA PRO B 119 -46.31 -0.17 -29.38
C PRO B 119 -44.98 0.57 -29.51
N GLU B 120 -43.92 -0.01 -28.91
CA GLU B 120 -42.57 0.52 -28.97
C GLU B 120 -41.76 -0.26 -30.03
N ILE B 121 -42.18 -0.12 -31.29
CA ILE B 121 -41.55 -0.81 -32.42
C ILE B 121 -41.01 0.19 -33.46
N GLU B 122 -41.69 1.33 -33.62
CA GLU B 122 -41.27 2.38 -34.56
C GLU B 122 -41.31 3.79 -33.91
N GLU B 123 -41.06 3.86 -32.59
CA GLU B 123 -41.12 5.13 -31.85
C GLU B 123 -40.08 5.20 -30.71
N ARG B 124 -40.25 6.15 -29.77
CA ARG B 124 -39.25 6.52 -28.73
C ARG B 124 -38.03 7.25 -29.36
N PRO B 125 -37.48 8.27 -28.65
CA PRO B 125 -36.37 9.11 -29.14
C PRO B 125 -35.35 8.36 -30.01
N LYS B 126 -35.63 8.27 -31.30
CA LYS B 126 -35.08 7.23 -32.19
C LYS B 126 -33.54 7.13 -32.39
N LYS B 127 -32.75 7.75 -31.51
CA LYS B 127 -31.34 7.33 -31.34
C LYS B 127 -31.36 6.12 -30.40
N GLU B 128 -32.28 6.15 -29.43
CA GLU B 128 -32.58 5.03 -28.54
C GLU B 128 -32.99 3.81 -29.36
N GLN B 129 -33.70 4.08 -30.46
CA GLN B 129 -34.12 3.06 -31.44
C GLN B 129 -33.02 2.05 -31.69
N VAL B 130 -31.97 2.47 -32.37
CA VAL B 130 -30.86 1.57 -32.71
C VAL B 130 -30.10 1.06 -31.47
N ARG B 131 -29.62 1.95 -30.62
CA ARG B 131 -28.83 1.56 -29.44
C ARG B 131 -29.49 0.48 -28.57
N LEU B 132 -30.78 0.64 -28.27
CA LEU B 132 -31.54 -0.40 -27.56
C LEU B 132 -31.66 -1.64 -28.44
N LYS B 133 -32.04 -1.45 -29.70
CA LYS B 133 -32.20 -2.56 -30.64
C LYS B 133 -30.86 -2.99 -31.27
N HIS B 134 -29.76 -2.42 -30.80
CA HIS B 134 -28.43 -2.97 -31.08
C HIS B 134 -27.81 -3.46 -29.77
N GLU B 135 -28.48 -3.21 -28.65
CA GLU B 135 -28.10 -3.80 -27.38
C GLU B 135 -28.47 -5.27 -27.36
N LEU B 136 -29.66 -5.59 -27.89
CA LEU B 136 -30.11 -6.99 -28.06
C LEU B 136 -29.10 -7.79 -28.88
N GLU B 137 -28.32 -7.10 -29.70
CA GLU B 137 -27.31 -7.76 -30.49
C GLU B 137 -26.29 -8.46 -29.62
N ARG B 138 -25.60 -7.69 -28.77
CA ARG B 138 -24.62 -8.26 -27.87
C ARG B 138 -25.32 -9.40 -27.14
N LEU B 139 -26.54 -9.11 -26.69
CA LEU B 139 -27.38 -10.04 -25.95
C LEU B 139 -27.65 -11.31 -26.72
N GLN B 140 -28.23 -11.18 -27.90
CA GLN B 140 -28.52 -12.36 -28.71
C GLN B 140 -27.22 -13.06 -29.13
N LYS B 141 -26.13 -12.31 -29.26
CA LYS B 141 -24.89 -12.92 -29.73
C LYS B 141 -24.31 -13.96 -28.76
N TYR B 142 -24.29 -13.61 -27.47
CA TYR B 142 -23.59 -14.39 -26.44
C TYR B 142 -24.53 -15.33 -25.67
N LEU B 143 -25.73 -14.86 -25.39
CA LEU B 143 -26.71 -15.64 -24.63
C LEU B 143 -27.72 -16.37 -25.53
N SER B 144 -27.25 -16.90 -26.67
CA SER B 144 -28.12 -17.64 -27.57
C SER B 144 -28.66 -18.90 -26.90
N GLY B 145 -27.77 -19.85 -26.65
CA GLY B 145 -28.13 -21.04 -25.92
C GLY B 145 -28.16 -20.86 -24.40
N PHE B 146 -27.88 -19.66 -23.90
CA PHE B 146 -27.83 -19.51 -22.46
C PHE B 146 -29.14 -19.08 -21.83
N ARG B 147 -30.01 -18.42 -22.60
CA ARG B 147 -31.32 -17.97 -22.10
C ARG B 147 -32.19 -19.10 -21.53
N LEU B 148 -32.00 -20.34 -22.03
CA LEU B 148 -32.81 -21.50 -21.65
C LEU B 148 -32.48 -21.91 -20.23
N LEU B 149 -31.19 -22.05 -19.92
CA LEU B 149 -30.72 -22.21 -18.53
C LEU B 149 -31.42 -21.28 -17.54
N LYS B 150 -32.40 -21.82 -16.83
CA LYS B 150 -33.17 -21.09 -15.81
C LYS B 150 -32.79 -21.53 -14.40
N ARG B 151 -32.08 -22.67 -14.33
CA ARG B 151 -31.53 -23.23 -13.11
C ARG B 151 -30.14 -23.78 -13.48
N LEU B 152 -29.23 -23.85 -12.53
CA LEU B 152 -27.93 -24.48 -12.79
C LEU B 152 -28.05 -25.88 -13.37
N PRO B 153 -27.23 -26.20 -14.39
CA PRO B 153 -27.35 -27.47 -15.08
C PRO B 153 -26.95 -28.62 -14.19
N ASP B 154 -27.13 -29.83 -14.69
CA ASP B 154 -26.84 -31.02 -13.92
C ASP B 154 -25.58 -31.58 -14.48
N ALA B 155 -25.23 -31.13 -15.68
CA ALA B 155 -23.95 -31.49 -16.23
C ALA B 155 -23.43 -30.35 -17.12
N ILE B 156 -22.17 -30.46 -17.52
CA ILE B 156 -21.64 -29.64 -18.60
C ILE B 156 -20.84 -30.53 -19.56
N PHE B 157 -21.14 -30.37 -20.85
CA PHE B 157 -20.43 -31.09 -21.90
C PHE B 157 -19.52 -30.10 -22.60
N VAL B 158 -18.23 -30.41 -22.60
CA VAL B 158 -17.21 -29.53 -23.13
C VAL B 158 -16.46 -30.20 -24.26
N VAL B 159 -16.03 -29.42 -25.25
CA VAL B 159 -15.21 -29.98 -26.32
C VAL B 159 -13.69 -29.70 -26.21
N ASP B 160 -13.28 -28.61 -25.57
CA ASP B 160 -11.87 -28.45 -25.19
C ASP B 160 -11.72 -27.89 -23.77
N PRO B 161 -11.34 -28.76 -22.83
CA PRO B 161 -11.24 -28.41 -21.42
C PRO B 161 -10.04 -27.53 -21.09
N THR B 162 -9.02 -27.51 -21.94
CA THR B 162 -7.89 -26.60 -21.76
C THR B 162 -8.17 -25.28 -22.45
N LYS B 163 -9.11 -25.30 -23.38
CA LYS B 163 -9.60 -24.07 -23.98
C LYS B 163 -10.66 -23.51 -23.06
N GLU B 164 -11.48 -24.41 -22.51
CA GLU B 164 -12.63 -23.98 -21.71
C GLU B 164 -12.42 -24.21 -20.22
N ALA B 165 -11.17 -24.14 -19.79
CA ALA B 165 -10.80 -24.48 -18.42
C ALA B 165 -11.50 -23.57 -17.44
N ILE B 166 -11.79 -22.34 -17.84
CA ILE B 166 -12.50 -21.37 -16.99
C ILE B 166 -13.90 -21.84 -16.65
N ALA B 167 -14.53 -22.51 -17.60
CA ALA B 167 -15.85 -23.08 -17.41
C ALA B 167 -15.75 -24.27 -16.46
N VAL B 168 -14.90 -25.23 -16.82
CA VAL B 168 -14.62 -26.37 -15.97
C VAL B 168 -14.36 -26.02 -14.51
N ARG B 169 -13.50 -25.04 -14.27
CA ARG B 169 -13.19 -24.73 -12.88
C ARG B 169 -14.46 -24.28 -12.17
N GLU B 170 -15.29 -23.50 -12.86
CA GLU B 170 -16.59 -23.11 -12.34
C GLU B 170 -17.47 -24.31 -12.02
N ALA B 171 -17.48 -25.28 -12.93
CA ALA B 171 -18.25 -26.49 -12.71
C ALA B 171 -17.86 -27.02 -11.34
N ARG B 172 -16.64 -27.57 -11.27
CA ARG B 172 -16.17 -28.35 -10.12
C ARG B 172 -16.34 -27.68 -8.78
N LYS B 173 -16.13 -26.36 -8.75
CA LYS B 173 -16.47 -25.50 -7.61
C LYS B 173 -17.91 -25.69 -7.16
N LEU B 174 -18.80 -25.98 -8.10
CA LEU B 174 -20.23 -26.20 -7.82
C LEU B 174 -20.62 -27.67 -7.85
N PHE B 175 -19.60 -28.54 -7.89
CA PHE B 175 -19.74 -29.99 -7.95
C PHE B 175 -20.49 -30.50 -9.18
N ILE B 176 -20.77 -29.60 -10.13
CA ILE B 176 -21.44 -29.95 -11.39
C ILE B 176 -20.55 -30.89 -12.20
N PRO B 177 -21.00 -32.12 -12.42
CA PRO B 177 -20.09 -33.05 -13.09
C PRO B 177 -19.69 -32.61 -14.51
N VAL B 178 -18.39 -32.77 -14.79
CA VAL B 178 -17.79 -32.33 -16.04
C VAL B 178 -17.71 -33.47 -17.06
N ILE B 179 -18.38 -33.29 -18.19
CA ILE B 179 -18.25 -34.25 -19.28
C ILE B 179 -17.50 -33.53 -20.35
N ALA B 180 -16.60 -34.22 -21.04
CA ALA B 180 -15.81 -33.56 -22.03
C ALA B 180 -15.25 -34.43 -23.13
N LEU B 181 -15.29 -33.89 -24.34
CA LEU B 181 -14.48 -34.39 -25.43
C LEU B 181 -13.13 -33.75 -25.22
N ALA B 182 -12.08 -34.55 -25.06
CA ALA B 182 -10.78 -34.02 -24.65
C ALA B 182 -9.61 -34.81 -25.19
N ASP B 183 -8.58 -34.11 -25.65
CA ASP B 183 -7.36 -34.79 -26.08
C ASP B 183 -6.14 -34.33 -25.28
N THR B 184 -4.96 -34.43 -25.90
CA THR B 184 -3.70 -34.52 -25.17
C THR B 184 -3.19 -33.21 -24.55
N ASP B 185 -3.87 -32.09 -24.79
CA ASP B 185 -3.60 -30.85 -24.03
C ASP B 185 -4.13 -31.05 -22.61
N SER B 186 -5.35 -31.56 -22.55
CA SER B 186 -6.22 -31.45 -21.38
C SER B 186 -5.82 -32.37 -20.24
N ASP B 187 -6.04 -31.89 -19.01
CA ASP B 187 -5.79 -32.69 -17.81
C ASP B 187 -7.03 -33.53 -17.54
N PRO B 188 -6.91 -34.87 -17.69
CA PRO B 188 -8.04 -35.73 -17.43
C PRO B 188 -8.56 -35.50 -16.03
N ASP B 189 -7.68 -35.66 -15.06
CA ASP B 189 -8.05 -35.71 -13.65
C ASP B 189 -9.23 -34.82 -13.27
N LEU B 190 -9.39 -33.67 -13.90
CA LEU B 190 -10.54 -32.84 -13.55
C LEU B 190 -11.65 -32.93 -14.59
N VAL B 191 -11.59 -33.97 -15.42
CA VAL B 191 -12.74 -34.34 -16.23
C VAL B 191 -13.31 -35.66 -15.71
N ASP B 192 -14.54 -35.55 -15.22
CA ASP B 192 -15.27 -36.61 -14.54
C ASP B 192 -15.57 -37.78 -15.46
N TYR B 193 -16.32 -37.53 -16.53
CA TYR B 193 -16.58 -38.55 -17.55
C TYR B 193 -15.93 -38.10 -18.84
N ILE B 194 -15.00 -38.91 -19.33
CA ILE B 194 -14.05 -38.49 -20.33
C ILE B 194 -14.31 -39.18 -21.66
N ILE B 195 -14.37 -38.39 -22.72
CA ILE B 195 -14.38 -38.93 -24.07
C ILE B 195 -13.06 -38.57 -24.73
N PRO B 196 -12.03 -39.40 -24.51
CA PRO B 196 -10.71 -39.13 -25.09
C PRO B 196 -10.83 -39.21 -26.59
N GLY B 197 -10.65 -38.08 -27.28
CA GLY B 197 -10.93 -38.01 -28.71
C GLY B 197 -10.09 -37.05 -29.51
N ASN B 198 -10.72 -35.96 -29.95
CA ASN B 198 -10.05 -34.99 -30.78
C ASN B 198 -10.69 -33.60 -30.67
N ASP B 199 -10.07 -32.70 -29.92
CA ASP B 199 -10.65 -31.38 -29.67
C ASP B 199 -10.80 -30.50 -30.92
N ASP B 200 -10.29 -30.96 -32.07
CA ASP B 200 -10.10 -30.11 -33.26
C ASP B 200 -10.78 -30.55 -34.55
N ALA B 201 -10.61 -31.82 -34.94
CA ALA B 201 -11.20 -32.32 -36.18
C ALA B 201 -12.73 -32.12 -36.18
N ILE B 202 -13.18 -31.19 -37.03
CA ILE B 202 -14.61 -30.83 -37.16
C ILE B 202 -15.48 -32.08 -37.37
N ARG B 203 -14.95 -33.06 -38.08
CA ARG B 203 -15.59 -34.36 -38.27
C ARG B 203 -15.79 -35.03 -36.93
N SER B 204 -14.68 -35.17 -36.20
CA SER B 204 -14.68 -35.84 -34.90
C SER B 204 -15.68 -35.21 -33.95
N ILE B 205 -15.62 -33.89 -33.82
CA ILE B 205 -16.54 -33.20 -32.93
C ILE B 205 -17.97 -33.60 -33.22
N GLN B 206 -18.33 -33.65 -34.50
CA GLN B 206 -19.71 -34.00 -34.89
C GLN B 206 -20.01 -35.49 -34.67
N LEU B 207 -19.14 -36.37 -35.18
CA LEU B 207 -19.31 -37.81 -35.00
C LEU B 207 -19.67 -38.11 -33.55
N ILE B 208 -19.00 -37.44 -32.63
CA ILE B 208 -19.20 -37.69 -31.21
C ILE B 208 -20.42 -36.94 -30.71
N LEU B 209 -20.39 -35.62 -30.80
CA LEU B 209 -21.46 -34.79 -30.25
C LEU B 209 -22.83 -35.20 -30.73
N SER B 210 -23.01 -35.28 -32.05
CA SER B 210 -24.33 -35.60 -32.61
C SER B 210 -24.87 -36.90 -32.03
N ARG B 211 -24.02 -37.92 -32.00
CA ARG B 211 -24.39 -39.24 -31.49
C ARG B 211 -24.72 -39.23 -30.00
N ALA B 212 -24.10 -38.32 -29.27
CA ALA B 212 -24.39 -38.16 -27.84
C ALA B 212 -25.73 -37.43 -27.63
N VAL B 213 -26.11 -36.58 -28.57
CA VAL B 213 -27.41 -35.94 -28.52
C VAL B 213 -28.45 -36.97 -28.86
N ASP B 214 -28.07 -37.93 -29.70
CA ASP B 214 -29.00 -39.00 -30.08
C ASP B 214 -29.56 -39.74 -28.86
N LEU B 215 -28.67 -40.13 -27.94
CA LEU B 215 -29.12 -40.75 -26.70
C LEU B 215 -30.00 -39.82 -25.86
N ILE B 216 -29.73 -38.51 -25.94
CA ILE B 216 -30.54 -37.55 -25.19
C ILE B 216 -31.98 -37.58 -25.69
N ILE B 217 -32.15 -37.82 -26.99
CA ILE B 217 -33.51 -37.96 -27.54
C ILE B 217 -33.99 -39.41 -27.43
N GLN B 218 -33.17 -40.39 -27.83
CA GLN B 218 -33.51 -41.81 -27.62
C GLN B 218 -34.02 -42.08 -26.20
N ALA B 219 -33.45 -41.40 -25.20
CA ALA B 219 -33.94 -41.49 -23.83
C ALA B 219 -35.26 -40.73 -23.61
N ARG B 220 -35.85 -40.25 -24.71
CA ARG B 220 -37.19 -39.70 -24.70
C ARG B 220 -37.97 -39.94 -26.02
N GLY B 221 -37.51 -40.90 -26.83
CA GLY B 221 -38.21 -41.37 -28.03
C GLY B 221 -38.30 -40.39 -29.19
N GLY B 222 -37.91 -40.83 -30.38
CA GLY B 222 -38.13 -40.07 -31.60
C GLY B 222 -36.87 -39.58 -32.27
N VAL B 223 -35.96 -40.52 -32.54
CA VAL B 223 -34.70 -40.23 -33.23
C VAL B 223 -34.99 -39.99 -34.70
N VAL B 224 -34.10 -39.29 -35.40
CA VAL B 224 -34.32 -38.93 -36.81
C VAL B 224 -33.12 -39.28 -37.72
N GLU B 225 -32.94 -38.44 -38.73
CA GLU B 225 -31.89 -38.53 -39.76
C GLU B 225 -30.46 -38.58 -39.20
N PRO B 226 -29.45 -38.58 -40.09
CA PRO B 226 -28.08 -38.29 -39.63
C PRO B 226 -27.90 -36.89 -38.99
N SER B 227 -29.01 -36.15 -38.84
CA SER B 227 -29.10 -34.85 -38.12
C SER B 227 -28.57 -33.66 -38.95
N PRO B 228 -29.25 -32.49 -38.84
CA PRO B 228 -28.88 -31.29 -39.58
C PRO B 228 -27.49 -30.75 -39.20
N SER B 229 -26.44 -31.47 -39.60
CA SER B 229 -25.07 -31.03 -39.33
C SER B 229 -24.10 -31.87 -40.14
N TYR B 230 -23.70 -31.34 -41.29
CA TYR B 230 -22.59 -31.91 -42.03
C TYR B 230 -21.54 -30.88 -42.50
N ALA B 231 -21.66 -29.67 -41.97
CA ALA B 231 -20.65 -28.62 -42.14
C ALA B 231 -20.37 -28.23 -43.62
N LEU B 232 -19.54 -27.21 -43.79
CA LEU B 232 -19.05 -26.79 -45.12
C LEU B 232 -17.73 -27.55 -45.37
N VAL B 233 -17.82 -28.88 -45.40
CA VAL B 233 -16.65 -29.77 -45.34
C VAL B 233 -15.78 -29.72 -46.61
N GLN B 234 -14.78 -28.82 -46.60
CA GLN B 234 -13.69 -28.77 -47.61
C GLN B 234 -12.73 -27.60 -47.28
N GLU B 235 -11.43 -27.86 -47.36
N GLY C 1 -16.29 22.96 -1.67
CA GLY C 1 -17.25 24.10 -1.46
C GLY C 1 -18.16 24.43 -2.64
N ASN C 2 -18.76 23.38 -3.21
CA ASN C 2 -19.42 23.44 -4.51
C ASN C 2 -20.92 23.16 -4.40
N LYS C 3 -21.53 22.64 -5.47
CA LYS C 3 -22.86 21.99 -5.41
C LYS C 3 -24.07 22.89 -5.06
N ILE C 4 -24.91 23.19 -6.06
CA ILE C 4 -26.08 24.07 -5.84
C ILE C 4 -27.20 23.44 -5.04
N HIS C 5 -28.15 24.30 -4.70
CA HIS C 5 -29.43 23.88 -4.15
C HIS C 5 -30.26 23.08 -5.17
N PRO C 6 -30.51 21.80 -4.90
CA PRO C 6 -31.11 21.01 -5.96
C PRO C 6 -32.54 21.47 -6.29
N ILE C 7 -33.10 22.29 -5.40
CA ILE C 7 -34.44 22.86 -5.56
C ILE C 7 -34.37 24.12 -6.39
N GLY C 8 -33.65 25.13 -5.88
CA GLY C 8 -33.38 26.38 -6.63
C GLY C 8 -33.01 26.11 -8.10
N PHE C 9 -32.28 25.03 -8.32
CA PHE C 9 -31.90 24.59 -9.64
C PHE C 9 -33.14 24.27 -10.49
N ARG C 10 -34.14 23.63 -9.87
CA ARG C 10 -35.28 23.03 -10.62
C ARG C 10 -36.48 23.96 -10.89
N LEU C 11 -36.70 24.98 -10.04
CA LEU C 11 -37.80 25.94 -10.22
C LEU C 11 -37.99 26.31 -11.68
N GLY C 12 -39.20 26.07 -12.21
CA GLY C 12 -39.47 26.25 -13.64
C GLY C 12 -39.71 24.91 -14.31
N ILE C 13 -39.13 23.86 -13.73
CA ILE C 13 -39.53 22.50 -14.04
C ILE C 13 -39.67 21.81 -12.71
N THR C 14 -39.87 20.49 -12.73
CA THR C 14 -39.78 19.64 -11.53
C THR C 14 -40.28 20.19 -10.17
N ARG C 15 -39.97 21.44 -9.83
CA ARG C 15 -40.35 22.01 -8.56
C ARG C 15 -40.97 23.40 -8.79
N ASP C 16 -42.05 23.72 -8.09
CA ASP C 16 -42.74 25.02 -8.23
C ASP C 16 -42.65 25.79 -6.91
N TRP C 17 -42.70 27.12 -7.00
CA TRP C 17 -42.46 28.01 -5.85
C TRP C 17 -43.46 27.77 -4.73
N GLU C 18 -43.02 28.01 -3.49
CA GLU C 18 -43.92 27.98 -2.31
C GLU C 18 -44.56 29.35 -2.05
N SER C 19 -44.84 30.10 -3.11
CA SER C 19 -45.44 31.44 -3.02
C SER C 19 -45.85 31.81 -4.45
N ARG C 20 -47.14 31.66 -4.78
CA ARG C 20 -47.59 31.86 -6.17
C ARG C 20 -48.38 33.15 -6.34
N TRP C 21 -47.96 34.21 -5.65
CA TRP C 21 -48.65 35.51 -5.73
C TRP C 21 -47.88 36.58 -6.51
N TYR C 22 -48.42 37.02 -7.65
CA TYR C 22 -47.90 38.22 -8.32
C TYR C 22 -48.10 39.46 -7.44
N ALA C 23 -47.10 40.33 -7.41
CA ALA C 23 -47.24 41.67 -6.84
C ALA C 23 -46.36 42.66 -7.62
N GLY C 24 -46.17 43.84 -7.05
CA GLY C 24 -45.53 44.92 -7.75
C GLY C 24 -44.35 45.41 -6.98
N LYS C 25 -43.83 46.54 -7.43
CA LYS C 25 -42.47 46.96 -7.12
C LYS C 25 -42.36 47.90 -5.92
N LYS C 26 -43.33 47.86 -5.02
CA LYS C 26 -43.21 48.56 -3.74
C LYS C 26 -44.12 47.92 -2.68
N GLN C 27 -44.70 46.79 -3.08
CA GLN C 27 -45.57 45.99 -2.23
C GLN C 27 -44.92 44.61 -2.01
N TYR C 28 -44.37 44.03 -3.09
CA TYR C 28 -43.56 42.80 -3.04
C TYR C 28 -42.69 42.73 -1.78
N ARG C 29 -41.98 43.83 -1.49
CA ARG C 29 -41.16 43.94 -0.27
C ARG C 29 -41.89 43.60 1.04
N HIS C 30 -43.20 43.89 1.07
CA HIS C 30 -44.04 43.70 2.26
C HIS C 30 -44.77 42.36 2.26
N LEU C 31 -45.38 42.03 1.12
CA LEU C 31 -46.05 40.75 0.95
C LEU C 31 -45.03 39.64 0.98
N LEU C 32 -43.76 40.04 0.93
CA LEU C 32 -42.68 39.16 1.25
C LEU C 32 -42.53 39.01 2.75
N LEU C 33 -42.33 40.11 3.46
CA LEU C 33 -42.10 40.04 4.90
C LEU C 33 -43.21 39.27 5.63
N GLU C 34 -44.47 39.62 5.33
CA GLU C 34 -45.62 38.90 5.90
C GLU C 34 -45.47 37.41 5.62
N ASP C 35 -45.58 37.07 4.32
CA ASP C 35 -45.33 35.73 3.79
C ASP C 35 -44.33 34.93 4.63
N GLN C 36 -43.24 35.58 5.02
CA GLN C 36 -42.19 34.89 5.76
C GLN C 36 -42.58 34.76 7.23
N ARG C 37 -42.86 35.89 7.89
CA ARG C 37 -43.18 35.90 9.32
C ARG C 37 -44.26 34.89 9.63
N ILE C 38 -45.13 34.67 8.65
CA ILE C 38 -46.08 33.57 8.64
C ILE C 38 -45.43 32.22 8.95
N ARG C 39 -44.41 31.86 8.15
CA ARG C 39 -43.78 30.54 8.25
C ARG C 39 -42.85 30.46 9.44
N GLY C 40 -42.38 31.61 9.91
CA GLY C 40 -41.58 31.66 11.14
C GLY C 40 -42.46 31.35 12.33
N LEU C 41 -43.73 31.73 12.19
CA LEU C 41 -44.76 31.48 13.22
C LEU C 41 -45.26 30.04 13.17
N LEU C 42 -45.69 29.60 11.99
CA LEU C 42 -46.08 28.21 11.78
C LEU C 42 -44.99 27.29 12.27
N GLU C 43 -43.80 27.39 11.65
CA GLU C 43 -42.71 26.47 11.94
C GLU C 43 -42.34 26.40 13.42
N LYS C 44 -42.38 27.53 14.13
CA LYS C 44 -42.19 27.45 15.59
C LYS C 44 -43.35 26.68 16.23
N GLU C 45 -44.53 27.29 16.21
CA GLU C 45 -45.73 26.77 16.89
C GLU C 45 -46.58 25.86 15.99
N LEU C 46 -45.93 24.86 15.41
CA LEU C 46 -46.58 23.85 14.61
C LEU C 46 -45.58 22.75 14.26
N TYR C 47 -44.43 22.78 14.93
CA TYR C 47 -43.33 21.86 14.62
C TYR C 47 -43.83 20.44 14.75
N SER C 48 -44.42 20.15 15.91
CA SER C 48 -44.92 18.82 16.33
C SER C 48 -45.84 18.15 15.34
N ALA C 49 -46.67 18.94 14.66
CA ALA C 49 -47.47 18.42 13.56
C ALA C 49 -46.58 17.68 12.57
N GLY C 50 -45.50 18.36 12.20
CA GLY C 50 -44.51 17.86 11.24
C GLY C 50 -44.78 18.45 9.87
N LEU C 51 -44.48 19.74 9.73
CA LEU C 51 -44.79 20.43 8.48
C LEU C 51 -43.68 20.31 7.44
N ALA C 52 -44.01 19.75 6.28
CA ALA C 52 -43.14 19.83 5.12
C ALA C 52 -43.29 21.23 4.50
N ARG C 53 -44.13 21.33 3.46
CA ARG C 53 -44.24 22.54 2.64
C ARG C 53 -45.36 23.47 3.18
N VAL C 54 -45.27 24.75 2.80
CA VAL C 54 -46.22 25.79 3.23
C VAL C 54 -46.54 26.68 2.04
N ASP C 55 -47.29 26.15 1.09
CA ASP C 55 -47.72 26.95 -0.06
C ASP C 55 -48.46 28.17 0.41
N ILE C 56 -48.39 29.25 -0.37
CA ILE C 56 -49.08 30.49 -0.06
C ILE C 56 -49.49 31.20 -1.35
N GLU C 57 -50.77 31.57 -1.45
CA GLU C 57 -51.24 32.39 -2.58
C GLU C 57 -51.92 33.64 -2.03
N ARG C 58 -51.99 34.67 -2.87
CA ARG C 58 -52.59 35.95 -2.47
C ARG C 58 -53.39 36.51 -3.66
N ALA C 59 -54.27 37.47 -3.36
CA ALA C 59 -55.00 38.23 -4.39
C ALA C 59 -55.87 39.32 -3.76
N ALA C 60 -55.22 40.27 -3.09
CA ALA C 60 -55.91 41.31 -2.33
C ALA C 60 -56.79 40.70 -1.22
N ASP C 61 -56.13 40.20 -0.17
CA ASP C 61 -56.73 39.77 1.11
C ASP C 61 -57.43 38.40 1.15
N ASN C 62 -57.05 37.50 0.24
CA ASN C 62 -57.35 36.06 0.37
C ASN C 62 -56.06 35.23 0.19
N VAL C 63 -55.66 34.57 1.27
CA VAL C 63 -54.32 34.00 1.39
C VAL C 63 -54.35 32.46 1.61
N ALA C 64 -53.68 31.70 0.74
CA ALA C 64 -53.94 30.24 0.60
C ALA C 64 -53.35 29.35 1.69
N VAL C 65 -52.14 29.65 2.16
CA VAL C 65 -51.53 29.00 3.35
C VAL C 65 -51.71 27.47 3.48
N THR C 66 -51.81 26.78 2.35
CA THR C 66 -52.02 25.34 2.34
C THR C 66 -50.89 24.54 3.05
N VAL C 67 -51.08 24.29 4.35
CA VAL C 67 -50.09 23.61 5.19
C VAL C 67 -50.08 22.09 4.98
N HIS C 68 -49.04 21.54 4.35
CA HIS C 68 -48.91 20.08 4.18
C HIS C 68 -48.25 19.45 5.38
N VAL C 69 -48.89 18.47 6.01
CA VAL C 69 -48.33 17.77 7.19
C VAL C 69 -48.67 16.28 7.11
N ALA C 70 -47.93 15.46 7.87
CA ALA C 70 -48.24 14.04 8.02
C ALA C 70 -49.30 13.76 9.09
N LYS C 71 -49.28 14.49 10.21
CA LYS C 71 -50.28 14.33 11.27
C LYS C 71 -51.22 15.54 11.48
N PRO C 72 -52.18 15.76 10.55
CA PRO C 72 -53.01 16.96 10.52
C PRO C 72 -53.70 17.21 11.84
N GLY C 73 -54.09 16.12 12.50
CA GLY C 73 -54.82 16.18 13.74
C GLY C 73 -54.24 17.08 14.81
N VAL C 74 -52.97 17.42 14.71
CA VAL C 74 -52.34 18.21 15.77
C VAL C 74 -52.45 19.72 15.46
N VAL C 75 -52.91 20.02 14.24
CA VAL C 75 -53.25 21.40 13.89
C VAL C 75 -54.70 21.67 14.32
N ILE C 76 -55.46 20.60 14.53
CA ILE C 76 -56.89 20.65 14.78
C ILE C 76 -57.23 20.39 16.26
N GLY C 77 -57.09 19.13 16.71
CA GLY C 77 -57.45 18.73 18.08
C GLY C 77 -58.36 17.51 18.05
N ARG C 78 -59.67 17.75 18.14
CA ARG C 78 -60.68 16.72 17.91
C ARG C 78 -61.70 17.22 16.89
N GLY C 79 -62.10 18.49 17.01
CA GLY C 79 -63.10 19.11 16.15
C GLY C 79 -62.67 20.44 15.53
N GLY C 80 -62.24 21.39 16.36
CA GLY C 80 -61.79 22.71 15.87
C GLY C 80 -60.70 23.29 16.76
N GLU C 81 -61.07 23.60 18.01
CA GLU C 81 -60.15 23.90 19.13
C GLU C 81 -58.88 24.73 18.83
N ARG C 82 -58.01 24.20 17.98
CA ARG C 82 -56.68 24.77 17.74
C ARG C 82 -56.59 25.56 16.43
N ILE C 83 -56.82 24.89 15.30
CA ILE C 83 -56.86 25.56 13.99
C ILE C 83 -57.72 26.83 14.01
N ARG C 84 -58.82 26.78 14.76
CA ARG C 84 -59.65 27.96 15.04
C ARG C 84 -58.83 29.10 15.69
N VAL C 85 -57.89 28.75 16.55
CA VAL C 85 -57.04 29.75 17.22
C VAL C 85 -56.01 30.29 16.23
N LEU C 86 -55.58 29.42 15.31
CA LEU C 86 -54.48 29.75 14.40
C LEU C 86 -54.92 30.57 13.19
N ARG C 87 -56.11 30.29 12.63
CA ARG C 87 -56.68 31.19 11.60
C ARG C 87 -56.90 32.58 12.18
N GLU C 88 -57.04 32.62 13.50
CA GLU C 88 -57.06 33.86 14.25
C GLU C 88 -55.61 34.34 14.44
N GLU C 89 -54.77 33.47 14.99
CA GLU C 89 -53.37 33.83 15.24
C GLU C 89 -52.64 34.37 14.00
N LEU C 90 -53.03 33.89 12.82
CA LEU C 90 -52.55 34.46 11.57
C LEU C 90 -53.06 35.89 11.41
N ALA C 91 -54.37 36.04 11.27
CA ALA C 91 -55.01 37.35 11.10
C ALA C 91 -54.75 38.28 12.31
N LYS C 92 -54.23 37.72 13.41
CA LYS C 92 -53.87 38.45 14.64
C LYS C 92 -52.98 39.67 14.41
N LEU C 93 -51.91 39.46 13.64
CA LEU C 93 -50.92 40.50 13.35
C LEU C 93 -51.05 40.93 11.89
N THR C 94 -51.20 39.92 11.02
CA THR C 94 -51.58 40.14 9.63
C THR C 94 -52.92 40.84 9.55
N GLY C 95 -52.91 42.15 9.34
CA GLY C 95 -54.15 42.94 9.35
C GLY C 95 -55.20 42.53 8.34
N LYS C 96 -55.07 41.33 7.77
CA LYS C 96 -55.96 40.80 6.75
C LYS C 96 -56.57 39.52 7.27
N ASN C 97 -57.83 39.27 6.91
CA ASN C 97 -58.46 38.01 7.27
C ASN C 97 -57.98 36.88 6.36
N VAL C 98 -57.38 35.87 7.00
CA VAL C 98 -56.65 34.82 6.31
C VAL C 98 -57.58 33.66 5.96
N ALA C 99 -57.26 32.90 4.92
CA ALA C 99 -57.82 31.54 4.73
C ALA C 99 -56.85 30.61 5.43
N LEU C 100 -57.07 29.30 5.34
CA LEU C 100 -56.10 28.31 5.86
C LEU C 100 -56.49 26.89 5.55
N ASN C 101 -56.10 26.41 4.37
CA ASN C 101 -56.28 25.02 4.01
C ASN C 101 -55.35 24.14 4.87
N VAL C 102 -55.60 22.83 4.86
CA VAL C 102 -54.69 21.85 5.49
C VAL C 102 -54.63 20.62 4.60
N GLN C 103 -53.42 20.10 4.39
CA GLN C 103 -53.20 18.91 3.56
C GLN C 103 -52.48 17.79 4.35
N GLU C 104 -52.68 16.56 3.91
CA GLU C 104 -51.97 15.44 4.50
C GLU C 104 -50.92 14.97 3.50
N VAL C 105 -49.95 14.21 3.99
CA VAL C 105 -48.93 13.62 3.14
C VAL C 105 -49.08 12.11 3.16
N GLN C 106 -49.37 11.55 1.98
CA GLN C 106 -49.64 10.10 1.83
C GLN C 106 -48.44 9.26 2.25
N ASN C 107 -47.28 9.91 2.40
CA ASN C 107 -46.09 9.24 2.93
C ASN C 107 -45.05 10.22 3.48
N PRO C 108 -44.80 10.19 4.80
CA PRO C 108 -43.83 11.09 5.42
C PRO C 108 -42.41 10.55 5.32
N ASN C 109 -42.25 9.35 4.73
CA ASN C 109 -40.93 8.81 4.40
C ASN C 109 -40.62 9.08 2.95
N LEU C 110 -41.30 10.06 2.37
CA LEU C 110 -40.93 10.64 1.09
C LEU C 110 -40.91 12.16 1.21
N SER C 111 -41.00 12.64 2.44
CA SER C 111 -40.95 14.05 2.67
C SER C 111 -39.55 14.38 3.15
N ALA C 112 -38.71 14.77 2.21
CA ALA C 112 -37.32 15.08 2.49
C ALA C 112 -37.14 15.92 3.76
N PRO C 113 -37.90 17.01 3.90
CA PRO C 113 -37.67 17.81 5.10
C PRO C 113 -37.97 17.05 6.37
N LEU C 114 -38.89 16.10 6.28
CA LEU C 114 -39.22 15.26 7.43
C LEU C 114 -38.14 14.21 7.64
N VAL C 115 -37.78 13.51 6.56
CA VAL C 115 -36.77 12.45 6.66
C VAL C 115 -35.53 13.02 7.36
N ALA C 116 -35.12 14.19 6.87
CA ALA C 116 -34.05 14.98 7.48
C ALA C 116 -34.38 15.42 8.89
N GLN C 117 -35.63 15.77 9.12
CA GLN C 117 -36.05 16.31 10.41
C GLN C 117 -36.01 15.22 11.48
N ARG C 118 -36.53 14.04 11.12
CA ARG C 118 -36.50 12.88 12.00
C ARG C 118 -35.06 12.57 12.37
N VAL C 119 -34.20 12.47 11.36
CA VAL C 119 -32.80 12.13 11.60
C VAL C 119 -32.20 13.07 12.62
N ALA C 120 -32.43 14.37 12.45
CA ALA C 120 -32.00 15.34 13.42
C ALA C 120 -32.47 14.98 14.82
N GLU C 121 -33.78 14.76 14.98
CA GLU C 121 -34.38 14.49 16.31
C GLU C 121 -33.59 13.41 17.04
N GLN C 122 -33.24 12.36 16.31
CA GLN C 122 -32.46 11.26 16.86
C GLN C 122 -31.15 11.77 17.46
N ILE C 123 -30.59 12.80 16.83
CA ILE C 123 -29.28 13.29 17.19
C ILE C 123 -29.28 14.05 18.51
N GLU C 124 -30.35 14.78 18.84
CA GLU C 124 -30.42 15.37 20.19
C GLU C 124 -30.76 14.30 21.25
N ARG C 125 -31.30 13.16 20.79
CA ARG C 125 -31.52 12.00 21.66
C ARG C 125 -30.26 11.12 21.77
N ARG C 126 -29.10 11.72 21.52
CA ARG C 126 -27.79 11.07 21.59
C ARG C 126 -27.69 9.77 20.82
N PHE C 127 -28.26 9.72 19.62
CA PHE C 127 -28.34 8.45 18.90
C PHE C 127 -27.08 8.00 18.12
N ALA C 128 -27.17 6.78 17.59
CA ALA C 128 -26.15 6.20 16.71
C ALA C 128 -26.24 6.81 15.31
N VAL C 129 -25.35 7.75 15.03
CA VAL C 129 -25.47 8.53 13.80
C VAL C 129 -25.41 7.62 12.56
N ARG C 130 -24.32 6.89 12.42
CA ARG C 130 -24.15 5.93 11.32
C ARG C 130 -25.41 5.09 10.97
N ARG C 131 -26.13 4.67 12.01
CA ARG C 131 -27.31 3.83 11.86
C ARG C 131 -28.48 4.68 11.35
N ALA C 132 -28.74 5.76 12.09
CA ALA C 132 -29.82 6.70 11.76
C ALA C 132 -29.82 7.03 10.28
N ILE C 133 -28.64 7.31 9.74
CA ILE C 133 -28.45 7.59 8.32
C ILE C 133 -28.86 6.38 7.51
N LYS C 134 -28.31 5.23 7.88
CA LYS C 134 -28.53 4.00 7.13
C LYS C 134 -29.97 3.51 7.28
N GLN C 135 -30.57 3.77 8.43
CA GLN C 135 -31.99 3.50 8.57
C GLN C 135 -32.79 4.42 7.66
N ALA C 136 -32.74 5.73 7.93
CA ALA C 136 -33.43 6.74 7.13
C ALA C 136 -33.43 6.43 5.64
N VAL C 137 -32.25 6.19 5.09
CA VAL C 137 -32.18 5.83 3.67
C VAL C 137 -32.99 4.55 3.41
N GLN C 138 -32.88 3.58 4.32
CA GLN C 138 -33.56 2.31 4.12
C GLN C 138 -35.07 2.46 4.14
N ARG C 139 -35.59 3.22 5.10
CA ARG C 139 -37.02 3.55 5.17
C ARG C 139 -37.49 4.15 3.85
N VAL C 140 -36.81 5.22 3.43
CA VAL C 140 -37.17 5.96 2.23
C VAL C 140 -36.98 5.14 0.97
N MET C 141 -36.01 4.24 0.97
CA MET C 141 -35.84 3.35 -0.16
C MET C 141 -36.93 2.30 -0.23
N GLU C 142 -37.57 2.05 0.91
CA GLU C 142 -38.69 1.10 1.02
C GLU C 142 -40.07 1.75 0.92
N SER C 143 -40.16 3.06 1.09
CA SER C 143 -41.38 3.77 0.72
C SER C 143 -41.48 3.92 -0.81
N GLY C 144 -40.71 3.13 -1.55
CA GLY C 144 -40.84 2.99 -3.00
C GLY C 144 -40.03 3.97 -3.85
N ALA C 145 -39.15 4.73 -3.22
CA ALA C 145 -38.32 5.73 -3.93
C ALA C 145 -37.35 5.06 -4.94
N LYS C 146 -37.01 5.80 -6.00
CA LYS C 146 -36.11 5.28 -7.05
C LYS C 146 -34.65 5.42 -6.66
N GLY C 147 -34.34 6.40 -5.81
CA GLY C 147 -33.04 6.52 -5.18
C GLY C 147 -33.15 7.55 -4.07
N ALA C 148 -32.22 7.53 -3.12
CA ALA C 148 -32.29 8.42 -1.95
C ALA C 148 -30.94 8.56 -1.22
N LYS C 149 -30.63 9.74 -0.68
CA LYS C 149 -29.32 10.03 -0.09
C LYS C 149 -29.42 10.91 1.15
N VAL C 150 -28.58 10.66 2.15
CA VAL C 150 -28.60 11.45 3.39
C VAL C 150 -27.19 11.83 3.85
N ILE C 151 -27.03 13.06 4.29
CA ILE C 151 -25.74 13.57 4.75
C ILE C 151 -25.87 14.15 6.15
N VAL C 152 -24.90 13.88 7.00
CA VAL C 152 -24.75 14.67 8.21
C VAL C 152 -23.48 15.51 8.07
N SER C 153 -23.45 16.65 8.75
CA SER C 153 -22.26 17.46 8.87
C SER C 153 -21.28 16.86 9.86
N GLY C 154 -20.87 17.64 10.85
CA GLY C 154 -19.78 17.24 11.75
C GLY C 154 -19.79 17.72 13.20
N ARG C 155 -19.07 16.93 14.01
CA ARG C 155 -19.09 16.83 15.50
C ARG C 155 -19.91 15.62 15.83
N ILE C 156 -20.12 14.82 14.79
CA ILE C 156 -20.67 13.51 14.92
C ILE C 156 -20.21 12.84 16.20
N GLY C 157 -21.18 12.29 16.94
CA GLY C 157 -20.91 11.63 18.21
C GLY C 157 -20.15 12.53 19.17
N GLY C 158 -20.55 13.81 19.26
CA GLY C 158 -19.93 14.74 20.20
C GLY C 158 -18.42 14.91 20.07
N ALA C 159 -17.84 14.36 19.00
CA ALA C 159 -16.40 14.30 18.78
C ALA C 159 -15.78 15.69 18.75
N GLU C 160 -14.45 15.74 18.88
CA GLU C 160 -13.67 16.98 18.91
C GLU C 160 -13.39 17.51 17.48
N GLN C 161 -13.24 16.58 16.54
CA GLN C 161 -13.03 16.87 15.14
C GLN C 161 -14.32 16.74 14.36
N ALA C 162 -14.68 17.80 13.66
CA ALA C 162 -15.79 17.79 12.69
C ALA C 162 -15.61 16.77 11.57
N ARG C 163 -16.63 15.94 11.32
CA ARG C 163 -16.56 14.88 10.28
C ARG C 163 -17.62 15.20 9.24
N THR C 164 -18.03 14.21 8.46
CA THR C 164 -19.16 14.33 7.50
C THR C 164 -19.47 12.93 7.00
N GLU C 165 -20.48 12.31 7.63
CA GLU C 165 -20.86 10.94 7.30
C GLU C 165 -22.10 10.93 6.41
N TRP C 166 -22.11 10.09 5.39
CA TRP C 166 -23.07 10.21 4.31
C TRP C 166 -23.53 8.82 3.88
N ALA C 167 -24.64 8.72 3.16
CA ALA C 167 -25.12 7.41 2.62
C ALA C 167 -26.22 7.57 1.57
N ALA C 168 -26.30 6.61 0.66
CA ALA C 168 -27.25 6.69 -0.45
C ALA C 168 -27.38 5.37 -1.20
N GLN C 169 -28.59 5.11 -1.69
CA GLN C 169 -28.80 4.01 -2.62
C GLN C 169 -29.57 4.51 -3.83
N GLY C 170 -29.66 3.67 -4.86
CA GLY C 170 -30.32 4.02 -6.11
C GLY C 170 -29.80 5.29 -6.73
N ARG C 171 -30.34 5.63 -7.90
CA ARG C 171 -29.99 6.89 -8.56
C ARG C 171 -30.32 8.12 -7.67
N VAL C 172 -29.40 9.09 -7.58
CA VAL C 172 -29.72 10.42 -7.03
C VAL C 172 -29.06 11.44 -7.94
N PRO C 173 -29.47 11.48 -9.23
CA PRO C 173 -28.74 12.22 -10.26
C PRO C 173 -28.99 13.74 -10.21
N LEU C 174 -28.17 14.44 -9.44
CA LEU C 174 -28.41 15.85 -9.17
C LEU C 174 -28.15 16.69 -10.38
N HIS C 175 -27.64 16.07 -11.45
CA HIS C 175 -27.31 16.80 -12.65
C HIS C 175 -28.37 16.69 -13.70
N THR C 176 -29.36 15.82 -13.51
CA THR C 176 -30.47 15.79 -14.43
C THR C 176 -31.54 16.76 -13.95
N LEU C 177 -32.12 17.51 -14.88
CA LEU C 177 -33.10 18.53 -14.54
C LEU C 177 -34.46 17.90 -14.35
N ARG C 178 -34.79 16.92 -15.21
CA ARG C 178 -36.00 16.09 -15.07
C ARG C 178 -35.79 15.00 -14.01
N ALA C 179 -35.56 15.43 -12.77
CA ALA C 179 -35.13 14.50 -11.72
C ALA C 179 -36.12 14.42 -10.60
N ASN C 180 -36.70 15.56 -10.24
CA ASN C 180 -37.73 15.58 -9.21
C ASN C 180 -37.10 15.09 -7.92
N ILE C 181 -36.25 15.92 -7.36
CA ILE C 181 -35.56 15.48 -6.17
C ILE C 181 -35.93 16.36 -5.00
N ASP C 182 -36.77 15.81 -4.15
CA ASP C 182 -37.08 16.50 -2.91
C ASP C 182 -35.76 16.64 -2.16
N TYR C 183 -35.54 17.83 -1.63
CA TYR C 183 -34.39 18.09 -0.81
C TYR C 183 -34.92 18.69 0.46
N GLY C 184 -34.27 18.36 1.57
CA GLY C 184 -34.71 18.90 2.84
C GLY C 184 -33.57 19.02 3.79
N PHE C 185 -33.59 20.07 4.59
CA PHE C 185 -32.47 20.34 5.47
C PHE C 185 -32.84 20.66 6.92
N ALA C 186 -32.40 19.79 7.81
CA ALA C 186 -32.67 19.92 9.23
C ALA C 186 -31.43 20.43 9.99
N LEU C 187 -31.64 21.02 11.16
CA LEU C 187 -30.53 21.32 12.08
C LEU C 187 -30.31 20.22 13.11
N ALA C 188 -29.82 20.59 14.29
CA ALA C 188 -29.69 19.66 15.40
C ALA C 188 -28.97 20.35 16.54
N ARG C 189 -29.70 21.16 17.30
CA ARG C 189 -29.09 22.01 18.33
C ARG C 189 -28.63 21.18 19.56
N THR C 190 -27.51 20.49 19.44
CA THR C 190 -27.01 19.61 20.50
C THR C 190 -26.27 20.39 21.57
N THR C 191 -25.85 19.65 22.59
CA THR C 191 -25.21 20.22 23.78
C THR C 191 -23.81 20.81 23.55
N TYR C 192 -23.19 20.38 22.46
CA TYR C 192 -21.79 20.72 22.16
C TYR C 192 -21.64 21.44 20.81
N GLY C 193 -22.74 21.87 20.20
CA GLY C 193 -22.68 22.53 18.89
C GLY C 193 -23.58 21.91 17.84
N VAL C 194 -23.77 22.64 16.76
CA VAL C 194 -24.77 22.31 15.76
C VAL C 194 -24.32 21.23 14.79
N LEU C 195 -25.26 20.43 14.32
CA LEU C 195 -24.99 19.53 13.20
C LEU C 195 -25.88 19.94 12.02
N GLY C 196 -25.71 19.30 10.86
CA GLY C 196 -26.40 19.75 9.68
C GLY C 196 -26.80 18.58 8.83
N VAL C 197 -28.07 18.52 8.47
CA VAL C 197 -28.63 17.32 7.83
C VAL C 197 -29.29 17.59 6.46
N LYS C 198 -28.64 17.15 5.41
CA LYS C 198 -29.23 17.26 4.09
C LYS C 198 -29.93 15.94 3.75
N ALA C 199 -31.07 16.02 3.05
CA ALA C 199 -31.78 14.80 2.63
C ALA C 199 -32.27 14.88 1.19
N TYR C 200 -32.09 13.80 0.45
CA TYR C 200 -32.35 13.80 -0.99
C TYR C 200 -33.18 12.59 -1.36
N ILE C 201 -34.27 12.81 -2.10
CA ILE C 201 -35.11 11.70 -2.58
C ILE C 201 -35.58 11.88 -4.02
N PHE C 202 -35.19 10.95 -4.87
CA PHE C 202 -35.39 11.08 -6.29
C PHE C 202 -36.50 10.15 -6.76
N LEU C 203 -37.34 10.67 -7.67
CA LEU C 203 -38.63 10.04 -8.03
C LEU C 203 -38.76 9.70 -9.53
N GLY C 204 -38.62 10.65 -10.44
CA GLY C 204 -38.77 10.29 -11.86
C GLY C 204 -38.59 11.39 -12.88
N GLU C 205 -39.14 11.15 -14.08
CA GLU C 205 -38.76 11.89 -15.29
C GLU C 205 -39.88 12.53 -16.16
N VAL C 206 -39.97 12.09 -17.44
CA VAL C 206 -40.29 12.96 -18.61
C VAL C 206 -41.20 14.16 -18.30
N ILE C 207 -40.73 15.04 -17.42
N GLY D 1 -13.65 -9.52 56.28
CA GLY D 1 -14.27 -10.87 56.25
C GLY D 1 -15.54 -10.91 55.42
N ARG D 2 -15.84 -12.10 54.86
CA ARG D 2 -17.09 -12.39 54.17
C ARG D 2 -17.35 -11.42 52.99
N TYR D 3 -18.23 -10.44 53.18
CA TYR D 3 -18.32 -9.24 52.32
C TYR D 3 -18.46 -7.90 53.11
N ILE D 4 -19.45 -7.75 54.01
CA ILE D 4 -19.75 -6.44 54.68
C ILE D 4 -20.32 -5.42 53.66
N GLY D 5 -21.43 -4.76 54.01
CA GLY D 5 -21.96 -3.67 53.20
C GLY D 5 -23.12 -4.05 52.29
N PRO D 6 -23.44 -3.17 51.31
CA PRO D 6 -24.54 -3.30 50.34
C PRO D 6 -24.63 -4.62 49.58
N VAL D 7 -25.68 -5.37 49.85
CA VAL D 7 -25.95 -6.67 49.21
C VAL D 7 -26.94 -6.56 48.06
N CYS D 8 -28.26 -6.47 48.27
CA CYS D 8 -29.22 -6.29 47.12
C CYS D 8 -28.87 -4.88 46.49
N ARG D 9 -27.58 -4.84 46.05
CA ARG D 9 -26.92 -3.87 45.20
C ARG D 9 -26.18 -4.68 44.12
N LEU D 10 -25.76 -5.89 44.49
CA LEU D 10 -25.17 -6.87 43.58
C LEU D 10 -26.29 -7.76 43.08
N CYS D 11 -27.42 -7.85 43.85
CA CYS D 11 -28.78 -8.22 43.32
C CYS D 11 -28.67 -7.69 41.84
N ARG D 12 -28.37 -6.39 41.71
CA ARG D 12 -28.18 -5.70 40.41
C ARG D 12 -26.88 -6.10 39.76
N ARG D 13 -26.08 -5.11 39.34
CA ARG D 13 -24.72 -5.27 38.79
C ARG D 13 -24.42 -6.58 38.02
N GLU D 14 -24.70 -7.73 38.62
CA GLU D 14 -24.58 -8.98 37.89
C GLU D 14 -25.64 -9.08 36.81
N GLY D 15 -26.80 -8.46 37.04
CA GLY D 15 -27.86 -8.39 36.03
C GLY D 15 -28.89 -9.49 36.18
N VAL D 16 -28.64 -10.37 37.15
CA VAL D 16 -29.52 -11.49 37.50
C VAL D 16 -29.88 -11.34 38.96
N LYS D 17 -31.13 -11.67 39.28
CA LYS D 17 -31.61 -11.53 40.65
C LYS D 17 -30.85 -12.46 41.58
N LEU D 18 -30.08 -11.83 42.45
CA LEU D 18 -29.47 -12.53 43.54
C LEU D 18 -30.40 -12.49 44.78
N TYR D 19 -30.45 -13.60 45.51
CA TYR D 19 -31.13 -13.60 46.80
C TYR D 19 -30.02 -13.47 47.82
N LEU D 20 -29.88 -12.28 48.42
CA LEU D 20 -28.84 -12.02 49.42
C LEU D 20 -29.39 -11.38 50.67
N LYS D 21 -30.66 -11.01 50.60
CA LYS D 21 -31.37 -10.52 51.77
C LYS D 21 -32.39 -11.55 52.22
N GLY D 22 -32.49 -12.66 51.49
CA GLY D 22 -33.50 -13.66 51.77
C GLY D 22 -34.91 -13.12 51.53
N GLU D 23 -35.59 -12.67 52.58
CA GLU D 23 -37.03 -12.37 52.53
C GLU D 23 -37.47 -11.27 51.53
N ARG D 24 -36.71 -10.21 51.46
CA ARG D 24 -37.07 -9.08 50.61
C ARG D 24 -36.57 -9.28 49.18
N CYS D 25 -35.24 -9.47 48.99
CA CYS D 25 -34.64 -9.90 47.69
C CYS D 25 -35.36 -11.20 47.32
N TYR D 26 -36.66 -11.07 47.00
CA TYR D 26 -37.67 -12.19 46.91
C TYR D 26 -39.12 -11.68 46.80
N SER D 27 -39.35 -10.41 47.09
CA SER D 27 -40.70 -9.88 47.25
C SER D 27 -40.80 -8.41 46.82
N PRO D 28 -41.54 -8.16 45.71
CA PRO D 28 -41.68 -6.94 44.93
C PRO D 28 -40.68 -5.80 45.16
N LYS D 29 -39.43 -6.16 45.47
CA LYS D 29 -38.22 -5.34 45.22
C LYS D 29 -36.90 -6.05 45.67
N CYS D 30 -36.23 -6.85 44.82
CA CYS D 30 -34.78 -7.03 45.05
C CYS D 30 -34.10 -6.03 44.21
N ALA D 31 -34.82 -4.91 43.99
CA ALA D 31 -34.44 -3.82 43.08
C ALA D 31 -34.37 -4.28 41.62
N MET D 32 -34.38 -5.58 41.41
CA MET D 32 -34.45 -6.16 40.08
C MET D 32 -35.86 -5.96 39.60
N GLU D 33 -36.75 -5.67 40.54
CA GLU D 33 -38.13 -5.35 40.20
C GLU D 33 -38.30 -3.86 39.91
N ARG D 34 -37.24 -3.09 40.13
CA ARG D 34 -37.32 -1.64 40.07
C ARG D 34 -36.27 -1.02 39.15
N ARG D 35 -35.04 -1.50 39.27
CA ARG D 35 -33.91 -0.97 38.52
C ARG D 35 -32.93 -2.03 38.05
N PRO D 36 -33.41 -3.09 37.37
CA PRO D 36 -32.55 -4.26 37.06
C PRO D 36 -31.27 -3.97 36.23
N TYR D 37 -30.64 -2.82 36.47
CA TYR D 37 -29.39 -2.45 35.83
C TYR D 37 -28.28 -2.08 36.86
N PRO D 38 -26.99 -2.24 36.49
CA PRO D 38 -25.86 -1.96 37.36
C PRO D 38 -25.86 -0.57 38.01
N PRO D 39 -25.21 -0.42 39.17
CA PRO D 39 -25.20 0.76 40.04
C PRO D 39 -24.36 1.93 39.58
N GLY D 40 -24.52 3.08 40.23
CA GLY D 40 -23.74 4.27 39.94
C GLY D 40 -24.23 5.11 38.76
N GLN D 41 -23.56 6.26 38.56
CA GLN D 41 -23.90 7.23 37.54
C GLN D 41 -24.15 6.61 36.16
N HIS D 42 -23.29 5.70 35.75
CA HIS D 42 -23.30 5.18 34.40
C HIS D 42 -24.13 3.91 34.35
N GLY D 43 -25.21 3.88 35.11
CA GLY D 43 -25.97 2.65 35.28
C GLY D 43 -26.82 2.30 34.08
N GLN D 44 -27.86 3.11 33.88
CA GLN D 44 -28.81 2.91 32.79
C GLN D 44 -28.27 3.52 31.50
N LYS D 45 -26.96 3.36 31.30
CA LYS D 45 -26.32 3.77 30.07
C LYS D 45 -26.11 2.53 29.20
N ARG D 46 -25.94 2.78 27.91
CA ARG D 46 -25.77 1.73 26.91
C ARG D 46 -24.57 0.84 27.21
N ALA D 47 -24.79 -0.47 27.31
CA ALA D 47 -23.70 -1.43 27.52
C ALA D 47 -22.79 -1.44 26.30
N ARG D 48 -21.56 -1.92 26.46
CA ARG D 48 -20.76 -2.22 25.29
C ARG D 48 -20.52 -3.71 25.16
N ARG D 49 -20.12 -4.14 23.95
CA ARG D 49 -19.77 -5.52 23.72
C ARG D 49 -18.76 -5.89 24.78
N PRO D 50 -19.17 -6.77 25.70
CA PRO D 50 -18.29 -7.15 26.79
C PRO D 50 -17.22 -8.13 26.30
N SER D 51 -16.07 -8.13 26.94
CA SER D 51 -14.98 -8.96 26.46
C SER D 51 -15.07 -10.40 26.95
N ASP D 52 -14.52 -11.30 26.15
CA ASP D 52 -14.36 -12.69 26.51
C ASP D 52 -13.80 -12.82 27.93
N TYR D 53 -13.04 -11.83 28.40
CA TYR D 53 -12.62 -11.83 29.78
C TYR D 53 -13.80 -11.44 30.66
N ALA D 54 -14.17 -10.17 30.58
CA ALA D 54 -15.28 -9.58 31.33
C ALA D 54 -16.36 -10.58 31.58
N VAL D 55 -16.67 -11.36 30.54
CA VAL D 55 -17.71 -12.37 30.65
C VAL D 55 -17.39 -13.45 31.70
N ARG D 56 -16.25 -14.13 31.54
CA ARG D 56 -15.77 -15.13 32.50
C ARG D 56 -15.60 -14.58 33.92
N LEU D 57 -15.27 -13.30 34.02
CA LEU D 57 -15.06 -12.67 35.31
C LEU D 57 -16.38 -12.61 36.04
N ARG D 58 -17.37 -11.96 35.44
CA ARG D 58 -18.63 -11.75 36.13
C ARG D 58 -19.27 -13.07 36.56
N GLU D 59 -19.20 -14.06 35.68
CA GLU D 59 -19.75 -15.37 35.97
C GLU D 59 -19.15 -15.94 37.25
N LYS D 60 -17.86 -15.71 37.44
CA LYS D 60 -17.20 -16.17 38.67
C LYS D 60 -17.71 -15.32 39.83
N GLN D 61 -17.65 -14.00 39.66
CA GLN D 61 -18.15 -13.08 40.66
C GLN D 61 -19.59 -13.44 40.99
N LYS D 62 -20.36 -13.81 39.95
CA LYS D 62 -21.71 -14.28 40.13
C LYS D 62 -21.67 -15.48 41.07
N LEU D 63 -21.11 -16.61 40.63
CA LEU D 63 -21.11 -17.80 41.46
C LEU D 63 -20.61 -17.53 42.88
N ARG D 64 -19.46 -16.91 43.02
CA ARG D 64 -18.95 -16.63 44.36
C ARG D 64 -19.88 -15.72 45.16
N ARG D 65 -20.25 -14.58 44.59
CA ARG D 65 -21.07 -13.60 45.33
C ARG D 65 -22.39 -14.21 45.82
N ILE D 66 -22.82 -15.30 45.21
CA ILE D 66 -24.00 -16.02 45.68
C ILE D 66 -23.75 -16.57 47.06
N TYR D 67 -22.72 -17.42 47.16
CA TYR D 67 -22.47 -18.20 48.36
C TYR D 67 -21.86 -17.41 49.52
N GLY D 68 -21.63 -16.12 49.29
CA GLY D 68 -20.98 -15.25 50.25
C GLY D 68 -19.69 -15.86 50.74
N ILE D 69 -18.59 -15.53 50.08
CA ILE D 69 -17.34 -16.24 50.33
C ILE D 69 -16.13 -15.41 49.90
N SER D 70 -14.99 -15.69 50.53
CA SER D 70 -13.76 -14.97 50.22
C SER D 70 -13.15 -15.49 48.93
N GLU D 71 -12.68 -14.58 48.09
CA GLU D 71 -11.97 -14.96 46.87
C GLU D 71 -10.86 -15.95 47.19
N ARG D 72 -10.04 -15.62 48.17
CA ARG D 72 -8.98 -16.51 48.64
C ARG D 72 -9.54 -17.89 49.01
N GLN D 73 -10.72 -17.90 49.63
CA GLN D 73 -11.33 -19.13 50.11
C GLN D 73 -11.96 -19.93 48.98
N PHE D 74 -12.70 -19.20 48.14
CA PHE D 74 -13.31 -19.69 46.92
C PHE D 74 -12.30 -20.44 46.10
N ARG D 75 -11.21 -19.74 45.76
CA ARG D 75 -10.17 -20.25 44.88
C ARG D 75 -9.47 -21.49 45.44
N ASN D 76 -9.38 -21.61 46.75
CA ASN D 76 -8.78 -22.82 47.31
C ASN D 76 -9.63 -24.02 46.95
N LEU D 77 -10.93 -23.94 47.25
CA LEU D 77 -11.90 -24.99 46.88
C LEU D 77 -11.83 -25.40 45.41
N PHE D 78 -11.72 -24.40 44.53
CA PHE D 78 -11.65 -24.64 43.11
C PHE D 78 -10.44 -25.54 42.77
N GLU D 79 -9.27 -25.11 43.23
CA GLU D 79 -8.06 -25.88 42.96
C GLU D 79 -8.21 -27.19 43.68
N GLU D 80 -8.64 -27.14 44.94
CA GLU D 80 -8.92 -28.36 45.69
C GLU D 80 -9.76 -29.34 44.89
N ALA D 81 -10.67 -28.83 44.06
CA ALA D 81 -11.40 -29.66 43.10
C ALA D 81 -10.43 -30.14 41.99
N SER D 82 -10.82 -30.00 40.72
CA SER D 82 -9.93 -30.25 39.57
C SER D 82 -9.09 -31.52 39.66
N LYS D 83 -8.02 -31.45 40.47
CA LYS D 83 -7.12 -32.59 40.75
C LYS D 83 -7.84 -33.77 41.40
N LYS D 84 -8.91 -33.46 42.15
CA LYS D 84 -9.81 -34.43 42.73
C LYS D 84 -10.53 -35.17 41.61
N LYS D 85 -10.86 -36.44 41.85
CA LYS D 85 -11.41 -37.32 40.81
C LYS D 85 -12.76 -36.80 40.29
N GLY D 86 -12.83 -36.58 38.98
CA GLY D 86 -14.09 -36.32 38.32
C GLY D 86 -14.25 -34.90 37.86
N VAL D 87 -15.45 -34.61 37.39
CA VAL D 87 -15.71 -33.40 36.66
C VAL D 87 -15.73 -32.20 37.56
N THR D 88 -14.52 -31.71 37.80
CA THR D 88 -14.21 -30.40 38.31
C THR D 88 -15.38 -29.40 38.47
N GLY D 89 -16.01 -29.03 37.36
CA GLY D 89 -17.10 -28.04 37.36
C GLY D 89 -18.17 -28.32 38.42
N SER D 90 -18.83 -29.47 38.29
CA SER D 90 -19.82 -29.92 39.28
C SER D 90 -19.24 -29.96 40.69
N VAL D 91 -18.21 -30.79 40.87
CA VAL D 91 -17.62 -31.10 42.16
C VAL D 91 -17.43 -29.87 42.98
N PHE D 92 -16.81 -28.86 42.38
CA PHE D 92 -16.73 -27.53 42.96
C PHE D 92 -18.09 -27.08 43.54
N LEU D 93 -19.15 -27.11 42.72
CA LEU D 93 -20.51 -26.76 43.16
C LEU D 93 -20.92 -27.61 44.32
N GLY D 94 -20.55 -28.90 44.25
CA GLY D 94 -20.82 -29.82 45.34
C GLY D 94 -20.23 -29.35 46.66
N LEU D 95 -18.96 -29.01 46.59
CA LEU D 95 -18.20 -28.61 47.76
C LEU D 95 -18.72 -27.30 48.33
N LEU D 96 -19.04 -26.37 47.43
CA LEU D 96 -19.69 -25.13 47.83
C LEU D 96 -21.01 -25.42 48.54
N GLU D 97 -21.72 -26.45 48.08
CA GLU D 97 -23.03 -26.73 48.64
C GLU D 97 -22.93 -27.40 50.01
N SER D 98 -21.77 -28.03 50.26
CA SER D 98 -21.48 -28.77 51.50
C SER D 98 -20.99 -27.90 52.66
N ARG D 99 -20.95 -26.60 52.45
CA ARG D 99 -20.60 -25.67 53.49
C ARG D 99 -21.78 -25.48 54.46
N LEU D 100 -21.51 -25.75 55.74
CA LEU D 100 -22.48 -25.54 56.83
C LEU D 100 -23.27 -24.29 56.59
N ASP D 101 -22.61 -23.15 56.74
CA ASP D 101 -23.24 -21.84 56.61
C ASP D 101 -24.26 -21.77 55.47
N ASN D 102 -24.13 -22.67 54.49
CA ASN D 102 -25.10 -22.78 53.38
C ASN D 102 -26.10 -23.91 53.57
N VAL D 103 -25.66 -25.06 54.07
CA VAL D 103 -26.60 -26.17 54.35
C VAL D 103 -27.73 -25.67 55.24
N VAL D 104 -27.34 -25.06 56.36
CA VAL D 104 -28.23 -24.36 57.27
C VAL D 104 -29.24 -23.45 56.56
N TYR D 105 -28.76 -22.74 55.55
CA TYR D 105 -29.65 -21.96 54.69
C TYR D 105 -30.54 -22.91 53.89
N ARG D 106 -29.91 -23.77 53.09
CA ARG D 106 -30.62 -24.74 52.24
C ARG D 106 -31.70 -25.55 52.99
N LEU D 107 -31.45 -25.78 54.26
CA LEU D 107 -32.27 -26.63 55.11
C LEU D 107 -33.31 -25.81 55.84
N GLY D 108 -33.48 -24.55 55.44
CA GLY D 108 -34.56 -23.71 55.99
C GLY D 108 -34.39 -23.03 57.35
N PHE D 109 -33.34 -23.37 58.11
CA PHE D 109 -33.19 -22.79 59.47
C PHE D 109 -32.94 -21.28 59.36
N ALA D 110 -32.51 -20.83 58.19
CA ALA D 110 -32.40 -19.40 57.96
C ALA D 110 -32.78 -18.96 56.55
N VAL D 111 -33.11 -17.67 56.46
CA VAL D 111 -33.70 -17.07 55.28
C VAL D 111 -32.64 -16.60 54.27
N SER D 112 -31.41 -16.36 54.75
CA SER D 112 -30.28 -15.94 53.92
C SER D 112 -29.03 -16.71 54.33
N ARG D 113 -28.01 -16.72 53.47
CA ARG D 113 -26.74 -17.36 53.83
C ARG D 113 -26.04 -16.50 54.84
N ARG D 114 -26.21 -15.20 54.67
CA ARG D 114 -25.65 -14.21 55.60
C ARG D 114 -26.14 -14.40 57.03
N GLN D 115 -27.47 -14.46 57.19
CA GLN D 115 -28.07 -14.78 58.49
C GLN D 115 -27.74 -16.21 58.88
N ALA D 116 -27.76 -17.12 57.93
CA ALA D 116 -27.41 -18.51 58.22
C ALA D 116 -26.02 -18.59 58.79
N ARG D 117 -25.11 -17.75 58.29
CA ARG D 117 -23.75 -17.73 58.79
C ARG D 117 -23.77 -17.43 60.27
N GLN D 118 -24.31 -16.27 60.63
CA GLN D 118 -24.37 -15.81 62.03
C GLN D 118 -24.86 -16.90 62.99
N LEU D 119 -25.85 -17.68 62.59
CA LEU D 119 -26.32 -18.78 63.43
C LEU D 119 -25.19 -19.76 63.72
N VAL D 120 -24.28 -19.95 62.75
CA VAL D 120 -23.18 -20.89 62.93
C VAL D 120 -22.12 -20.30 63.85
N ARG D 121 -21.79 -19.04 63.60
CA ARG D 121 -20.80 -18.31 64.38
C ARG D 121 -21.23 -18.16 65.82
N HIS D 122 -22.54 -18.12 66.08
CA HIS D 122 -23.00 -17.99 67.46
C HIS D 122 -23.43 -19.33 68.03
N GLY D 123 -22.84 -20.41 67.52
CA GLY D 123 -23.05 -21.76 68.03
C GLY D 123 -24.47 -22.25 68.15
N HIS D 124 -25.43 -21.52 67.57
CA HIS D 124 -26.83 -21.94 67.58
C HIS D 124 -27.04 -23.25 66.83
N ILE D 125 -25.98 -23.81 66.23
CA ILE D 125 -26.15 -24.99 65.37
C ILE D 125 -25.24 -26.11 65.82
N THR D 126 -25.64 -27.34 65.50
CA THR D 126 -24.86 -28.53 65.84
C THR D 126 -24.79 -29.49 64.67
N VAL D 127 -23.71 -30.23 64.64
CA VAL D 127 -23.56 -31.30 63.70
C VAL D 127 -23.38 -32.55 64.52
N ASN D 128 -24.29 -33.49 64.38
CA ASN D 128 -24.26 -34.71 65.18
C ASN D 128 -24.19 -34.40 66.66
N GLY D 129 -24.90 -33.36 67.09
CA GLY D 129 -24.96 -33.01 68.52
C GLY D 129 -23.91 -32.04 68.99
N ARG D 130 -22.64 -32.32 68.70
CA ARG D 130 -21.54 -31.41 69.01
C ARG D 130 -21.76 -30.05 68.35
N ARG D 131 -21.62 -28.98 69.13
CA ARG D 131 -21.82 -27.61 68.67
C ARG D 131 -20.69 -27.17 67.77
N VAL D 132 -21.03 -26.74 66.55
CA VAL D 132 -20.06 -26.31 65.57
C VAL D 132 -20.22 -24.81 65.27
N ASP D 133 -19.10 -24.09 65.19
CA ASP D 133 -19.19 -22.65 64.96
C ASP D 133 -18.35 -22.16 63.78
N LEU D 134 -18.03 -23.09 62.87
CA LEU D 134 -17.30 -22.78 61.64
C LEU D 134 -18.18 -22.81 60.39
N PRO D 135 -18.47 -21.63 59.81
CA PRO D 135 -19.23 -21.57 58.57
C PRO D 135 -18.63 -22.41 57.44
N SER D 136 -17.37 -22.83 57.59
CA SER D 136 -16.62 -23.59 56.57
C SER D 136 -16.71 -25.08 56.77
N TYR D 137 -17.30 -25.51 57.89
CA TYR D 137 -17.32 -26.92 58.20
C TYR D 137 -17.91 -27.71 57.01
N ARG D 138 -17.16 -28.67 56.49
CA ARG D 138 -17.60 -29.47 55.35
C ARG D 138 -18.44 -30.62 55.86
N VAL D 139 -19.73 -30.52 55.56
CA VAL D 139 -20.73 -31.52 55.93
C VAL D 139 -20.65 -32.69 54.97
N ARG D 140 -20.41 -33.88 55.50
CA ARG D 140 -20.38 -35.07 54.67
C ARG D 140 -21.75 -35.73 54.74
N PRO D 141 -21.99 -36.75 53.91
CA PRO D 141 -23.22 -37.53 53.98
C PRO D 141 -23.47 -38.33 55.28
N GLY D 142 -24.69 -38.19 55.81
CA GLY D 142 -25.11 -38.90 57.02
C GLY D 142 -25.18 -37.98 58.23
N ASP D 143 -24.42 -36.88 58.14
CA ASP D 143 -24.37 -35.91 59.22
C ASP D 143 -25.77 -35.37 59.45
N GLU D 144 -26.07 -35.06 60.70
CA GLU D 144 -27.34 -34.47 61.04
C GLU D 144 -27.07 -33.07 61.50
N ILE D 145 -27.74 -32.10 60.89
CA ILE D 145 -27.50 -30.71 61.25
C ILE D 145 -28.62 -30.16 62.13
N ALA D 146 -28.37 -30.20 63.44
CA ALA D 146 -29.37 -29.89 64.45
C ALA D 146 -29.46 -28.41 64.72
N VAL D 147 -30.56 -27.99 65.36
CA VAL D 147 -30.59 -26.70 66.03
C VAL D 147 -30.18 -26.90 67.49
N ALA D 148 -29.50 -25.92 68.05
CA ALA D 148 -29.08 -26.00 69.43
C ALA D 148 -30.35 -26.03 70.25
N GLU D 149 -30.59 -27.15 70.96
CA GLU D 149 -31.80 -27.23 71.79
C GLU D 149 -31.79 -26.07 72.77
N LYS D 150 -30.60 -25.54 73.04
CA LYS D 150 -30.42 -24.32 73.83
C LYS D 150 -30.97 -23.07 73.15
N SER D 151 -30.95 -23.04 71.83
CA SER D 151 -31.35 -21.86 71.06
C SER D 151 -32.77 -21.96 70.48
N ARG D 152 -33.42 -23.10 70.71
CA ARG D 152 -34.69 -23.41 70.06
C ARG D 152 -35.74 -22.32 70.22
N ASN D 153 -35.69 -21.66 71.36
CA ASN D 153 -36.76 -20.77 71.77
C ASN D 153 -36.61 -19.36 71.24
N LEU D 154 -35.58 -19.12 70.43
CA LEU D 154 -35.41 -17.80 69.83
C LEU D 154 -36.55 -17.44 68.89
N GLU D 155 -36.89 -16.17 68.89
CA GLU D 155 -37.99 -15.71 68.05
C GLU D 155 -37.61 -15.98 66.61
N LEU D 156 -36.31 -15.92 66.31
CA LEU D 156 -35.86 -16.12 64.94
C LEU D 156 -35.94 -17.58 64.51
N ILE D 157 -35.63 -18.51 65.41
CA ILE D 157 -35.62 -19.92 65.05
C ILE D 157 -37.06 -20.41 64.89
N ARG D 158 -37.93 -20.00 65.81
CA ARG D 158 -39.34 -20.37 65.77
C ARG D 158 -39.93 -19.96 64.42
N GLN D 159 -40.05 -18.65 64.26
CA GLN D 159 -40.62 -18.01 63.08
C GLN D 159 -40.12 -18.56 61.74
N ASN D 160 -38.83 -18.92 61.71
CA ASN D 160 -38.17 -19.45 60.49
C ASN D 160 -38.29 -20.95 60.31
N LEU D 161 -38.97 -21.61 61.23
CA LEU D 161 -39.29 -23.00 61.06
C LEU D 161 -40.76 -23.14 60.72
N GLU D 162 -41.57 -22.26 61.32
CA GLU D 162 -42.98 -22.21 61.04
C GLU D 162 -43.22 -21.91 59.56
N ALA D 163 -42.25 -21.28 58.89
CA ALA D 163 -42.37 -21.02 57.45
C ALA D 163 -42.15 -22.31 56.64
N MET D 164 -41.18 -23.11 57.07
CA MET D 164 -40.86 -24.34 56.36
C MET D 164 -41.74 -25.49 56.85
N LYS D 165 -42.83 -25.16 57.54
CA LYS D 165 -43.70 -26.18 58.11
C LYS D 165 -44.30 -27.02 56.98
N GLY D 166 -44.79 -26.32 55.96
CA GLY D 166 -45.31 -26.92 54.75
C GLY D 166 -44.27 -27.10 53.66
N ARG D 167 -43.34 -26.14 53.55
CA ARG D 167 -42.30 -26.11 52.49
C ARG D 167 -41.54 -27.43 52.22
N LYS D 168 -41.37 -27.79 50.95
CA LYS D 168 -40.62 -29.00 50.56
C LYS D 168 -39.17 -28.63 50.39
N VAL D 169 -38.28 -29.60 50.54
CA VAL D 169 -36.83 -29.32 50.48
C VAL D 169 -35.95 -30.32 49.70
N GLY D 170 -34.81 -29.76 49.26
CA GLY D 170 -33.74 -30.44 48.52
C GLY D 170 -33.75 -31.95 48.37
N PRO D 171 -33.76 -32.42 47.13
CA PRO D 171 -33.72 -33.85 46.84
C PRO D 171 -32.48 -34.56 47.38
N TRP D 172 -31.70 -33.91 48.24
CA TRP D 172 -30.57 -34.54 48.93
C TRP D 172 -30.57 -34.15 50.40
N LEU D 173 -31.68 -33.56 50.84
CA LEU D 173 -31.84 -33.11 52.20
C LEU D 173 -33.14 -33.64 52.82
N SER D 174 -33.03 -34.26 53.99
CA SER D 174 -34.19 -34.61 54.79
C SER D 174 -34.48 -33.45 55.74
N LEU D 175 -35.67 -33.43 56.34
CA LEU D 175 -35.97 -32.43 57.35
C LEU D 175 -37.12 -32.78 58.32
N ASP D 176 -36.77 -33.17 59.54
CA ASP D 176 -37.72 -33.20 60.66
C ASP D 176 -37.96 -31.77 61.17
N VAL D 177 -39.18 -31.27 61.03
CA VAL D 177 -39.47 -29.87 61.34
C VAL D 177 -39.67 -29.57 62.84
N GLU D 178 -40.32 -30.48 63.57
CA GLU D 178 -40.70 -30.23 64.98
C GLU D 178 -39.55 -30.39 65.98
N GLY D 179 -38.74 -31.43 65.78
CA GLY D 179 -37.52 -31.64 66.57
C GLY D 179 -36.35 -30.87 66.00
N MET D 180 -36.62 -29.95 65.06
CA MET D 180 -35.66 -28.98 64.55
C MET D 180 -34.31 -29.60 64.16
N LYS D 181 -34.36 -30.62 63.30
CA LYS D 181 -33.15 -31.28 62.78
C LYS D 181 -33.29 -31.70 61.32
N GLY D 182 -32.15 -31.79 60.61
CA GLY D 182 -32.14 -32.18 59.19
C GLY D 182 -30.96 -33.07 58.81
N LYS D 183 -31.00 -33.60 57.60
CA LYS D 183 -29.96 -34.55 57.17
C LYS D 183 -29.27 -34.16 55.86
N PHE D 184 -28.00 -34.55 55.75
CA PHE D 184 -27.24 -34.40 54.53
C PHE D 184 -27.16 -35.76 53.87
N LEU D 185 -28.07 -36.01 52.93
CA LEU D 185 -28.20 -37.32 52.30
C LEU D 185 -27.00 -37.65 51.42
N ARG D 186 -26.66 -36.71 50.54
CA ARG D 186 -25.66 -36.93 49.48
C ARG D 186 -25.24 -35.58 48.88
N LEU D 187 -24.11 -35.54 48.19
CA LEU D 187 -23.76 -34.34 47.44
C LEU D 187 -24.74 -34.20 46.31
N PRO D 188 -25.21 -32.97 46.07
CA PRO D 188 -26.07 -32.71 44.94
C PRO D 188 -25.34 -32.95 43.60
N ASP D 189 -26.13 -33.07 42.53
CA ASP D 189 -25.62 -33.19 41.17
C ASP D 189 -25.98 -31.90 40.44
N ARG D 190 -25.10 -31.42 39.57
CA ARG D 190 -25.26 -30.11 38.93
C ARG D 190 -26.73 -29.79 38.69
N GLU D 191 -27.46 -30.78 38.16
CA GLU D 191 -28.88 -30.59 37.79
C GLU D 191 -29.79 -30.37 38.98
N ASP D 192 -29.46 -30.96 40.12
CA ASP D 192 -30.19 -30.71 41.38
C ASP D 192 -30.36 -29.22 41.72
N LEU D 193 -29.41 -28.37 41.29
CA LEU D 193 -29.48 -26.92 41.54
C LEU D 193 -29.90 -26.20 40.28
N ALA D 194 -30.76 -25.20 40.43
CA ALA D 194 -31.00 -24.26 39.34
C ALA D 194 -30.16 -23.02 39.63
N LEU D 195 -28.86 -23.19 39.51
CA LEU D 195 -27.95 -22.07 39.69
C LEU D 195 -27.87 -21.29 38.41
N PRO D 196 -28.17 -19.98 38.48
CA PRO D 196 -28.18 -19.05 37.36
C PRO D 196 -26.77 -18.71 36.89
N VAL D 197 -25.95 -19.74 36.71
CA VAL D 197 -24.53 -19.54 36.48
C VAL D 197 -23.98 -20.73 35.68
N ASN D 198 -23.07 -20.40 34.77
CA ASN D 198 -22.41 -21.37 33.92
C ASN D 198 -21.06 -21.74 34.50
N GLU D 199 -20.96 -22.90 35.12
CA GLU D 199 -19.71 -23.26 35.81
C GLU D 199 -18.53 -23.44 34.85
N GLN D 200 -18.81 -23.73 33.58
CA GLN D 200 -17.74 -23.92 32.60
C GLN D 200 -16.91 -22.70 32.36
N LEU D 201 -17.53 -21.53 32.46
CA LEU D 201 -16.82 -20.26 32.38
C LEU D 201 -15.96 -20.02 33.61
N VAL D 202 -16.44 -20.49 34.74
CA VAL D 202 -15.71 -20.29 35.96
C VAL D 202 -14.46 -21.15 35.86
N ILE D 203 -14.56 -22.35 35.26
CA ILE D 203 -13.36 -23.13 35.01
C ILE D 203 -12.39 -22.32 34.16
N GLU D 204 -12.91 -21.65 33.14
CA GLU D 204 -12.09 -20.96 32.14
C GLU D 204 -11.36 -19.76 32.75
N PHE D 205 -12.01 -19.03 33.64
CA PHE D 205 -11.41 -17.86 34.30
C PHE D 205 -10.15 -18.22 35.03
N TYR D 206 -10.07 -19.45 35.52
CA TYR D 206 -8.91 -19.90 36.28
C TYR D 206 -8.04 -20.80 35.40
N SER D 207 -7.94 -20.49 34.12
CA SER D 207 -7.13 -21.30 33.21
C SER D 207 -6.06 -20.52 32.46
N ARG D 208 -6.17 -19.20 32.43
CA ARG D 208 -5.42 -18.37 31.46
C ARG D 208 -4.02 -18.00 31.91
N ASP E 1 -29.79 -24.78 15.68
CA ASP E 1 -29.64 -23.64 14.74
C ASP E 1 -28.21 -23.06 14.77
N PHE E 2 -27.93 -22.13 13.86
CA PHE E 2 -26.57 -21.64 13.63
C PHE E 2 -26.26 -20.43 14.50
N GLU E 3 -25.16 -20.48 15.27
CA GLU E 3 -25.02 -19.51 16.37
C GLU E 3 -24.27 -18.25 16.04
N GLU E 4 -23.09 -18.34 15.42
CA GLU E 4 -22.33 -17.13 14.95
C GLU E 4 -21.61 -16.23 16.00
N LYS E 5 -20.32 -16.44 16.24
CA LYS E 5 -19.53 -15.47 17.04
C LYS E 5 -18.48 -14.80 16.18
N MET E 6 -18.36 -13.48 16.34
CA MET E 6 -17.38 -12.69 15.62
C MET E 6 -16.08 -12.71 16.41
N ILE E 7 -15.01 -13.12 15.73
CA ILE E 7 -13.66 -13.23 16.30
C ILE E 7 -12.85 -11.92 16.21
N LEU E 8 -12.84 -11.30 15.02
CA LEU E 8 -11.98 -10.17 14.76
C LEU E 8 -12.65 -9.18 13.80
N ILE E 9 -12.55 -7.91 14.14
CA ILE E 9 -12.79 -6.87 13.15
C ILE E 9 -11.56 -5.99 13.08
N ARG E 10 -11.24 -5.53 11.88
CA ARG E 10 -10.10 -4.66 11.71
C ARG E 10 -10.35 -3.61 10.65
N ARG E 11 -9.70 -2.45 10.82
CA ARG E 11 -9.78 -1.40 9.84
C ARG E 11 -8.47 -1.24 9.08
N THR E 12 -8.49 -1.70 7.84
CA THR E 12 -7.35 -1.58 6.98
C THR E 12 -7.42 -0.17 6.38
N ALA E 13 -6.74 0.05 5.25
CA ALA E 13 -6.49 1.38 4.69
C ALA E 13 -5.64 1.31 3.40
N ARG E 14 -6.12 1.99 2.35
CA ARG E 14 -5.32 2.19 1.13
C ARG E 14 -5.02 3.66 0.95
N MET E 15 -4.34 4.00 -0.14
CA MET E 15 -4.02 5.40 -0.46
C MET E 15 -4.55 5.86 -1.84
N GLN E 16 -5.25 6.99 -1.84
CA GLN E 16 -5.60 7.67 -3.05
C GLN E 16 -5.04 9.08 -2.82
N ALA E 17 -4.72 9.77 -3.91
CA ALA E 17 -4.19 11.10 -3.83
C ALA E 17 -5.03 11.91 -2.85
N GLY E 18 -4.40 12.72 -2.01
CA GLY E 18 -5.14 13.47 -0.99
C GLY E 18 -5.97 12.58 -0.09
N GLY E 19 -5.39 12.13 1.01
CA GLY E 19 -6.07 11.30 1.99
C GLY E 19 -5.95 9.77 1.92
N ARG E 20 -6.34 9.18 3.04
CA ARG E 20 -6.47 7.73 3.23
C ARG E 20 -7.85 7.23 2.92
N ARG E 21 -7.94 5.96 2.56
CA ARG E 21 -9.24 5.37 2.32
C ARG E 21 -9.41 4.03 3.08
N PHE E 22 -10.41 3.98 3.96
CA PHE E 22 -10.58 2.82 4.83
C PHE E 22 -11.45 1.67 4.25
N ARG E 23 -11.24 0.47 4.82
CA ARG E 23 -12.13 -0.68 4.65
C ARG E 23 -12.14 -1.40 5.96
N PHE E 24 -12.92 -2.48 6.03
CA PHE E 24 -13.10 -3.23 7.26
C PHE E 24 -13.08 -4.73 7.02
N GLY E 25 -12.64 -5.48 8.02
CA GLY E 25 -12.44 -6.92 7.87
C GLY E 25 -13.10 -7.72 8.99
N ALA E 26 -13.81 -8.78 8.60
CA ALA E 26 -14.70 -9.51 9.52
C ALA E 26 -14.41 -11.00 9.61
N LEU E 27 -13.94 -11.43 10.81
CA LEU E 27 -13.75 -12.85 11.13
C LEU E 27 -14.85 -13.39 12.01
N VAL E 28 -15.65 -14.28 11.38
CA VAL E 28 -16.87 -14.78 11.96
C VAL E 28 -16.98 -16.28 11.76
N VAL E 29 -17.37 -16.95 12.84
CA VAL E 29 -17.62 -18.37 12.82
C VAL E 29 -19.09 -18.56 12.92
N VAL E 30 -19.55 -19.71 12.44
CA VAL E 30 -20.92 -20.16 12.63
C VAL E 30 -20.91 -21.63 12.97
N GLY E 31 -21.82 -22.03 13.86
CA GLY E 31 -21.87 -23.43 14.25
C GLY E 31 -23.17 -23.88 14.86
N ASP E 32 -23.44 -25.17 14.77
CA ASP E 32 -24.66 -25.77 15.31
C ASP E 32 -24.38 -26.37 16.67
N ARG E 33 -23.11 -26.34 17.06
CA ARG E 33 -22.63 -27.06 18.23
C ARG E 33 -22.91 -28.57 18.15
N GLN E 34 -22.84 -29.12 16.94
CA GLN E 34 -23.03 -30.55 16.76
C GLN E 34 -22.21 -31.01 15.59
N GLY E 35 -20.93 -30.65 15.60
CA GLY E 35 -20.00 -31.19 14.63
C GLY E 35 -20.04 -30.51 13.28
N ARG E 36 -20.68 -29.34 13.22
CA ARG E 36 -20.71 -28.50 12.01
C ARG E 36 -20.31 -27.06 12.28
N VAL E 37 -19.12 -26.65 11.82
CA VAL E 37 -18.74 -25.22 11.87
C VAL E 37 -18.28 -24.72 10.54
N GLY E 38 -18.35 -23.41 10.41
CA GLY E 38 -17.84 -22.72 9.23
C GLY E 38 -17.16 -21.42 9.58
N LEU E 39 -16.22 -21.03 8.73
CA LEU E 39 -15.49 -19.79 8.91
C LEU E 39 -15.53 -18.94 7.66
N GLY E 40 -15.76 -17.63 7.83
CA GLY E 40 -15.74 -16.72 6.69
C GLY E 40 -15.09 -15.37 6.93
N PHE E 41 -14.51 -14.81 5.85
CA PHE E 41 -13.86 -13.49 5.93
C PHE E 41 -14.52 -12.43 5.05
N GLY E 42 -15.09 -11.40 5.70
CA GLY E 42 -15.93 -10.45 5.00
C GLY E 42 -15.27 -9.10 4.98
N LYS E 43 -15.27 -8.48 3.81
CA LYS E 43 -14.65 -7.18 3.66
C LYS E 43 -15.56 -6.20 2.97
N ALA E 44 -15.64 -5.03 3.56
CA ALA E 44 -16.66 -4.09 3.18
C ALA E 44 -16.37 -2.70 3.74
N PRO E 45 -16.80 -1.66 3.00
CA PRO E 45 -16.72 -0.25 3.35
C PRO E 45 -17.12 0.05 4.77
N GLU E 46 -18.22 -0.53 5.22
CA GLU E 46 -18.62 -0.38 6.62
C GLU E 46 -18.80 -1.72 7.38
N VAL E 47 -18.51 -1.67 8.68
CA VAL E 47 -18.42 -2.86 9.52
C VAL E 47 -19.62 -3.79 9.35
N PRO E 48 -20.86 -3.32 9.65
CA PRO E 48 -22.06 -4.15 9.54
C PRO E 48 -22.08 -5.12 8.36
N LEU E 49 -21.82 -4.62 7.16
CA LEU E 49 -21.90 -5.46 5.94
C LEU E 49 -20.72 -6.40 5.86
N ALA E 50 -19.61 -6.00 6.47
CA ALA E 50 -18.43 -6.82 6.51
C ALA E 50 -18.78 -8.02 7.35
N VAL E 51 -19.45 -7.74 8.46
CA VAL E 51 -19.89 -8.75 9.38
C VAL E 51 -20.92 -9.63 8.70
N GLN E 52 -21.95 -8.98 8.18
CA GLN E 52 -23.03 -9.67 7.49
C GLN E 52 -22.51 -10.53 6.33
N LYS E 53 -21.55 -10.01 5.56
CA LYS E 53 -20.87 -10.77 4.51
C LYS E 53 -20.16 -11.99 5.06
N ALA E 54 -19.42 -11.79 6.17
CA ALA E 54 -18.65 -12.86 6.80
C ALA E 54 -19.59 -14.01 7.10
N GLY E 55 -20.70 -13.67 7.78
CA GLY E 55 -21.81 -14.59 8.02
C GLY E 55 -22.18 -15.36 6.77
N TYR E 56 -22.55 -14.65 5.71
CA TYR E 56 -22.90 -15.29 4.45
C TYR E 56 -21.82 -16.30 4.00
N TYR E 57 -20.56 -15.90 4.06
CA TYR E 57 -19.48 -16.68 3.48
C TYR E 57 -19.22 -17.88 4.36
N ALA E 58 -19.44 -17.69 5.65
CA ALA E 58 -19.16 -18.74 6.62
C ALA E 58 -20.04 -19.95 6.37
N ARG E 59 -21.35 -19.73 6.26
CA ARG E 59 -22.32 -20.81 5.96
C ARG E 59 -21.99 -21.53 4.65
N ARG E 60 -21.49 -20.77 3.69
CA ARG E 60 -21.02 -21.32 2.43
C ARG E 60 -19.79 -22.21 2.61
N ASN E 61 -19.20 -22.20 3.81
CA ASN E 61 -17.97 -22.95 4.07
C ASN E 61 -18.00 -23.84 5.38
N MET E 62 -18.64 -25.01 5.34
CA MET E 62 -18.88 -25.81 6.57
C MET E 62 -17.98 -27.06 6.69
N VAL E 63 -18.00 -27.73 7.86
CA VAL E 63 -17.08 -28.87 8.11
C VAL E 63 -17.61 -30.08 8.99
N GLU E 64 -17.20 -31.30 8.60
CA GLU E 64 -17.28 -32.56 9.39
C GLU E 64 -16.52 -32.43 10.70
N VAL E 65 -17.17 -32.52 11.87
CA VAL E 65 -16.38 -32.59 13.09
C VAL E 65 -16.74 -33.82 13.92
N PRO E 66 -16.04 -34.93 13.64
CA PRO E 66 -16.29 -36.21 14.31
C PRO E 66 -16.12 -36.04 15.78
N LEU E 67 -17.17 -36.23 16.54
CA LEU E 67 -17.19 -35.70 17.88
C LEU E 67 -17.20 -36.74 18.98
N GLN E 68 -16.26 -37.67 18.92
CA GLN E 68 -16.10 -38.70 19.95
C GLN E 68 -16.16 -38.14 21.40
N ASN E 69 -17.38 -37.77 21.80
CA ASN E 69 -17.76 -37.32 23.15
C ASN E 69 -17.14 -36.01 23.59
N GLY E 70 -17.63 -34.89 23.08
CA GLY E 70 -17.15 -33.57 23.57
C GLY E 70 -15.71 -33.23 23.22
N THR E 71 -14.94 -34.22 22.77
CA THR E 71 -13.59 -34.01 22.32
C THR E 71 -13.48 -34.53 20.90
N ILE E 72 -12.26 -34.65 20.43
CA ILE E 72 -11.99 -35.00 19.05
C ILE E 72 -11.20 -36.28 19.06
N PRO E 73 -11.18 -36.98 17.92
CA PRO E 73 -10.67 -38.34 17.81
C PRO E 73 -9.21 -38.55 18.21
N HIS E 74 -8.35 -37.69 17.68
CA HIS E 74 -6.92 -37.86 17.81
C HIS E 74 -6.32 -36.49 17.81
N GLU E 75 -5.01 -36.42 17.79
CA GLU E 75 -4.26 -35.18 17.92
C GLU E 75 -3.77 -34.70 16.56
N ILE E 76 -4.31 -33.61 16.01
CA ILE E 76 -3.73 -33.07 14.78
C ILE E 76 -2.90 -31.89 15.17
N GLU E 77 -1.81 -31.69 14.43
CA GLU E 77 -1.08 -30.42 14.33
C GLU E 77 -1.21 -29.93 12.89
N VAL E 78 -1.39 -28.63 12.68
CA VAL E 78 -1.44 -28.12 11.31
C VAL E 78 -0.77 -26.76 11.17
N GLU E 79 0.06 -26.63 10.14
CA GLU E 79 0.71 -25.36 9.83
C GLU E 79 0.04 -24.66 8.66
N PHE E 80 -0.47 -23.46 8.89
CA PHE E 80 -1.00 -22.64 7.83
C PHE E 80 -0.11 -21.41 7.65
N GLY E 81 0.81 -21.52 6.69
CA GLY E 81 1.84 -20.51 6.51
C GLY E 81 2.86 -20.57 7.63
N ALA E 82 2.86 -19.57 8.50
CA ALA E 82 3.78 -19.58 9.64
C ALA E 82 3.06 -19.91 10.96
N SER E 83 1.77 -20.17 10.87
CA SER E 83 0.97 -20.45 12.05
C SER E 83 0.78 -21.95 12.12
N LYS E 84 1.03 -22.50 13.29
CA LYS E 84 0.83 -23.89 13.54
C LYS E 84 -0.27 -23.88 14.57
N ILE E 85 -0.95 -25.00 14.70
CA ILE E 85 -1.86 -25.21 15.82
C ILE E 85 -1.80 -26.67 16.16
N VAL E 86 -1.83 -26.97 17.45
CA VAL E 86 -1.83 -28.35 17.88
C VAL E 86 -3.16 -28.56 18.58
N LEU E 87 -3.83 -29.66 18.25
CA LEU E 87 -5.04 -30.04 18.95
C LEU E 87 -4.84 -31.39 19.65
N LYS E 88 -5.18 -31.45 20.93
CA LYS E 88 -5.03 -32.66 21.73
C LYS E 88 -6.37 -33.02 22.39
N PRO E 89 -6.76 -34.28 22.27
CA PRO E 89 -7.96 -34.81 22.91
C PRO E 89 -7.89 -34.69 24.42
N ALA E 90 -9.01 -34.35 25.06
CA ALA E 90 -9.11 -34.37 26.52
C ALA E 90 -10.38 -35.04 27.09
N ALA E 91 -10.22 -35.69 28.23
CA ALA E 91 -11.34 -36.27 28.96
C ALA E 91 -12.19 -35.14 29.50
N PRO E 92 -13.49 -35.40 29.70
CA PRO E 92 -14.43 -34.45 30.28
C PRO E 92 -13.98 -33.93 31.61
N GLY E 93 -14.37 -32.69 31.89
CA GLY E 93 -13.99 -31.99 33.14
C GLY E 93 -12.95 -30.92 32.86
N THR E 94 -12.39 -30.99 31.65
CA THR E 94 -11.26 -30.17 31.24
C THR E 94 -11.73 -28.80 30.82
N GLY E 95 -12.41 -28.76 29.68
CA GLY E 95 -12.78 -27.52 29.03
C GLY E 95 -12.08 -27.29 27.70
N VAL E 96 -12.58 -26.30 26.99
CA VAL E 96 -11.91 -25.80 25.82
C VAL E 96 -10.82 -24.91 26.30
N ILE E 97 -9.59 -25.41 26.32
CA ILE E 97 -8.48 -24.55 26.70
C ILE E 97 -7.56 -24.21 25.53
N ALA E 98 -7.74 -22.96 25.09
CA ALA E 98 -7.17 -22.43 23.87
C ALA E 98 -7.27 -20.89 23.86
N GLY E 99 -6.74 -20.31 22.80
CA GLY E 99 -6.82 -18.87 22.64
C GLY E 99 -8.17 -18.45 22.12
N ALA E 100 -8.44 -17.16 22.23
CA ALA E 100 -9.74 -16.63 21.81
C ALA E 100 -10.17 -17.17 20.46
N VAL E 101 -9.21 -17.30 19.54
CA VAL E 101 -9.55 -17.67 18.16
C VAL E 101 -9.82 -19.17 17.98
N PRO E 102 -8.84 -20.02 18.32
CA PRO E 102 -9.19 -21.42 18.15
C PRO E 102 -10.40 -21.77 19.00
N ARG E 103 -10.53 -21.17 20.19
CA ARG E 103 -11.63 -21.51 21.09
C ARG E 103 -12.94 -21.38 20.37
N ALA E 104 -13.26 -20.15 19.98
CA ALA E 104 -14.57 -19.83 19.49
C ALA E 104 -14.93 -20.58 18.21
N ILE E 105 -13.98 -21.25 17.61
CA ILE E 105 -14.29 -22.17 16.55
C ILE E 105 -14.65 -23.50 17.20
N LEU E 106 -13.69 -24.04 17.93
CA LEU E 106 -13.86 -25.28 18.65
C LEU E 106 -15.18 -25.34 19.46
N GLU E 107 -15.58 -24.22 20.07
CA GLU E 107 -16.78 -24.19 20.91
C GLU E 107 -18.02 -24.31 20.04
N LEU E 108 -18.14 -23.41 19.06
CA LEU E 108 -19.29 -23.47 18.17
C LEU E 108 -19.31 -24.74 17.32
N ALA E 109 -18.33 -25.60 17.43
CA ALA E 109 -18.34 -26.87 16.72
C ALA E 109 -18.92 -27.98 17.57
N GLY E 110 -19.27 -27.67 18.81
CA GLY E 110 -19.72 -28.69 19.73
C GLY E 110 -18.59 -29.46 20.40
N VAL E 111 -17.44 -28.82 20.52
CA VAL E 111 -16.36 -29.34 21.31
C VAL E 111 -16.42 -28.67 22.69
N THR E 112 -16.14 -29.47 23.72
CA THR E 112 -16.13 -28.97 25.12
C THR E 112 -14.83 -29.32 25.87
N ASP E 113 -14.10 -30.32 25.40
CA ASP E 113 -12.91 -30.81 26.09
C ASP E 113 -11.78 -31.06 25.11
N ILE E 114 -10.82 -30.14 25.09
CA ILE E 114 -9.79 -30.09 24.06
C ILE E 114 -8.59 -29.34 24.62
N LEU E 115 -7.39 -29.80 24.23
CA LEU E 115 -6.14 -29.13 24.59
C LEU E 115 -5.44 -28.59 23.35
N THR E 116 -4.97 -27.34 23.38
CA THR E 116 -4.44 -26.68 22.17
C THR E 116 -3.16 -25.88 22.40
N LYS E 117 -2.50 -25.49 21.31
CA LYS E 117 -1.41 -24.53 21.38
C LYS E 117 -1.19 -23.80 20.08
N GLU E 118 -1.42 -22.49 20.08
CA GLU E 118 -1.04 -21.64 18.96
C GLU E 118 0.49 -21.60 18.98
N LEU E 119 1.10 -22.07 17.91
CA LEU E 119 2.55 -21.97 17.79
C LEU E 119 2.95 -21.16 16.59
N GLY E 120 4.14 -20.58 16.65
CA GLY E 120 4.65 -19.79 15.54
C GLY E 120 3.95 -18.44 15.43
N SER E 121 3.76 -17.98 14.19
CA SER E 121 3.07 -16.72 13.92
C SER E 121 1.64 -16.77 14.39
N ARG E 122 1.29 -15.94 15.35
CA ARG E 122 -0.03 -16.08 15.97
C ARG E 122 -1.07 -15.18 15.33
N ASN E 123 -0.82 -14.74 14.10
CA ASN E 123 -1.77 -13.91 13.39
C ASN E 123 -3.11 -14.63 13.31
N PRO E 124 -4.16 -13.99 13.84
CA PRO E 124 -5.46 -14.58 14.10
C PRO E 124 -6.07 -15.20 12.88
N ILE E 125 -6.03 -14.46 11.77
CA ILE E 125 -6.56 -14.97 10.52
C ILE E 125 -5.87 -16.29 10.20
N ASN E 126 -4.55 -16.24 10.11
CA ASN E 126 -3.82 -17.43 9.73
C ASN E 126 -4.05 -18.51 10.74
N ILE E 127 -4.05 -18.14 12.01
CA ILE E 127 -4.41 -19.09 13.06
C ILE E 127 -5.77 -19.73 12.78
N ALA E 128 -6.77 -18.89 12.50
CA ALA E 128 -8.12 -19.36 12.26
C ALA E 128 -8.15 -20.39 11.16
N TYR E 129 -7.62 -20.07 9.99
CA TYR E 129 -7.67 -21.03 8.90
C TYR E 129 -7.02 -22.35 9.33
N ALA E 130 -5.84 -22.27 9.95
CA ALA E 130 -5.10 -23.47 10.34
C ALA E 130 -6.02 -24.41 11.09
N THR E 131 -6.64 -23.86 12.11
CA THR E 131 -7.54 -24.58 12.97
C THR E 131 -8.65 -25.30 12.23
N MET E 132 -9.29 -24.60 11.29
CA MET E 132 -10.27 -25.23 10.41
C MET E 132 -9.66 -26.41 9.66
N GLU E 133 -8.52 -26.16 9.03
CA GLU E 133 -7.84 -27.19 8.28
C GLU E 133 -7.42 -28.33 9.18
N ALA E 134 -7.26 -28.04 10.48
CA ALA E 134 -7.02 -29.08 11.46
C ALA E 134 -8.29 -29.89 11.62
N LEU E 135 -9.40 -29.22 11.87
CA LEU E 135 -10.69 -29.90 11.98
C LEU E 135 -10.96 -30.69 10.71
N ARG E 136 -10.80 -30.00 9.59
CA ARG E 136 -11.11 -30.57 8.28
C ARG E 136 -10.26 -31.80 7.98
N GLN E 137 -9.24 -32.05 8.80
CA GLN E 137 -8.31 -33.18 8.62
C GLN E 137 -8.49 -34.31 9.63
N LEU E 138 -9.39 -34.11 10.60
CA LEU E 138 -9.71 -35.13 11.60
C LEU E 138 -10.42 -36.34 10.96
N ARG E 139 -10.02 -37.53 11.39
CA ARG E 139 -10.57 -38.80 10.89
C ARG E 139 -10.96 -39.65 12.08
N THR E 140 -11.65 -40.77 11.84
CA THR E 140 -12.12 -41.64 12.93
C THR E 140 -11.92 -43.09 12.55
N LYS E 141 -12.10 -43.95 13.57
CA LYS E 141 -11.84 -45.39 13.48
C LYS E 141 -12.53 -45.92 12.24
N ALA E 142 -13.79 -45.56 12.10
CA ALA E 142 -14.57 -45.90 10.92
C ALA E 142 -13.85 -45.59 9.59
N ASP E 143 -13.48 -44.31 9.41
CA ASP E 143 -13.02 -43.86 8.09
C ASP E 143 -11.69 -44.52 7.78
N VAL E 144 -10.83 -44.59 8.77
CA VAL E 144 -9.54 -45.26 8.61
C VAL E 144 -9.72 -46.70 8.17
N GLU E 145 -10.70 -47.33 8.82
CA GLU E 145 -11.10 -48.69 8.55
C GLU E 145 -11.52 -48.79 7.10
N ARG E 146 -12.40 -47.88 6.66
CA ARG E 146 -12.90 -47.90 5.28
C ARG E 146 -11.72 -47.72 4.35
N LEU E 147 -10.81 -46.87 4.76
CA LEU E 147 -9.70 -46.53 3.91
C LEU E 147 -8.83 -47.70 3.61
N ARG E 148 -8.40 -48.39 4.66
CA ARG E 148 -7.43 -49.48 4.53
C ARG E 148 -8.03 -50.81 4.09
N LYS E 149 -9.35 -50.92 4.13
CA LYS E 149 -10.06 -52.11 3.67
C LYS E 149 -9.74 -52.51 2.21
N GLY E 150 -10.48 -51.96 1.24
CA GLY E 150 -10.21 -52.21 -0.20
C GLY E 150 -10.95 -53.37 -0.84
N GLU E 151 -12.12 -53.07 -1.41
N MET F 1 58.43 -40.70 -30.06
CA MET F 1 58.38 -39.53 -31.00
C MET F 1 57.04 -39.37 -31.73
N ARG F 2 56.76 -38.13 -32.13
CA ARG F 2 55.48 -37.75 -32.72
C ARG F 2 55.72 -37.13 -34.08
N ARG F 3 54.63 -36.87 -34.79
CA ARG F 3 54.71 -36.40 -36.17
C ARG F 3 54.20 -34.97 -36.31
N TYR F 4 55.04 -34.11 -36.90
CA TYR F 4 54.72 -32.70 -37.01
C TYR F 4 54.67 -32.25 -38.44
N GLU F 5 54.58 -30.95 -38.61
CA GLU F 5 54.61 -30.30 -39.91
C GLU F 5 55.36 -28.97 -39.82
N VAL F 6 56.49 -28.89 -40.53
CA VAL F 6 57.31 -27.72 -40.53
C VAL F 6 56.93 -26.86 -41.73
N ASN F 7 56.39 -25.68 -41.48
CA ASN F 7 56.25 -24.65 -42.52
C ASN F 7 57.44 -23.70 -42.47
N ILE F 8 58.06 -23.42 -43.62
CA ILE F 8 59.12 -22.40 -43.68
C ILE F 8 59.02 -21.43 -44.85
N VAL F 9 59.03 -20.14 -44.54
CA VAL F 9 58.96 -19.12 -45.58
C VAL F 9 60.31 -18.43 -45.70
N LEU F 10 60.78 -18.31 -46.94
CA LEU F 10 62.10 -17.83 -47.24
C LEU F 10 62.02 -16.64 -48.16
N ASN F 11 63.14 -15.92 -48.25
CA ASN F 11 63.25 -14.78 -49.15
C ASN F 11 62.95 -15.16 -50.61
N PRO F 12 61.96 -14.50 -51.23
CA PRO F 12 61.55 -14.84 -52.60
C PRO F 12 62.54 -14.36 -53.67
N ASN F 13 63.61 -13.69 -53.25
CA ASN F 13 64.61 -13.15 -54.14
C ASN F 13 65.95 -13.86 -54.06
N LEU F 14 65.94 -15.16 -54.34
CA LEU F 14 67.16 -15.95 -54.39
C LEU F 14 67.33 -16.60 -55.75
N ASP F 15 68.58 -16.72 -56.21
CA ASP F 15 68.88 -17.53 -57.40
C ASP F 15 68.96 -18.98 -56.94
N GLN F 16 68.78 -19.92 -57.87
CA GLN F 16 68.62 -21.32 -57.48
C GLN F 16 69.90 -21.93 -56.86
N SER F 17 70.92 -21.10 -56.59
CA SER F 17 72.15 -21.55 -55.93
C SER F 17 72.19 -21.12 -54.46
N GLN F 18 71.74 -19.89 -54.16
CA GLN F 18 71.52 -19.45 -52.76
C GLN F 18 70.39 -20.28 -52.16
N LEU F 19 69.31 -20.39 -52.93
CA LEU F 19 68.09 -21.14 -52.56
C LEU F 19 68.43 -22.54 -52.07
N ALA F 20 69.12 -23.29 -52.92
CA ALA F 20 69.50 -24.65 -52.58
C ALA F 20 70.39 -24.70 -51.34
N LEU F 21 71.17 -23.64 -51.08
CA LEU F 21 72.03 -23.63 -49.89
C LEU F 21 71.18 -23.52 -48.62
N GLU F 22 70.19 -22.63 -48.61
CA GLU F 22 69.32 -22.52 -47.44
C GLU F 22 68.57 -23.84 -47.27
N LYS F 23 67.95 -24.27 -48.36
CA LYS F 23 67.18 -25.52 -48.42
C LYS F 23 68.01 -26.77 -48.10
N GLU F 24 69.32 -26.58 -47.95
CA GLU F 24 70.24 -27.64 -47.61
C GLU F 24 70.64 -27.61 -46.13
N ILE F 25 70.83 -26.42 -45.55
CA ILE F 25 71.11 -26.33 -44.11
C ILE F 25 69.85 -26.76 -43.39
N ILE F 26 68.72 -26.48 -44.01
CA ILE F 26 67.44 -26.99 -43.53
C ILE F 26 67.45 -28.52 -43.34
N GLN F 27 67.89 -29.25 -44.36
CA GLN F 27 68.00 -30.71 -44.27
C GLN F 27 68.96 -31.12 -43.18
N ARG F 28 69.98 -30.28 -42.95
CA ARG F 28 70.95 -30.52 -41.87
C ARG F 28 70.29 -30.61 -40.51
N ALA F 29 69.84 -29.47 -40.01
CA ALA F 29 69.20 -29.38 -38.71
C ALA F 29 68.12 -30.45 -38.54
N LEU F 30 67.29 -30.67 -39.57
CA LEU F 30 66.31 -31.75 -39.53
C LEU F 30 66.92 -33.07 -39.11
N GLU F 31 67.86 -33.56 -39.93
CA GLU F 31 68.54 -34.80 -39.61
C GLU F 31 69.41 -34.59 -38.36
N ASN F 32 69.85 -33.36 -38.13
CA ASN F 32 70.70 -33.10 -36.97
C ASN F 32 69.91 -33.06 -35.67
N TYR F 33 68.60 -33.13 -35.76
CA TYR F 33 67.74 -33.18 -34.58
C TYR F 33 66.93 -34.48 -34.50
N GLY F 34 67.00 -35.29 -35.55
CA GLY F 34 66.32 -36.58 -35.59
C GLY F 34 64.96 -36.44 -36.22
N ALA F 35 64.81 -35.53 -37.16
CA ALA F 35 63.59 -35.46 -37.95
C ALA F 35 63.58 -36.66 -38.85
N ARG F 36 62.44 -36.93 -39.48
CA ARG F 36 62.38 -37.92 -40.56
C ARG F 36 61.36 -37.51 -41.63
N VAL F 37 61.86 -37.02 -42.75
CA VAL F 37 61.03 -36.49 -43.81
C VAL F 37 60.09 -37.54 -44.39
N GLU F 38 58.79 -37.35 -44.20
CA GLU F 38 57.76 -38.31 -44.64
C GLU F 38 57.20 -37.89 -45.99
N LYS F 39 56.93 -36.60 -46.13
CA LYS F 39 56.59 -35.99 -47.41
C LYS F 39 57.24 -34.62 -47.50
N VAL F 40 57.42 -34.14 -48.72
CA VAL F 40 57.87 -32.76 -48.95
C VAL F 40 56.89 -32.10 -49.92
N GLU F 41 56.54 -30.85 -49.62
CA GLU F 41 55.74 -30.04 -50.52
C GLU F 41 56.44 -28.69 -50.70
N GLU F 42 56.28 -28.12 -51.89
CA GLU F 42 56.98 -26.90 -52.25
C GLU F 42 56.24 -26.14 -53.32
N LEU F 43 55.43 -25.17 -52.91
CA LEU F 43 54.70 -24.32 -53.84
C LEU F 43 55.54 -23.10 -54.28
N GLY F 44 56.69 -22.91 -53.63
CA GLY F 44 57.60 -21.81 -53.99
C GLY F 44 57.01 -20.44 -53.72
N LEU F 45 56.88 -19.63 -54.76
CA LEU F 45 56.38 -18.26 -54.59
C LEU F 45 54.90 -18.29 -54.38
N ARG F 46 54.42 -17.41 -53.51
CA ARG F 46 53.00 -17.09 -53.49
C ARG F 46 52.80 -15.67 -52.98
N ARG F 47 51.72 -15.04 -53.45
CA ARG F 47 51.51 -13.62 -53.17
C ARG F 47 50.94 -13.38 -51.77
N LEU F 48 51.81 -12.99 -50.84
CA LEU F 48 51.41 -12.70 -49.45
C LEU F 48 50.30 -11.69 -49.33
N ALA F 49 49.66 -11.63 -48.16
CA ALA F 49 48.54 -10.73 -47.97
C ALA F 49 48.97 -9.48 -47.22
N TYR F 50 50.22 -9.46 -46.79
CA TYR F 50 50.82 -8.27 -46.25
C TYR F 50 52.33 -8.45 -46.34
N PRO F 51 53.10 -7.36 -46.34
CA PRO F 51 54.54 -7.47 -46.47
C PRO F 51 55.24 -8.09 -45.28
N ILE F 52 55.88 -9.24 -45.48
CA ILE F 52 56.76 -9.78 -44.46
C ILE F 52 58.19 -9.43 -44.81
N ALA F 53 58.81 -8.59 -43.98
CA ALA F 53 60.17 -8.08 -44.22
C ALA F 53 60.26 -7.42 -45.60
N LYS F 54 59.42 -6.42 -45.82
CA LYS F 54 59.46 -5.60 -47.04
C LYS F 54 58.84 -6.29 -48.27
N ASP F 55 59.09 -7.59 -48.44
CA ASP F 55 58.59 -8.30 -49.61
C ASP F 55 57.08 -8.44 -49.60
N PRO F 56 56.44 -8.39 -50.80
CA PRO F 56 55.01 -8.67 -50.95
C PRO F 56 54.81 -10.14 -51.35
N GLN F 57 55.85 -10.94 -51.15
CA GLN F 57 55.88 -12.33 -51.55
C GLN F 57 56.83 -13.14 -50.67
N GLY F 58 56.77 -14.46 -50.82
CA GLY F 58 57.58 -15.36 -50.03
C GLY F 58 57.67 -16.73 -50.67
N TYR F 59 58.71 -17.48 -50.28
CA TYR F 59 59.00 -18.80 -50.84
C TYR F 59 58.74 -19.89 -49.81
N PHE F 60 57.85 -20.83 -50.15
CA PHE F 60 57.26 -21.74 -49.17
C PHE F 60 57.79 -23.17 -49.17
N LEU F 61 58.26 -23.58 -48.00
CA LEU F 61 58.60 -24.97 -47.72
C LEU F 61 57.54 -25.61 -46.81
N TRP F 62 57.44 -26.93 -46.90
CA TRP F 62 56.58 -27.69 -46.01
C TRP F 62 57.08 -29.10 -45.90
N TYR F 63 57.47 -29.50 -44.70
CA TYR F 63 57.83 -30.87 -44.46
C TYR F 63 56.81 -31.48 -43.54
N GLN F 64 56.70 -32.80 -43.60
CA GLN F 64 55.93 -33.54 -42.63
C GLN F 64 56.84 -34.53 -41.98
N VAL F 65 57.35 -34.24 -40.80
CA VAL F 65 58.36 -35.12 -40.23
C VAL F 65 57.92 -35.76 -38.92
N GLU F 66 58.64 -36.81 -38.54
CA GLU F 66 58.49 -37.44 -37.25
C GLU F 66 59.79 -37.26 -36.49
N MET F 67 59.71 -36.78 -35.25
CA MET F 67 60.92 -36.51 -34.50
C MET F 67 60.70 -36.57 -33.01
N PRO F 68 61.80 -36.70 -32.23
CA PRO F 68 61.67 -36.65 -30.78
C PRO F 68 61.10 -35.31 -30.33
N GLU F 69 60.02 -35.37 -29.56
CA GLU F 69 59.27 -34.18 -29.18
C GLU F 69 60.04 -33.22 -28.26
N ASP F 70 60.88 -33.74 -27.38
CA ASP F 70 61.68 -32.90 -26.48
C ASP F 70 62.72 -32.05 -27.21
N ARG F 71 62.66 -32.05 -28.55
CA ARG F 71 63.64 -31.40 -29.38
C ARG F 71 63.02 -30.42 -30.40
N VAL F 72 61.69 -30.45 -30.54
CA VAL F 72 61.01 -29.70 -31.60
C VAL F 72 61.08 -28.18 -31.40
N ASN F 73 61.28 -27.75 -30.17
CA ASN F 73 61.47 -26.34 -29.90
C ASN F 73 62.90 -25.92 -30.31
N ASP F 74 63.90 -26.67 -29.87
CA ASP F 74 65.31 -26.43 -30.26
C ASP F 74 65.53 -26.46 -31.75
N LEU F 75 64.77 -27.30 -32.44
CA LEU F 75 64.78 -27.33 -33.90
C LEU F 75 64.28 -25.98 -34.43
N ALA F 76 63.07 -25.60 -34.05
CA ALA F 76 62.50 -24.34 -34.52
C ALA F 76 63.43 -23.17 -34.18
N ARG F 77 64.11 -23.25 -33.04
CA ARG F 77 65.11 -22.25 -32.66
C ARG F 77 66.12 -22.08 -33.79
N GLU F 78 66.89 -23.14 -34.08
CA GLU F 78 68.02 -23.05 -35.02
C GLU F 78 67.54 -22.86 -36.44
N LEU F 79 66.39 -23.44 -36.74
CA LEU F 79 65.86 -23.45 -38.09
C LEU F 79 65.64 -22.02 -38.60
N ARG F 80 65.71 -21.04 -37.71
CA ARG F 80 65.56 -19.62 -38.08
C ARG F 80 66.60 -18.69 -37.50
N ILE F 81 67.81 -19.19 -37.22
CA ILE F 81 68.92 -18.30 -36.89
C ILE F 81 69.48 -17.80 -38.22
N ARG F 82 68.59 -17.35 -39.11
CA ARG F 82 68.95 -17.03 -40.48
C ARG F 82 68.27 -15.74 -40.86
N ASP F 83 69.05 -14.80 -41.39
CA ASP F 83 68.50 -13.53 -41.84
C ASP F 83 67.65 -13.75 -43.10
N ASN F 84 67.82 -14.92 -43.72
CA ASN F 84 67.13 -15.26 -44.96
C ASN F 84 65.88 -16.09 -44.69
N VAL F 85 65.84 -16.71 -43.51
CA VAL F 85 64.63 -17.39 -43.05
C VAL F 85 63.79 -16.41 -42.26
N ARG F 86 62.54 -16.29 -42.67
CA ARG F 86 61.67 -15.20 -42.24
C ARG F 86 60.49 -15.68 -41.37
N ARG F 87 59.96 -16.87 -41.68
CA ARG F 87 58.91 -17.49 -40.87
C ARG F 87 59.11 -18.98 -40.79
N VAL F 88 59.15 -19.46 -39.54
CA VAL F 88 59.19 -20.87 -39.25
C VAL F 88 57.98 -21.19 -38.37
N MET F 89 57.06 -22.02 -38.85
CA MET F 89 55.94 -22.47 -38.02
C MET F 89 55.82 -24.00 -38.01
N VAL F 90 55.98 -24.58 -36.82
CA VAL F 90 55.89 -26.02 -36.67
C VAL F 90 54.64 -26.42 -35.91
N VAL F 91 53.92 -27.37 -36.48
CA VAL F 91 52.62 -27.75 -35.98
C VAL F 91 52.47 -29.26 -35.96
N LYS F 92 52.09 -29.77 -34.80
CA LYS F 92 51.72 -31.16 -34.60
C LYS F 92 50.76 -31.61 -35.70
N SER F 93 51.05 -32.74 -36.34
CA SER F 93 50.20 -33.22 -37.44
C SER F 93 48.80 -33.57 -36.91
N GLN F 94 47.77 -33.40 -37.74
CA GLN F 94 46.40 -33.70 -37.30
C GLN F 94 45.58 -34.37 -38.38
N GLU F 95 44.73 -35.30 -37.94
CA GLU F 95 43.76 -35.96 -38.80
C GLU F 95 42.85 -34.87 -39.38
N PRO F 96 42.66 -34.86 -40.71
CA PRO F 96 41.80 -33.84 -41.27
C PRO F 96 40.39 -33.93 -40.71
N PHE F 97 39.79 -32.78 -40.47
CA PHE F 97 38.38 -32.67 -40.08
C PHE F 97 37.67 -32.07 -41.29
N LEU F 98 36.45 -32.51 -41.61
CA LEU F 98 35.78 -32.01 -42.83
C LEU F 98 34.36 -31.44 -42.61
N ALA F 99 33.75 -31.00 -43.70
CA ALA F 99 32.45 -30.35 -43.63
C ALA F 99 31.78 -30.52 -45.00
N ASN F 100 30.48 -30.26 -45.07
CA ASN F 100 29.70 -30.45 -46.30
C ASN F 100 29.79 -31.87 -46.83
N ALA F 101 29.20 -32.80 -46.08
CA ALA F 101 29.29 -34.25 -46.36
C ALA F 101 30.73 -34.64 -46.66
N ALA G 1 -2.49 24.96 -30.56
CA ALA G 1 -2.49 23.95 -31.66
C ALA G 1 -1.84 22.61 -31.29
N ARG G 2 -2.20 22.05 -30.13
CA ARG G 2 -1.71 20.71 -29.79
C ARG G 2 -2.50 19.63 -30.57
N ARG G 3 -3.74 19.95 -30.90
CA ARG G 3 -4.66 18.97 -31.46
C ARG G 3 -4.66 18.88 -32.98
N ARG G 4 -5.19 19.92 -33.64
CA ARG G 4 -5.33 19.98 -35.12
C ARG G 4 -4.17 20.70 -35.80
N ARG G 5 -4.33 21.02 -37.06
CA ARG G 5 -3.28 21.76 -37.76
C ARG G 5 -3.74 23.15 -38.19
N ALA G 6 -4.81 23.64 -37.55
CA ALA G 6 -5.36 24.99 -37.76
C ALA G 6 -5.62 25.35 -39.23
N GLU G 7 -6.89 25.25 -39.62
CA GLU G 7 -7.30 25.70 -40.94
C GLU G 7 -7.04 27.18 -41.09
N VAL G 8 -6.12 27.53 -41.98
CA VAL G 8 -5.84 28.91 -42.33
C VAL G 8 -7.14 29.63 -42.66
N ARG G 9 -7.40 30.73 -41.95
CA ARG G 9 -8.66 31.47 -42.10
C ARG G 9 -8.74 32.09 -43.48
N GLN G 10 -9.83 31.84 -44.19
CA GLN G 10 -9.96 32.30 -45.59
C GLN G 10 -10.60 33.67 -45.64
N LEU G 11 -9.99 34.55 -46.44
CA LEU G 11 -10.33 35.98 -46.42
C LEU G 11 -11.34 36.38 -47.49
N GLN G 12 -12.28 37.24 -47.10
CA GLN G 12 -13.27 37.82 -48.01
C GLN G 12 -12.55 38.70 -49.04
N PRO G 13 -12.61 38.35 -50.35
CA PRO G 13 -11.89 39.13 -51.37
C PRO G 13 -12.21 40.63 -51.40
N ASP G 14 -11.36 41.36 -52.11
CA ASP G 14 -11.40 42.81 -52.16
C ASP G 14 -12.64 43.33 -52.87
N LEU G 15 -13.16 44.46 -52.41
CA LEU G 15 -14.31 45.05 -53.05
C LEU G 15 -13.96 45.81 -54.32
N VAL G 16 -12.67 45.89 -54.63
CA VAL G 16 -12.19 46.54 -55.85
C VAL G 16 -11.44 45.57 -56.73
N TYR G 17 -10.19 45.24 -56.37
CA TYR G 17 -9.39 44.38 -57.22
C TYR G 17 -9.76 42.91 -57.05
N GLY G 18 -10.74 42.62 -56.19
CA GLY G 18 -11.21 41.25 -55.97
C GLY G 18 -10.08 40.31 -55.60
N ASP G 19 -9.13 40.81 -54.82
CA ASP G 19 -7.98 40.04 -54.46
C ASP G 19 -7.94 39.88 -52.96
N VAL G 20 -7.80 38.63 -52.53
CA VAL G 20 -7.68 38.27 -51.10
C VAL G 20 -6.43 38.86 -50.45
N LEU G 21 -5.35 38.92 -51.21
CA LEU G 21 -4.08 39.44 -50.72
C LEU G 21 -4.19 40.91 -50.34
N VAL G 22 -4.97 41.64 -51.13
CA VAL G 22 -5.19 43.06 -50.90
C VAL G 22 -5.81 43.27 -49.53
N THR G 23 -6.93 42.59 -49.30
CA THR G 23 -7.67 42.74 -48.06
C THR G 23 -6.77 42.48 -46.88
N ALA G 24 -6.10 41.32 -46.93
CA ALA G 24 -5.08 40.94 -45.95
C ALA G 24 -4.22 42.16 -45.59
N PHE G 25 -3.63 42.76 -46.62
CA PHE G 25 -2.82 43.96 -46.39
C PHE G 25 -3.63 45.06 -45.72
N ILE G 26 -4.91 45.19 -46.07
CA ILE G 26 -5.71 46.28 -45.51
C ILE G 26 -5.90 46.07 -44.02
N ASN G 27 -6.07 44.81 -43.63
CA ASN G 27 -6.28 44.45 -42.23
C ASN G 27 -5.09 44.82 -41.38
N LYS G 28 -3.91 44.36 -41.79
CA LYS G 28 -2.66 44.76 -41.13
C LYS G 28 -2.52 46.27 -40.91
N ILE G 29 -3.13 47.07 -41.78
CA ILE G 29 -3.11 48.51 -41.64
C ILE G 29 -4.10 48.96 -40.59
N MET G 30 -5.25 48.30 -40.55
CA MET G 30 -6.34 48.69 -39.67
C MET G 30 -5.84 48.85 -38.25
N ARG G 31 -6.43 49.77 -37.49
CA ARG G 31 -6.13 49.86 -36.07
C ARG G 31 -7.31 49.28 -35.32
N ASP G 32 -7.92 50.05 -34.44
CA ASP G 32 -8.89 49.49 -33.50
C ASP G 32 -10.19 49.07 -34.19
N GLY G 33 -10.10 48.17 -35.16
CA GLY G 33 -11.29 47.73 -35.90
C GLY G 33 -11.94 48.91 -36.58
N LYS G 34 -11.18 49.58 -37.42
CA LYS G 34 -11.68 50.68 -38.23
C LYS G 34 -11.35 50.33 -39.64
N LYS G 35 -12.07 49.36 -40.20
CA LYS G 35 -11.71 48.87 -41.51
C LYS G 35 -11.92 49.96 -42.56
N ASN G 36 -12.82 50.90 -42.28
CA ASN G 36 -13.18 51.90 -43.28
C ASN G 36 -12.00 52.82 -43.57
N LEU G 37 -11.58 53.56 -42.55
CA LEU G 37 -10.36 54.38 -42.59
C LEU G 37 -9.14 53.54 -43.05
N ALA G 38 -9.12 52.25 -42.72
CA ALA G 38 -8.06 51.37 -43.17
C ALA G 38 -8.04 51.35 -44.67
N ALA G 39 -9.17 50.98 -45.27
CA ALA G 39 -9.26 50.81 -46.72
C ALA G 39 -9.17 52.15 -47.43
N ARG G 40 -9.57 53.22 -46.75
CA ARG G 40 -9.42 54.54 -47.34
C ARG G 40 -7.95 54.79 -47.56
N ILE G 41 -7.14 54.52 -46.54
CA ILE G 41 -5.71 54.77 -46.66
C ILE G 41 -5.18 53.95 -47.81
N PHE G 42 -5.38 52.63 -47.81
CA PHE G 42 -4.78 51.81 -48.87
C PHE G 42 -5.14 52.26 -50.29
N TYR G 43 -6.44 52.50 -50.50
CA TYR G 43 -6.93 52.98 -51.78
C TYR G 43 -6.43 54.38 -52.10
N ASP G 44 -6.60 55.32 -51.18
CA ASP G 44 -6.05 56.67 -51.37
C ASP G 44 -4.53 56.67 -51.46
N ALA G 45 -3.94 55.49 -51.38
CA ALA G 45 -2.52 55.36 -51.57
C ALA G 45 -2.31 54.85 -52.96
N CYS G 46 -3.22 53.96 -53.39
CA CYS G 46 -3.20 53.46 -54.76
C CYS G 46 -3.31 54.62 -55.73
N LYS G 47 -3.99 55.68 -55.30
CA LYS G 47 -4.08 56.92 -56.06
C LYS G 47 -2.73 57.62 -56.23
N ILE G 48 -1.88 57.52 -55.21
CA ILE G 48 -0.57 58.15 -55.21
C ILE G 48 0.37 57.36 -56.11
N ILE G 49 0.10 56.07 -56.25
CA ILE G 49 0.91 55.23 -57.11
C ILE G 49 0.71 55.65 -58.58
N GLN G 50 -0.51 56.08 -58.93
CA GLN G 50 -0.83 56.55 -60.29
C GLN G 50 -0.22 57.91 -60.63
N GLU G 51 -0.57 58.91 -59.83
CA GLU G 51 -0.09 60.27 -60.01
C GLU G 51 1.43 60.34 -60.13
N LYS G 52 2.13 59.24 -59.80
CA LYS G 52 3.59 59.25 -59.83
C LYS G 52 4.19 58.28 -60.81
N THR G 53 3.64 57.07 -60.91
CA THR G 53 4.13 56.12 -61.92
C THR G 53 3.00 55.69 -62.84
N GLY G 54 3.37 55.17 -64.01
CA GLY G 54 2.40 54.74 -64.99
C GLY G 54 1.61 53.50 -64.56
N GLN G 55 2.26 52.63 -63.80
CA GLN G 55 1.78 51.26 -63.60
C GLN G 55 0.53 51.16 -62.73
N GLU G 56 -0.16 50.03 -62.87
CA GLU G 56 -1.37 49.79 -62.10
C GLU G 56 -0.95 49.56 -60.66
N PRO G 57 -1.56 50.29 -59.70
CA PRO G 57 -1.30 50.12 -58.28
C PRO G 57 -1.23 48.68 -57.81
N LEU G 58 -2.12 47.82 -58.30
CA LEU G 58 -2.04 46.41 -57.92
C LEU G 58 -0.68 45.78 -58.28
N LYS G 59 -0.26 45.87 -59.52
CA LYS G 59 0.95 45.15 -59.93
C LYS G 59 2.21 45.76 -59.29
N VAL G 60 2.12 47.03 -58.91
CA VAL G 60 3.11 47.63 -58.04
C VAL G 60 3.09 46.84 -56.74
N PHE G 61 2.04 47.05 -55.94
CA PHE G 61 1.80 46.36 -54.67
C PHE G 61 2.19 44.91 -54.67
N LYS G 62 1.62 44.18 -55.61
CA LYS G 62 1.84 42.75 -55.69
C LYS G 62 3.34 42.45 -55.78
N GLN G 63 4.01 43.02 -56.77
CA GLN G 63 5.42 42.73 -56.95
C GLN G 63 6.29 43.42 -55.89
N ALA G 64 5.71 44.40 -55.19
CA ALA G 64 6.44 45.07 -54.12
C ALA G 64 6.60 44.10 -52.98
N VAL G 65 5.51 43.38 -52.69
CA VAL G 65 5.49 42.32 -51.70
C VAL G 65 6.58 41.34 -52.05
N GLU G 66 6.40 40.59 -53.14
CA GLU G 66 7.32 39.50 -53.49
C GLU G 66 8.81 39.84 -53.28
N ASN G 67 9.14 41.13 -53.21
CA ASN G 67 10.50 41.54 -52.91
C ASN G 67 10.80 41.63 -51.42
N VAL G 68 9.76 41.56 -50.59
CA VAL G 68 9.90 41.63 -49.14
C VAL G 68 9.70 40.28 -48.44
N LYS G 69 9.29 39.26 -49.19
CA LYS G 69 9.17 37.92 -48.68
C LYS G 69 10.56 37.34 -48.48
N PRO G 70 10.89 36.91 -47.26
CA PRO G 70 12.16 36.26 -46.97
C PRO G 70 12.13 34.79 -47.36
N ARG G 71 13.27 34.26 -47.79
CA ARG G 71 13.34 32.86 -48.17
C ARG G 71 13.90 32.00 -47.03
N MET G 72 14.69 32.59 -46.14
CA MET G 72 15.24 31.86 -44.99
C MET G 72 15.21 32.74 -43.75
N GLU G 73 15.02 32.12 -42.58
CA GLU G 73 15.16 32.85 -41.32
C GLU G 73 15.76 31.96 -40.25
N VAL G 74 16.00 32.54 -39.07
CA VAL G 74 16.57 31.80 -37.94
C VAL G 74 15.57 31.62 -36.81
N ARG G 75 15.41 30.38 -36.36
CA ARG G 75 14.57 30.06 -35.21
C ARG G 75 15.47 29.48 -34.13
N SER G 76 15.33 29.92 -32.88
CA SER G 76 16.21 29.43 -31.83
C SER G 76 15.97 27.94 -31.50
N ARG G 77 16.97 27.32 -30.89
CA ARG G 77 16.85 25.99 -30.27
C ARG G 77 18.04 25.74 -29.33
N ARG G 78 17.74 25.60 -28.04
CA ARG G 78 18.75 25.28 -27.03
C ARG G 78 19.16 23.82 -27.14
N VAL G 79 19.96 23.37 -26.17
CA VAL G 79 20.27 21.96 -25.99
C VAL G 79 20.73 21.76 -24.54
N GLY G 80 21.59 20.77 -24.31
CA GLY G 80 22.27 20.60 -23.04
C GLY G 80 23.60 21.36 -23.03
N GLY G 81 23.50 22.67 -23.29
CA GLY G 81 24.68 23.55 -23.36
C GLY G 81 24.35 25.04 -23.46
N ALA G 82 23.61 25.43 -24.51
CA ALA G 82 23.28 26.85 -24.78
C ALA G 82 22.26 26.98 -25.92
N ASN G 83 21.83 28.22 -26.20
CA ASN G 83 20.81 28.49 -27.23
C ASN G 83 21.44 28.84 -28.59
N TYR G 84 21.06 28.09 -29.63
CA TYR G 84 21.61 28.29 -30.98
C TYR G 84 20.51 28.57 -31.99
N GLN G 85 20.83 29.37 -33.01
CA GLN G 85 19.87 29.84 -33.99
C GLN G 85 20.01 29.07 -35.30
N VAL G 86 19.23 28.00 -35.45
CA VAL G 86 19.23 27.22 -36.67
C VAL G 86 18.52 27.99 -37.78
N PRO G 87 19.20 28.23 -38.91
CA PRO G 87 18.53 28.81 -40.06
C PRO G 87 17.56 27.83 -40.67
N MET G 88 16.36 28.32 -40.92
CA MET G 88 15.24 27.50 -41.36
C MET G 88 14.69 28.12 -42.63
N GLU G 89 14.31 27.27 -43.59
CA GLU G 89 13.60 27.71 -44.79
C GLU G 89 12.27 28.28 -44.32
N VAL G 90 11.62 29.12 -45.11
CA VAL G 90 10.38 29.77 -44.63
C VAL G 90 9.16 29.45 -45.47
N SER G 91 8.16 28.85 -44.83
CA SER G 91 6.96 28.37 -45.54
C SER G 91 6.08 29.51 -46.11
N PRO G 92 5.50 29.27 -47.29
CA PRO G 92 4.70 30.22 -48.06
C PRO G 92 3.72 31.05 -47.26
N ARG G 93 2.98 30.45 -46.32
CA ARG G 93 2.05 31.22 -45.47
C ARG G 93 2.82 32.28 -44.66
N ARG G 94 3.93 31.87 -44.07
CA ARG G 94 4.65 32.77 -43.19
C ARG G 94 5.28 33.90 -44.01
N GLN G 95 5.74 33.58 -45.21
CA GLN G 95 6.32 34.61 -46.07
C GLN G 95 5.35 35.78 -46.20
N GLN G 96 4.11 35.48 -46.58
CA GLN G 96 3.12 36.53 -46.81
C GLN G 96 2.85 37.29 -45.51
N SER G 97 2.66 36.55 -44.42
CA SER G 97 2.41 37.14 -43.09
C SER G 97 3.48 38.19 -42.81
N LEU G 98 4.71 37.78 -43.08
CA LEU G 98 5.85 38.59 -42.69
C LEU G 98 6.06 39.79 -43.58
N ALA G 99 5.94 39.61 -44.90
CA ALA G 99 6.15 40.70 -45.85
C ALA G 99 5.16 41.83 -45.56
N LEU G 100 3.89 41.46 -45.63
CA LEU G 100 2.81 42.40 -45.39
C LEU G 100 2.99 43.05 -44.04
N ARG G 101 3.21 42.25 -43.01
CA ARG G 101 3.47 42.81 -41.70
C ARG G 101 4.56 43.87 -41.80
N TRP G 102 5.72 43.43 -42.28
CA TRP G 102 6.91 44.27 -42.38
C TRP G 102 6.64 45.53 -43.15
N LEU G 103 5.91 45.39 -44.26
CA LEU G 103 5.57 46.54 -45.10
C LEU G 103 5.04 47.71 -44.30
N VAL G 104 4.02 47.44 -43.48
CA VAL G 104 3.31 48.48 -42.75
C VAL G 104 4.19 49.08 -41.70
N GLN G 105 4.88 48.19 -40.97
CA GLN G 105 5.76 48.60 -39.89
C GLN G 105 6.82 49.51 -40.44
N ALA G 106 7.40 49.08 -41.55
CA ALA G 106 8.41 49.84 -42.26
C ALA G 106 7.87 51.20 -42.66
N ALA G 107 6.66 51.18 -43.22
CA ALA G 107 5.96 52.40 -43.64
C ALA G 107 5.83 53.40 -42.49
N ASN G 108 5.12 53.04 -41.43
CA ASN G 108 4.89 53.98 -40.32
C ASN G 108 6.17 54.52 -39.61
N GLN G 109 7.36 54.16 -40.10
CA GLN G 109 8.62 54.77 -39.66
C GLN G 109 9.04 55.96 -40.53
N ARG G 110 8.54 55.96 -41.76
CA ARG G 110 8.82 57.01 -42.72
C ARG G 110 8.41 58.40 -42.23
N PRO G 111 9.00 59.46 -42.82
CA PRO G 111 8.80 60.86 -42.40
C PRO G 111 7.48 61.56 -42.79
N GLU G 112 7.03 61.38 -44.04
CA GLU G 112 5.84 62.09 -44.54
C GLU G 112 4.65 61.86 -43.61
N ARG G 113 3.90 62.92 -43.35
CA ARG G 113 3.00 62.95 -42.19
C ARG G 113 1.68 62.24 -42.45
N ARG G 114 1.42 61.76 -43.66
CA ARG G 114 0.10 61.23 -43.94
C ARG G 114 0.05 59.79 -44.41
N ALA G 115 -0.55 58.97 -43.56
CA ALA G 115 -0.68 57.54 -43.76
C ALA G 115 -0.66 57.08 -45.22
N ALA G 116 -1.48 57.70 -46.07
CA ALA G 116 -1.63 57.28 -47.46
C ALA G 116 -0.33 57.40 -48.27
N VAL G 117 0.35 58.53 -48.08
CA VAL G 117 1.66 58.81 -48.68
C VAL G 117 2.64 57.67 -48.32
N ARG G 118 2.81 57.44 -47.03
CA ARG G 118 3.84 56.53 -46.53
C ARG G 118 3.65 55.15 -47.10
N ILE G 119 2.44 54.65 -47.01
CA ILE G 119 2.12 53.35 -47.56
C ILE G 119 2.55 53.31 -49.02
N ALA G 120 2.22 54.39 -49.73
CA ALA G 120 2.50 54.47 -51.15
C ALA G 120 4.00 54.43 -51.37
N HIS G 121 4.72 55.47 -50.92
CA HIS G 121 6.17 55.57 -51.16
C HIS G 121 6.90 54.27 -50.81
N GLU G 122 6.60 53.73 -49.63
CA GLU G 122 7.17 52.46 -49.15
C GLU G 122 6.89 51.32 -50.12
N LEU G 123 5.64 51.18 -50.52
CA LEU G 123 5.28 50.22 -51.57
C LEU G 123 6.13 50.49 -52.80
N MET G 124 6.11 51.74 -53.26
CA MET G 124 6.88 52.17 -54.41
C MET G 124 8.37 51.90 -54.17
N ASP G 125 8.90 52.38 -53.05
CA ASP G 125 10.32 52.16 -52.70
C ASP G 125 10.69 50.67 -52.65
N ALA G 126 9.73 49.82 -52.31
CA ALA G 126 10.01 48.41 -52.17
C ALA G 126 9.78 47.67 -53.49
N ALA G 127 9.11 48.33 -54.43
CA ALA G 127 8.94 47.77 -55.76
C ALA G 127 10.25 47.93 -56.49
N GLU G 128 10.81 49.13 -56.37
CA GLU G 128 12.14 49.42 -56.88
C GLU G 128 13.11 48.52 -56.16
N GLY G 129 13.03 48.51 -54.83
CA GLY G 129 13.79 47.57 -54.02
C GLY G 129 14.65 48.24 -52.99
N LYS G 130 14.47 49.55 -52.80
CA LYS G 130 15.32 50.34 -51.91
C LYS G 130 14.68 50.60 -50.53
N GLY G 131 13.53 49.97 -50.29
CA GLY G 131 12.79 50.16 -49.05
C GLY G 131 13.49 49.69 -47.78
N GLY G 132 13.24 50.40 -46.68
CA GLY G 132 13.60 49.94 -45.33
C GLY G 132 12.76 48.76 -44.88
N ALA G 133 11.65 48.51 -45.58
CA ALA G 133 10.94 47.24 -45.45
C ALA G 133 11.85 46.12 -45.95
N VAL G 134 12.51 46.36 -47.08
CA VAL G 134 13.35 45.32 -47.65
C VAL G 134 14.66 45.16 -46.87
N LYS G 135 15.06 46.15 -46.08
CA LYS G 135 16.19 45.95 -45.16
C LYS G 135 15.92 44.84 -44.12
N LYS G 136 14.80 44.96 -43.41
CA LYS G 136 14.36 43.92 -42.47
C LYS G 136 14.27 42.57 -43.16
N LYS G 137 14.31 42.56 -44.48
CA LYS G 137 14.25 41.33 -45.24
C LYS G 137 15.61 40.80 -45.58
N GLU G 138 16.50 41.67 -46.05
CA GLU G 138 17.86 41.28 -46.35
C GLU G 138 18.58 40.92 -45.03
N ASP G 139 18.19 41.57 -43.92
CA ASP G 139 18.84 41.34 -42.62
C ASP G 139 18.62 39.94 -42.09
N VAL G 140 17.45 39.36 -42.34
CA VAL G 140 17.19 38.00 -41.88
C VAL G 140 17.90 36.99 -42.78
N GLU G 141 17.85 37.21 -44.09
CA GLU G 141 18.58 36.34 -45.01
C GLU G 141 20.06 36.33 -44.65
N ARG G 142 20.55 37.49 -44.23
CA ARG G 142 21.92 37.66 -43.77
C ARG G 142 22.14 37.12 -42.36
N MET G 143 21.09 37.10 -41.53
CA MET G 143 21.24 36.57 -40.17
C MET G 143 21.19 35.05 -40.18
N ALA G 144 20.57 34.45 -41.20
CA ALA G 144 20.86 33.06 -41.57
C ALA G 144 22.21 33.15 -42.24
N GLU G 145 22.65 32.13 -42.96
CA GLU G 145 23.97 32.23 -43.60
C GLU G 145 25.09 32.46 -42.57
N ALA G 146 24.98 33.54 -41.79
CA ALA G 146 25.86 33.81 -40.66
C ALA G 146 25.83 32.68 -39.61
N ASN G 147 24.70 31.98 -39.55
CA ASN G 147 24.60 30.80 -38.70
C ASN G 147 24.60 29.51 -39.50
N ARG G 148 25.01 29.58 -40.75
CA ARG G 148 25.05 28.42 -41.66
C ARG G 148 25.73 27.22 -41.03
N ALA G 149 26.57 27.48 -40.03
CA ALA G 149 27.24 26.42 -39.29
C ALA G 149 26.23 25.45 -38.62
N TYR G 150 25.03 25.97 -38.34
CA TYR G 150 24.04 25.24 -37.55
C TYR G 150 22.88 24.58 -38.32
N ALA G 151 22.85 24.73 -39.63
CA ALA G 151 21.79 24.11 -40.42
C ALA G 151 22.08 22.62 -40.61
N HIS G 152 22.40 21.94 -39.52
CA HIS G 152 22.47 20.48 -39.52
C HIS G 152 21.62 19.94 -38.37
N TYR G 153 20.98 20.86 -37.65
CA TYR G 153 19.90 20.52 -36.75
C TYR G 153 18.60 20.40 -37.57
N ARG G 154 17.94 21.53 -37.83
CA ARG G 154 16.69 21.58 -38.64
C ARG G 154 15.58 20.62 -38.18
N TRP G 155 14.57 21.17 -37.49
CA TRP G 155 13.44 20.39 -36.99
C TRP G 155 12.11 21.14 -37.16
N MET H 1 26.34 -44.04 -1.91
CA MET H 1 26.23 -45.39 -1.29
C MET H 1 24.81 -45.61 -0.78
N LEU H 2 24.31 -44.61 -0.01
CA LEU H 2 22.99 -44.55 0.65
C LEU H 2 23.21 -44.57 2.17
N THR H 3 22.70 -43.60 2.92
CA THR H 3 22.98 -43.63 4.38
C THR H 3 21.91 -44.29 5.26
N ASP H 4 20.65 -44.14 4.90
CA ASP H 4 19.64 -44.90 5.58
C ASP H 4 18.71 -45.59 4.60
N PRO H 5 19.02 -46.84 4.24
CA PRO H 5 18.18 -47.65 3.39
C PRO H 5 16.73 -47.67 3.80
N ILE H 6 16.45 -47.78 5.09
CA ILE H 6 15.05 -47.79 5.52
C ILE H 6 14.40 -46.43 5.32
N ALA H 7 15.08 -45.39 5.77
CA ALA H 7 14.54 -44.06 5.63
C ALA H 7 14.34 -43.69 4.17
N ASP H 8 15.22 -44.20 3.34
CA ASP H 8 15.11 -43.92 1.94
C ASP H 8 13.85 -44.56 1.46
N MET H 9 13.61 -45.79 1.91
CA MET H 9 12.41 -46.52 1.50
C MET H 9 11.14 -45.75 1.86
N LEU H 10 11.00 -45.43 3.14
CA LEU H 10 9.81 -44.67 3.59
C LEU H 10 9.57 -43.48 2.68
N THR H 11 10.65 -42.89 2.21
CA THR H 11 10.60 -41.71 1.39
C THR H 11 10.14 -42.05 0.01
N ARG H 12 10.84 -42.96 -0.66
CA ARG H 12 10.40 -43.46 -1.95
C ARG H 12 8.89 -43.64 -1.99
N ILE H 13 8.38 -44.37 -0.99
CA ILE H 13 6.93 -44.54 -0.76
C ILE H 13 6.24 -43.17 -0.60
N ARG H 14 6.73 -42.34 0.31
CA ARG H 14 6.15 -41.01 0.54
C ARG H 14 6.06 -40.24 -0.78
N ASN H 15 7.14 -40.25 -1.53
CA ASN H 15 7.23 -39.47 -2.75
C ASN H 15 6.26 -40.00 -3.81
N ALA H 16 6.28 -41.32 -4.05
CA ALA H 16 5.38 -41.97 -5.03
C ALA H 16 3.91 -41.69 -4.80
N THR H 17 3.47 -41.86 -3.57
CA THR H 17 2.09 -41.64 -3.22
C THR H 17 1.60 -40.23 -3.51
N ARG H 18 2.43 -39.20 -3.35
CA ARG H 18 1.92 -37.80 -3.50
C ARG H 18 1.68 -37.36 -4.95
N VAL H 19 2.30 -38.08 -5.87
CA VAL H 19 2.00 -37.99 -7.29
C VAL H 19 1.06 -39.12 -7.74
N TYR H 20 0.64 -39.95 -6.78
CA TYR H 20 -0.30 -41.03 -6.96
C TYR H 20 0.15 -42.11 -7.91
N LYS H 21 1.43 -42.39 -7.90
CA LYS H 21 1.93 -43.49 -8.72
C LYS H 21 1.20 -44.79 -8.36
N GLU H 22 1.08 -45.71 -9.29
CA GLU H 22 0.46 -47.00 -8.95
C GLU H 22 1.48 -47.90 -8.26
N SER H 23 2.77 -47.65 -8.49
CA SER H 23 3.79 -48.54 -8.02
C SER H 23 5.17 -47.85 -7.83
N THR H 24 6.03 -48.44 -7.00
CA THR H 24 7.41 -47.96 -6.77
C THR H 24 8.29 -49.15 -6.60
N ASP H 25 9.55 -49.06 -7.02
CA ASP H 25 10.51 -50.04 -6.57
C ASP H 25 11.30 -49.45 -5.42
N VAL H 26 12.00 -50.33 -4.72
CA VAL H 26 12.94 -49.98 -3.67
C VAL H 26 13.92 -51.13 -3.64
N PRO H 27 15.21 -50.84 -3.68
CA PRO H 27 16.11 -51.97 -3.72
C PRO H 27 15.93 -52.81 -2.50
N ALA H 28 16.20 -54.10 -2.65
CA ALA H 28 15.68 -55.11 -1.76
C ALA H 28 16.62 -55.48 -0.62
N SER H 29 16.04 -55.52 0.59
CA SER H 29 16.71 -56.09 1.75
C SER H 29 15.67 -56.83 2.57
N ARG H 30 16.11 -57.87 3.25
CA ARG H 30 15.22 -58.67 4.06
C ARG H 30 14.57 -57.82 5.15
N PHE H 31 15.34 -56.91 5.74
CA PHE H 31 14.78 -56.03 6.77
C PHE H 31 13.74 -55.11 6.15
N LYS H 32 13.99 -54.62 4.94
CA LYS H 32 12.98 -53.85 4.24
C LYS H 32 11.69 -54.65 4.04
N GLU H 33 11.86 -55.93 3.68
CA GLU H 33 10.71 -56.82 3.48
C GLU H 33 9.88 -56.87 4.74
N GLU H 34 10.56 -56.97 5.88
CA GLU H 34 9.85 -57.18 7.12
C GLU H 34 9.01 -55.96 7.48
N ILE H 35 9.51 -54.78 7.17
CA ILE H 35 8.72 -53.60 7.40
C ILE H 35 7.51 -53.60 6.46
N LEU H 36 7.74 -53.98 5.20
CA LEU H 36 6.68 -53.94 4.17
C LEU H 36 5.43 -54.75 4.52
N ARG H 37 5.66 -55.96 5.04
CA ARG H 37 4.60 -56.85 5.46
C ARG H 37 3.73 -56.27 6.56
N ILE H 38 4.28 -55.36 7.35
CA ILE H 38 3.49 -54.67 8.34
C ILE H 38 2.56 -53.72 7.62
N LEU H 39 3.13 -52.83 6.81
CA LEU H 39 2.33 -51.89 6.05
C LEU H 39 1.24 -52.69 5.37
N ALA H 40 1.66 -53.78 4.71
CA ALA H 40 0.76 -54.67 4.01
C ALA H 40 -0.37 -55.19 4.93
N ARG H 41 0.00 -56.00 5.92
CA ARG H 41 -0.95 -56.50 6.93
C ARG H 41 -1.85 -55.42 7.55
N GLU H 42 -1.33 -54.22 7.78
CA GLU H 42 -2.08 -53.20 8.50
C GLU H 42 -2.87 -52.28 7.59
N GLY H 43 -2.85 -52.58 6.28
CA GLY H 43 -3.74 -51.96 5.29
C GLY H 43 -3.28 -50.70 4.57
N PHE H 44 -1.97 -50.43 4.54
CA PHE H 44 -1.44 -49.17 3.95
C PHE H 44 -0.99 -49.36 2.53
N ILE H 45 -0.47 -50.55 2.25
CA ILE H 45 -0.17 -50.88 0.89
C ILE H 45 -1.03 -52.04 0.43
N LYS H 46 -1.39 -52.01 -0.86
CA LYS H 46 -1.99 -53.15 -1.54
C LYS H 46 -1.11 -54.37 -1.36
N GLY H 47 0.21 -54.19 -1.43
CA GLY H 47 1.16 -55.29 -1.19
C GLY H 47 2.47 -55.06 -1.93
N TYR H 48 3.48 -55.83 -1.60
CA TYR H 48 4.72 -55.75 -2.33
C TYR H 48 4.94 -57.01 -3.10
N GLU H 49 5.96 -57.08 -3.92
CA GLU H 49 6.41 -58.37 -4.41
C GLU H 49 7.83 -58.24 -4.90
N ARG H 50 8.60 -59.32 -4.90
CA ARG H 50 10.00 -59.22 -5.32
C ARG H 50 10.02 -59.21 -6.81
N VAL H 51 10.93 -58.41 -7.39
CA VAL H 51 11.27 -58.49 -8.80
C VAL H 51 12.76 -58.25 -8.87
N ASP H 52 13.37 -58.59 -10.01
CA ASP H 52 14.75 -58.26 -10.31
C ASP H 52 14.75 -57.28 -11.48
N VAL H 53 15.12 -56.03 -11.25
CA VAL H 53 15.15 -55.05 -12.33
C VAL H 53 16.59 -54.67 -12.69
N ASP H 54 16.86 -54.64 -13.99
CA ASP H 54 18.22 -54.53 -14.54
C ASP H 54 19.20 -55.53 -13.91
N GLY H 55 18.67 -56.66 -13.44
CA GLY H 55 19.50 -57.77 -12.98
C GLY H 55 19.65 -57.86 -11.49
N LYS H 56 19.06 -56.91 -10.76
CA LYS H 56 19.26 -56.84 -9.32
C LYS H 56 17.93 -56.74 -8.55
N PRO H 57 17.89 -57.34 -7.35
CA PRO H 57 16.64 -57.48 -6.57
C PRO H 57 16.07 -56.16 -6.07
N TYR H 58 14.81 -55.93 -6.39
CA TYR H 58 14.06 -54.80 -5.86
C TYR H 58 12.79 -55.36 -5.29
N LEU H 59 12.01 -54.52 -4.63
CA LEU H 59 10.70 -54.92 -4.18
C LEU H 59 9.73 -53.98 -4.83
N ARG H 60 8.78 -54.51 -5.59
CA ARG H 60 7.78 -53.64 -6.17
C ARG H 60 6.65 -53.40 -5.18
N VAL H 61 6.53 -52.16 -4.74
CA VAL H 61 5.51 -51.82 -3.77
C VAL H 61 4.30 -51.23 -4.50
N TYR H 62 3.14 -51.80 -4.20
CA TYR H 62 1.88 -51.41 -4.85
C TYR H 62 1.09 -50.51 -3.93
N LEU H 63 0.90 -49.26 -4.30
CA LEU H 63 0.31 -48.27 -3.40
C LEU H 63 -1.19 -48.32 -3.47
N LYS H 64 -1.84 -47.57 -2.59
CA LYS H 64 -3.24 -47.77 -2.27
C LYS H 64 -3.81 -46.44 -1.78
N TYR H 65 -4.87 -45.97 -2.43
CA TYR H 65 -5.41 -44.65 -2.14
C TYR H 65 -6.87 -44.66 -1.76
N GLY H 66 -7.57 -43.58 -2.06
CA GLY H 66 -8.97 -43.46 -1.75
C GLY H 66 -9.78 -43.36 -3.03
N PRO H 67 -11.07 -43.01 -2.89
CA PRO H 67 -11.94 -42.73 -4.03
C PRO H 67 -11.74 -41.29 -4.55
N ARG H 68 -11.82 -41.13 -5.87
CA ARG H 68 -11.78 -39.81 -6.52
C ARG H 68 -12.73 -38.91 -5.78
N ARG H 69 -12.24 -37.79 -5.28
CA ARG H 69 -13.06 -36.97 -4.41
C ARG H 69 -13.89 -35.98 -5.20
N GLN H 70 -14.71 -35.23 -4.49
CA GLN H 70 -15.78 -34.49 -5.12
C GLN H 70 -15.32 -33.28 -5.90
N GLY H 71 -15.09 -32.15 -5.24
CA GLY H 71 -15.08 -30.82 -5.90
C GLY H 71 -13.86 -30.41 -6.74
N PRO H 72 -13.38 -29.16 -6.56
CA PRO H 72 -12.17 -28.77 -7.29
C PRO H 72 -10.99 -29.42 -6.62
N ASP H 73 -10.10 -30.03 -7.40
CA ASP H 73 -9.13 -31.01 -6.84
C ASP H 73 -9.84 -32.31 -6.42
N PRO H 74 -9.96 -33.25 -7.36
CA PRO H 74 -10.51 -34.57 -7.17
C PRO H 74 -9.46 -35.59 -6.76
N ARG H 75 -8.28 -35.13 -6.37
CA ARG H 75 -7.26 -36.09 -6.04
C ARG H 75 -7.72 -36.87 -4.80
N PRO H 76 -7.47 -38.17 -4.81
CA PRO H 76 -7.89 -39.07 -3.75
C PRO H 76 -7.22 -38.75 -2.44
N GLU H 77 -7.86 -39.12 -1.35
CA GLU H 77 -7.21 -39.11 -0.04
C GLU H 77 -6.09 -40.14 -0.03
N GLN H 78 -5.03 -39.85 0.70
CA GLN H 78 -3.93 -40.80 0.81
C GLN H 78 -4.33 -41.81 1.86
N VAL H 79 -3.93 -43.07 1.68
CA VAL H 79 -4.06 -44.06 2.76
C VAL H 79 -2.90 -43.87 3.76
N ILE H 80 -1.69 -43.73 3.23
CA ILE H 80 -0.56 -43.30 4.00
C ILE H 80 -0.43 -41.79 3.94
N HIS H 81 -0.92 -41.10 4.96
CA HIS H 81 -0.85 -39.63 5.03
C HIS H 81 0.49 -39.18 5.58
N HIS H 82 1.12 -40.04 6.37
CA HIS H 82 2.27 -39.63 7.18
C HIS H 82 3.11 -40.86 7.49
N ILE H 83 4.17 -41.04 6.72
CA ILE H 83 5.15 -42.05 7.05
C ILE H 83 6.48 -41.34 7.36
N ARG H 84 7.07 -41.66 8.52
CA ARG H 84 8.19 -40.87 9.08
C ARG H 84 9.21 -41.71 9.84
N ARG H 85 10.48 -41.59 9.45
CA ARG H 85 11.55 -42.31 10.09
C ARG H 85 11.79 -41.68 11.44
N ILE H 86 12.07 -42.54 12.42
CA ILE H 86 12.32 -42.12 13.80
C ILE H 86 13.75 -42.39 14.19
N SER H 87 14.18 -43.63 14.12
CA SER H 87 15.50 -43.93 14.61
C SER H 87 16.47 -43.86 13.47
N LYS H 88 17.02 -42.67 13.25
CA LYS H 88 18.01 -42.43 12.22
C LYS H 88 19.44 -42.83 12.66
N PRO H 89 20.30 -43.14 11.69
CA PRO H 89 21.71 -43.48 12.04
C PRO H 89 22.45 -42.41 12.87
N GLY H 90 22.05 -41.16 12.70
CA GLY H 90 22.56 -40.07 13.53
C GLY H 90 22.16 -40.26 14.97
N ARG H 91 20.85 -40.24 15.23
CA ARG H 91 20.31 -40.50 16.57
C ARG H 91 19.41 -41.72 16.62
N ARG H 92 20.02 -42.83 16.99
CA ARG H 92 19.33 -44.08 17.27
C ARG H 92 18.35 -43.96 18.46
N VAL H 93 17.18 -44.57 18.32
CA VAL H 93 16.07 -44.47 19.29
C VAL H 93 15.60 -45.84 19.79
N TYR H 94 15.48 -45.97 21.11
CA TYR H 94 15.03 -47.22 21.73
C TYR H 94 14.02 -46.99 22.87
N VAL H 95 12.81 -47.49 22.70
CA VAL H 95 11.89 -47.54 23.80
C VAL H 95 11.92 -48.93 24.40
N GLY H 96 11.72 -48.97 25.70
CA GLY H 96 11.33 -50.18 26.40
C GLY H 96 9.83 -50.29 26.29
N VAL H 97 9.30 -51.40 26.76
CA VAL H 97 7.89 -51.72 26.53
C VAL H 97 6.98 -50.74 27.24
N LYS H 98 7.51 -50.07 28.24
CA LYS H 98 6.75 -49.13 29.03
C LYS H 98 6.57 -47.83 28.27
N GLU H 99 7.47 -47.55 27.33
CA GLU H 99 7.59 -46.25 26.66
C GLU H 99 7.21 -46.35 25.18
N ILE H 100 6.70 -47.49 24.76
CA ILE H 100 6.23 -47.63 23.38
C ILE H 100 5.06 -46.66 23.19
N PRO H 101 5.19 -45.74 22.25
CA PRO H 101 4.18 -44.70 22.02
C PRO H 101 2.96 -45.24 21.28
N ARG H 102 1.78 -44.71 21.60
CA ARG H 102 0.56 -45.06 20.85
C ARG H 102 0.20 -43.96 19.82
N VAL H 103 0.54 -44.28 18.57
CA VAL H 103 0.42 -43.38 17.44
C VAL H 103 -1.01 -43.02 17.13
N ARG H 104 -1.43 -41.86 17.63
CA ARG H 104 -2.62 -41.20 17.12
C ARG H 104 -3.88 -41.89 17.62
N ARG H 105 -4.04 -41.90 18.94
CA ARG H 105 -5.09 -42.66 19.61
C ARG H 105 -5.37 -44.01 18.90
N GLY H 106 -4.31 -44.65 18.45
CA GLY H 106 -4.41 -45.99 17.91
C GLY H 106 -4.63 -46.06 16.42
N LEU H 107 -5.14 -44.99 15.82
CA LEU H 107 -5.46 -45.00 14.39
C LEU H 107 -4.19 -45.06 13.54
N GLY H 108 -3.06 -44.81 14.19
CA GLY H 108 -1.76 -44.94 13.58
C GLY H 108 -1.17 -46.28 13.90
N ILE H 109 0.15 -46.34 13.92
CA ILE H 109 0.90 -47.59 14.03
C ILE H 109 2.37 -47.16 14.21
N ALA H 110 3.17 -47.97 14.86
CA ALA H 110 4.60 -47.67 14.90
C ALA H 110 5.42 -48.91 14.65
N ILE H 111 5.93 -49.08 13.45
CA ILE H 111 6.82 -50.21 13.20
C ILE H 111 8.02 -50.05 14.13
N LEU H 112 8.45 -51.16 14.72
CA LEU H 112 9.33 -51.15 15.88
C LEU H 112 10.07 -52.47 15.98
N SER H 113 11.40 -52.46 15.90
CA SER H 113 12.18 -53.71 15.75
C SER H 113 12.69 -54.23 17.08
N THR H 114 12.35 -55.50 17.38
CA THR H 114 12.65 -56.18 18.66
C THR H 114 13.40 -57.49 18.43
N SER H 115 13.80 -58.13 19.53
CA SER H 115 14.44 -59.45 19.46
C SER H 115 13.43 -60.55 19.18
N LYS H 116 12.15 -60.22 19.32
CA LYS H 116 11.10 -61.11 18.85
C LYS H 116 10.80 -60.79 17.38
N GLY H 117 11.39 -59.73 16.85
CA GLY H 117 11.26 -59.38 15.43
C GLY H 117 10.52 -58.08 15.17
N VAL H 118 10.37 -57.75 13.89
CA VAL H 118 9.75 -56.49 13.46
C VAL H 118 8.26 -56.49 13.76
N LEU H 119 7.77 -55.50 14.47
CA LEU H 119 6.41 -55.55 14.99
C LEU H 119 5.73 -54.24 14.95
N THR H 120 4.40 -54.26 14.99
CA THR H 120 3.65 -53.07 15.25
C THR H 120 3.80 -52.85 16.73
N ASP H 121 3.28 -51.72 17.19
CA ASP H 121 3.33 -51.37 18.59
C ASP H 121 2.41 -52.26 19.41
N ARG H 122 1.19 -52.54 18.94
CA ARG H 122 0.31 -53.39 19.71
C ARG H 122 0.87 -54.79 19.74
N GLU H 123 1.34 -55.29 18.61
CA GLU H 123 1.97 -56.60 18.57
C GLU H 123 3.05 -56.70 19.67
N ALA H 124 3.84 -55.65 19.82
CA ALA H 124 5.02 -55.70 20.68
C ALA H 124 4.64 -55.47 22.11
N ARG H 125 3.53 -54.79 22.31
CA ARG H 125 3.06 -54.51 23.64
C ARG H 125 2.55 -55.83 24.17
N LYS H 126 1.75 -56.49 23.33
CA LYS H 126 1.19 -57.79 23.61
C LYS H 126 2.26 -58.83 23.88
N LEU H 127 3.24 -58.96 22.99
CA LEU H 127 4.43 -59.81 23.23
C LEU H 127 5.33 -59.36 24.39
N GLY H 128 5.09 -58.14 24.91
CA GLY H 128 5.81 -57.56 26.06
C GLY H 128 7.29 -57.28 25.84
N VAL H 129 7.64 -56.59 24.74
CA VAL H 129 9.04 -56.31 24.44
C VAL H 129 9.23 -54.97 23.74
N GLY H 130 10.31 -54.26 24.09
CA GLY H 130 10.63 -52.98 23.46
C GLY H 130 11.68 -53.14 22.37
N GLY H 131 12.24 -52.02 21.91
CA GLY H 131 13.37 -52.08 20.99
C GLY H 131 13.54 -50.80 20.18
N GLU H 132 14.11 -50.93 18.98
CA GLU H 132 14.46 -49.78 18.13
C GLU H 132 13.21 -49.18 17.48
N LEU H 133 12.82 -47.98 17.92
CA LEU H 133 11.60 -47.39 17.39
C LEU H 133 11.83 -46.92 15.96
N ILE H 134 11.45 -47.78 15.02
CA ILE H 134 11.81 -47.64 13.61
C ILE H 134 11.24 -46.46 12.84
N CYS H 135 9.96 -46.22 13.02
CA CYS H 135 9.27 -45.21 12.26
C CYS H 135 7.82 -45.26 12.72
N GLU H 136 6.98 -44.45 12.10
CA GLU H 136 5.59 -44.42 12.45
C GLU H 136 4.80 -44.07 11.22
N VAL H 137 3.57 -44.57 11.11
CA VAL H 137 2.68 -44.35 9.94
C VAL H 137 1.27 -44.01 10.34
N TRP H 138 0.56 -43.28 9.47
CA TRP H 138 -0.89 -43.08 9.62
C TRP H 138 -1.50 -42.26 8.53
N GLU I 1 -43.98 41.30 -61.19
CA GLU I 1 -44.17 42.69 -60.69
C GLU I 1 -43.40 42.96 -59.40
N GLN I 2 -43.15 41.91 -58.61
CA GLN I 2 -42.60 42.07 -57.27
C GLN I 2 -42.06 40.76 -56.69
N TYR I 3 -40.89 40.83 -56.06
CA TYR I 3 -40.31 39.67 -55.40
C TYR I 3 -39.61 40.14 -54.11
N TYR I 4 -39.52 39.25 -53.12
CA TYR I 4 -39.11 39.67 -51.77
C TYR I 4 -38.44 38.58 -50.95
N GLY I 5 -37.55 39.04 -50.07
CA GLY I 5 -36.88 38.19 -49.11
C GLY I 5 -36.58 38.96 -47.84
N THR I 6 -36.33 38.22 -46.76
CA THR I 6 -35.92 38.81 -45.48
C THR I 6 -34.45 38.58 -45.23
N GLY I 7 -33.70 39.69 -45.11
CA GLY I 7 -32.30 39.66 -44.73
C GLY I 7 -32.11 40.09 -43.28
N ARG I 8 -31.28 39.35 -42.55
CA ARG I 8 -30.90 39.69 -41.18
C ARG I 8 -29.39 39.48 -40.97
N ARG I 9 -28.80 40.26 -40.06
CA ARG I 9 -27.41 40.00 -39.64
C ARG I 9 -26.97 40.76 -38.40
N LYS I 10 -26.86 40.07 -37.26
CA LYS I 10 -26.34 40.65 -36.02
C LYS I 10 -27.31 41.70 -35.47
N GLU I 11 -28.53 41.27 -35.18
CA GLU I 11 -29.59 42.19 -34.70
C GLU I 11 -29.85 43.37 -35.66
N ALA I 12 -29.85 43.06 -36.96
CA ALA I 12 -30.10 44.03 -38.02
C ALA I 12 -30.87 43.34 -39.12
N VAL I 13 -32.01 43.92 -39.49
CA VAL I 13 -33.03 43.25 -40.34
C VAL I 13 -33.45 44.06 -41.58
N ALA I 14 -33.61 43.39 -42.73
CA ALA I 14 -33.91 44.09 -43.98
C ALA I 14 -35.11 43.54 -44.76
N ARG I 15 -36.20 44.33 -44.80
CA ARG I 15 -37.30 44.11 -45.75
C ARG I 15 -36.75 44.44 -47.12
N VAL I 16 -36.72 43.48 -48.04
CA VAL I 16 -36.19 43.73 -49.37
C VAL I 16 -37.16 43.41 -50.50
N PHE I 17 -37.69 44.46 -51.13
CA PHE I 17 -38.64 44.33 -52.24
C PHE I 17 -37.95 44.58 -53.58
N LEU I 18 -38.00 43.59 -54.46
CA LEU I 18 -37.39 43.70 -55.79
C LEU I 18 -38.43 43.99 -56.85
N ARG I 19 -38.02 44.72 -57.87
CA ARG I 19 -38.83 44.97 -59.07
C ARG I 19 -37.88 44.97 -60.25
N PRO I 20 -38.38 44.71 -61.47
CA PRO I 20 -37.47 44.81 -62.61
C PRO I 20 -37.45 46.26 -63.11
N GLY I 21 -36.35 46.64 -63.79
CA GLY I 21 -36.23 47.96 -64.42
C GLY I 21 -35.15 48.93 -63.93
N ASN I 22 -34.75 49.82 -64.84
CA ASN I 22 -33.92 50.99 -64.51
C ASN I 22 -32.59 50.63 -63.79
N GLY I 23 -32.54 50.79 -62.47
CA GLY I 23 -31.31 50.52 -61.69
C GLY I 23 -31.26 51.15 -60.31
N LYS I 24 -32.30 51.89 -59.94
CA LYS I 24 -32.33 52.63 -58.69
C LYS I 24 -32.66 51.72 -57.51
N VAL I 25 -32.19 52.11 -56.32
CA VAL I 25 -32.39 51.34 -55.10
C VAL I 25 -32.70 52.25 -53.92
N THR I 26 -33.89 52.11 -53.36
CA THR I 26 -34.30 52.98 -52.28
C THR I 26 -34.04 52.33 -50.94
N VAL I 27 -33.55 53.12 -49.99
CA VAL I 27 -33.38 52.66 -48.62
C VAL I 27 -33.84 53.74 -47.65
N ASN I 28 -34.95 53.48 -46.98
CA ASN I 28 -35.45 54.36 -45.93
C ASN I 28 -35.59 55.81 -46.36
N GLY I 29 -36.23 56.01 -47.51
CA GLY I 29 -36.50 57.33 -48.02
C GLY I 29 -35.22 58.02 -48.44
N GLN I 30 -34.22 57.22 -48.79
CA GLN I 30 -32.95 57.76 -49.24
C GLN I 30 -32.36 56.89 -50.34
N ASP I 31 -31.57 57.54 -51.19
CA ASP I 31 -30.80 56.81 -52.17
C ASP I 31 -29.79 55.97 -51.41
N PHE I 32 -29.40 54.86 -52.00
CA PHE I 32 -28.28 54.04 -51.51
C PHE I 32 -27.07 54.88 -51.10
N ASN I 33 -26.44 55.54 -52.07
CA ASN I 33 -25.18 56.23 -51.84
C ASN I 33 -25.32 57.52 -51.04
N GLU I 34 -26.50 57.80 -50.51
CA GLU I 34 -26.60 58.87 -49.53
C GLU I 34 -26.62 58.27 -48.13
N TYR I 35 -27.10 57.03 -48.02
CA TYR I 35 -27.20 56.33 -46.73
C TYR I 35 -25.89 55.60 -46.43
N PHE I 36 -25.38 54.87 -47.42
CA PHE I 36 -24.10 54.18 -47.31
C PHE I 36 -23.00 55.03 -47.93
N GLN I 37 -23.02 56.32 -47.60
CA GLN I 37 -22.21 57.32 -48.30
C GLN I 37 -20.80 57.34 -47.76
N GLY I 38 -19.83 57.12 -48.64
CA GLY I 38 -18.44 57.06 -48.22
C GLY I 38 -18.16 55.92 -47.25
N LEU I 39 -18.84 54.79 -47.44
CA LEU I 39 -18.56 53.57 -46.69
C LEU I 39 -18.22 52.47 -47.68
N VAL I 40 -16.92 52.24 -47.80
CA VAL I 40 -16.37 51.39 -48.86
C VAL I 40 -17.08 50.06 -49.12
N ARG I 41 -17.45 49.34 -48.07
CA ARG I 41 -17.98 47.97 -48.25
C ARG I 41 -19.46 47.88 -48.68
N ALA I 42 -20.14 49.02 -48.83
CA ALA I 42 -21.58 49.05 -49.19
C ALA I 42 -21.89 48.25 -50.45
N VAL I 43 -21.07 48.45 -51.46
CA VAL I 43 -21.28 47.86 -52.77
C VAL I 43 -21.33 46.34 -52.70
N ALA I 44 -20.75 45.77 -51.65
CA ALA I 44 -20.85 44.32 -51.39
C ALA I 44 -22.29 43.86 -51.40
N ALA I 45 -23.15 44.66 -50.75
CA ALA I 45 -24.56 44.32 -50.59
C ALA I 45 -25.27 43.85 -51.88
N LEU I 46 -24.73 44.23 -53.04
CA LEU I 46 -25.40 43.96 -54.31
C LEU I 46 -24.63 42.96 -55.15
N GLU I 47 -23.58 42.37 -54.58
CA GLU I 47 -22.89 41.28 -55.26
C GLU I 47 -23.80 40.08 -55.57
N PRO I 48 -24.98 39.96 -54.89
CA PRO I 48 -25.92 38.95 -55.40
C PRO I 48 -26.33 39.17 -56.86
N LEU I 49 -26.74 40.41 -57.16
CA LEU I 49 -27.12 40.79 -58.51
C LEU I 49 -25.94 40.54 -59.43
N ARG I 50 -24.80 41.17 -59.13
CA ARG I 50 -23.59 41.03 -59.94
C ARG I 50 -23.17 39.59 -60.21
N ALA I 51 -23.74 38.63 -59.46
CA ALA I 51 -23.45 37.21 -59.66
C ALA I 51 -24.27 36.65 -60.81
N VAL I 52 -25.58 36.86 -60.72
CA VAL I 52 -26.56 36.29 -61.66
C VAL I 52 -26.82 37.16 -62.90
N ASP I 53 -26.08 38.26 -63.01
CA ASP I 53 -26.25 39.26 -64.07
C ASP I 53 -27.57 40.06 -63.98
N ALA I 54 -28.17 40.09 -62.78
CA ALA I 54 -29.34 40.93 -62.52
C ALA I 54 -28.91 42.38 -62.42
N LEU I 55 -27.64 42.58 -62.12
CA LEU I 55 -26.91 43.84 -62.28
C LEU I 55 -27.63 45.10 -61.76
N GLY I 56 -28.36 45.76 -62.64
CA GLY I 56 -29.22 46.89 -62.30
C GLY I 56 -30.51 46.84 -63.10
N ARG I 57 -30.81 45.69 -63.71
CA ARG I 57 -32.08 45.48 -64.39
C ARG I 57 -33.16 45.20 -63.35
N PHE I 58 -32.94 45.68 -62.14
CA PHE I 58 -33.85 45.55 -61.03
C PHE I 58 -33.89 46.85 -60.26
N ASP I 59 -35.02 47.14 -59.63
CA ASP I 59 -35.11 48.22 -58.69
C ASP I 59 -35.36 47.56 -57.35
N ALA I 60 -35.03 48.26 -56.27
CA ALA I 60 -35.21 47.69 -54.94
C ALA I 60 -35.53 48.75 -53.92
N TYR I 61 -36.69 48.62 -53.32
CA TYR I 61 -37.09 49.44 -52.20
C TYR I 61 -36.75 48.60 -51.01
N ILE I 62 -35.92 49.13 -50.12
CA ILE I 62 -35.48 48.41 -48.95
C ILE I 62 -35.61 49.24 -47.69
N THR I 63 -36.47 48.81 -46.78
CA THR I 63 -36.37 49.36 -45.43
C THR I 63 -35.53 48.42 -44.63
N VAL I 64 -34.96 48.95 -43.55
CA VAL I 64 -33.99 48.24 -42.75
C VAL I 64 -33.93 48.90 -41.36
N ARG I 65 -33.96 48.08 -40.31
CA ARG I 65 -33.71 48.54 -38.95
C ARG I 65 -32.90 47.52 -38.19
N GLY I 66 -32.37 47.96 -37.06
CA GLY I 66 -31.54 47.12 -36.22
C GLY I 66 -30.09 47.18 -36.64
N GLY I 67 -29.21 47.24 -35.65
CA GLY I 67 -27.76 47.16 -35.85
C GLY I 67 -27.03 48.47 -36.06
N GLY I 68 -26.01 48.42 -36.90
CA GLY I 68 -25.27 49.59 -37.38
C GLY I 68 -24.98 49.30 -38.83
N LYS I 69 -24.54 50.34 -39.55
CA LYS I 69 -24.53 50.27 -41.03
C LYS I 69 -24.00 48.97 -41.63
N SER I 70 -22.90 48.47 -41.11
CA SER I 70 -22.20 47.38 -41.79
C SER I 70 -22.81 46.04 -41.50
N GLY I 71 -23.74 46.02 -40.56
CA GLY I 71 -24.57 44.85 -40.32
C GLY I 71 -25.69 44.83 -41.34
N GLN I 72 -26.34 45.99 -41.47
CA GLN I 72 -27.40 46.21 -42.44
C GLN I 72 -26.92 45.82 -43.84
N ILE I 73 -25.72 46.27 -44.22
CA ILE I 73 -25.15 45.92 -45.54
C ILE I 73 -25.15 44.42 -45.81
N ASP I 74 -24.87 43.63 -44.78
CA ASP I 74 -24.83 42.21 -44.97
C ASP I 74 -26.27 41.68 -44.92
N ALA I 75 -27.13 42.39 -44.20
CA ALA I 75 -28.54 42.01 -44.09
C ALA I 75 -29.25 42.18 -45.45
N ILE I 76 -29.08 43.36 -46.05
CA ILE I 76 -29.58 43.66 -47.37
C ILE I 76 -29.10 42.60 -48.34
N LYS I 77 -27.79 42.39 -48.31
CA LYS I 77 -27.13 41.37 -49.12
C LYS I 77 -27.85 40.04 -49.02
N LEU I 78 -28.44 39.74 -47.86
CA LEU I 78 -29.15 38.48 -47.67
C LEU I 78 -30.56 38.54 -48.23
N GLY I 79 -31.21 39.70 -48.07
CA GLY I 79 -32.53 39.94 -48.67
C GLY I 79 -32.54 39.87 -50.19
N ILE I 80 -31.58 40.56 -50.81
CA ILE I 80 -31.39 40.50 -52.25
C ILE I 80 -31.29 39.08 -52.79
N ALA I 81 -30.65 38.19 -52.05
CA ALA I 81 -30.51 36.82 -52.49
C ALA I 81 -31.79 36.03 -52.20
N ARG I 82 -32.36 36.25 -51.02
CA ARG I 82 -33.58 35.56 -50.58
C ARG I 82 -34.82 36.07 -51.31
N ALA I 83 -34.66 37.12 -52.12
CA ALA I 83 -35.76 37.67 -52.90
C ALA I 83 -35.71 37.18 -54.33
N LEU I 84 -34.52 37.23 -54.92
CA LEU I 84 -34.39 36.96 -56.34
C LEU I 84 -34.39 35.47 -56.66
N VAL I 85 -34.33 34.63 -55.64
CA VAL I 85 -34.52 33.20 -55.84
C VAL I 85 -36.00 32.87 -55.62
N GLN I 86 -36.71 33.82 -55.01
CA GLN I 86 -38.15 33.74 -54.87
C GLN I 86 -38.80 34.33 -56.13
N TYR I 87 -37.97 34.87 -57.02
CA TYR I 87 -38.39 35.23 -58.38
C TYR I 87 -38.15 34.05 -59.29
N ASN I 88 -36.90 33.59 -59.33
CA ASN I 88 -36.57 32.39 -60.08
C ASN I 88 -35.94 31.33 -59.16
N PRO I 89 -36.75 30.36 -58.70
CA PRO I 89 -36.24 29.24 -57.89
C PRO I 89 -35.14 28.43 -58.58
N ASP I 90 -34.89 28.67 -59.85
CA ASP I 90 -33.72 28.12 -60.49
C ASP I 90 -32.47 28.98 -60.19
N TYR I 91 -32.67 30.19 -59.63
CA TYR I 91 -31.56 31.08 -59.21
C TYR I 91 -30.96 30.70 -57.87
N ARG I 92 -30.98 29.40 -57.57
CA ARG I 92 -30.45 28.88 -56.33
C ARG I 92 -29.12 28.19 -56.60
N ALA I 93 -29.15 27.17 -57.45
CA ALA I 93 -27.96 26.36 -57.74
C ALA I 93 -26.86 27.17 -58.45
N LYS I 94 -26.82 28.47 -58.21
CA LYS I 94 -25.69 29.31 -58.62
C LYS I 94 -25.28 30.26 -57.49
N LEU I 95 -26.19 30.49 -56.54
CA LEU I 95 -25.88 31.25 -55.32
C LEU I 95 -25.43 30.34 -54.18
N LYS I 96 -25.28 29.04 -54.45
CA LYS I 96 -24.67 28.11 -53.48
C LYS I 96 -23.15 28.24 -53.42
N PRO I 97 -22.44 28.16 -54.58
CA PRO I 97 -20.99 28.38 -54.55
C PRO I 97 -20.52 29.68 -53.84
N LEU I 98 -21.30 30.75 -53.91
CA LEU I 98 -20.93 31.99 -53.24
C LEU I 98 -21.51 32.03 -51.84
N GLY I 99 -22.50 31.18 -51.58
CA GLY I 99 -23.13 31.07 -50.27
C GLY I 99 -23.84 32.33 -49.77
N PHE I 100 -24.34 33.15 -50.68
CA PHE I 100 -25.04 34.38 -50.30
C PHE I 100 -26.34 34.13 -49.52
N LEU I 101 -26.53 32.88 -49.11
CA LEU I 101 -27.75 32.40 -48.48
C LEU I 101 -27.34 31.64 -47.22
N THR I 102 -27.05 32.39 -46.17
CA THR I 102 -26.70 31.83 -44.86
C THR I 102 -26.79 32.99 -43.91
N ARG I 103 -27.50 32.84 -42.80
CA ARG I 103 -27.77 33.99 -41.92
C ARG I 103 -26.48 34.66 -41.41
N ASP I 104 -25.43 33.86 -41.22
CA ASP I 104 -24.22 34.31 -40.55
C ASP I 104 -24.54 34.51 -39.07
N ALA I 105 -24.28 33.42 -38.32
CA ALA I 105 -24.68 33.27 -36.90
C ALA I 105 -23.92 34.14 -35.90
N ARG I 106 -22.85 34.77 -36.37
CA ARG I 106 -21.93 35.46 -35.49
C ARG I 106 -22.60 36.68 -34.91
N VAL I 107 -22.70 36.72 -33.58
CA VAL I 107 -23.19 37.90 -32.87
C VAL I 107 -22.37 38.08 -31.60
N VAL I 108 -22.41 39.29 -31.06
CA VAL I 108 -21.87 39.58 -29.75
C VAL I 108 -22.17 38.46 -28.79
N GLU I 109 -21.10 37.74 -28.45
CA GLU I 109 -21.12 36.79 -27.37
C GLU I 109 -21.13 37.50 -25.99
N ARG I 110 -21.82 36.85 -25.06
CA ARG I 110 -22.15 37.37 -23.73
C ARG I 110 -20.95 37.76 -22.87
N LYS I 111 -21.04 38.90 -22.19
CA LYS I 111 -20.10 39.22 -21.11
C LYS I 111 -20.31 38.31 -19.89
N LYS I 112 -19.24 37.64 -19.45
CA LYS I 112 -19.26 36.74 -18.27
C LYS I 112 -18.76 37.39 -16.98
N TYR I 113 -19.33 36.95 -15.88
CA TYR I 113 -18.97 37.48 -14.57
C TYR I 113 -17.58 36.97 -14.24
N GLY I 114 -16.78 37.84 -13.62
CA GLY I 114 -15.42 37.49 -13.20
C GLY I 114 -14.36 37.66 -14.28
N LYS I 115 -14.82 37.84 -15.51
CA LYS I 115 -13.98 38.36 -16.54
C LYS I 115 -14.11 39.87 -16.49
N HIS I 116 -14.17 40.48 -17.65
CA HIS I 116 -13.98 41.89 -17.83
C HIS I 116 -14.86 42.26 -19.00
N LYS I 117 -15.23 41.24 -19.78
CA LYS I 117 -15.44 41.46 -21.18
C LYS I 117 -15.63 40.17 -22.02
N ALA I 118 -16.10 39.08 -21.39
CA ALA I 118 -16.43 37.81 -22.09
C ALA I 118 -15.30 36.81 -22.08
N ARG I 119 -14.24 37.10 -22.81
CA ARG I 119 -13.01 36.29 -22.74
C ARG I 119 -11.90 37.05 -22.02
N ARG I 120 -11.88 38.38 -22.16
CA ARG I 120 -10.81 39.15 -21.57
C ARG I 120 -10.84 38.90 -20.10
N ALA I 121 -9.75 38.38 -19.57
CA ALA I 121 -9.64 38.05 -18.16
C ALA I 121 -8.88 39.15 -17.44
N PRO I 122 -9.18 39.38 -16.15
CA PRO I 122 -8.52 40.48 -15.40
C PRO I 122 -7.05 40.18 -15.20
N GLN I 123 -6.26 41.14 -14.74
CA GLN I 123 -4.80 40.95 -14.73
C GLN I 123 -4.21 40.22 -13.49
N TYR I 124 -3.46 39.14 -13.75
CA TYR I 124 -2.66 38.38 -12.75
C TYR I 124 -1.46 39.19 -12.19
N SER I 125 -0.89 38.75 -11.07
CA SER I 125 0.30 39.43 -10.50
C SER I 125 1.27 38.54 -9.71
N LYS I 126 0.80 37.36 -9.27
CA LYS I 126 1.63 36.31 -8.67
C LYS I 126 2.16 36.71 -7.30
N ARG I 127 3.04 37.70 -7.27
CA ARG I 127 3.64 38.18 -6.03
C ARG I 127 3.03 39.52 -5.61
N LYS J 1 -65.70 47.47 -28.13
CA LYS J 1 -64.24 47.46 -27.81
C LYS J 1 -64.06 47.61 -26.29
N ILE J 2 -63.47 46.60 -25.64
CA ILE J 2 -63.18 46.68 -24.19
C ILE J 2 -61.72 46.30 -23.87
N ARG J 3 -61.08 47.10 -23.01
CA ARG J 3 -59.66 46.94 -22.69
C ARG J 3 -59.37 46.29 -21.33
N ILE J 4 -58.85 45.07 -21.36
CA ILE J 4 -58.29 44.46 -20.16
C ILE J 4 -56.82 44.07 -20.40
N LYS J 5 -55.99 44.29 -19.39
CA LYS J 5 -54.57 43.95 -19.43
C LYS J 5 -54.32 42.83 -18.42
N LEU J 6 -53.29 42.02 -18.66
CA LEU J 6 -52.95 40.92 -17.75
C LEU J 6 -51.45 40.74 -17.58
N ARG J 7 -50.95 41.05 -16.39
CA ARG J 7 -49.55 40.86 -16.04
C ARG J 7 -49.39 39.52 -15.34
N GLY J 8 -48.14 39.14 -15.06
CA GLY J 8 -47.85 37.82 -14.51
C GLY J 8 -46.38 37.41 -14.55
N PHE J 9 -45.92 36.76 -13.49
CA PHE J 9 -44.58 36.21 -13.44
C PHE J 9 -44.52 34.86 -14.15
N ASP J 10 -45.67 34.21 -14.24
CA ASP J 10 -45.76 32.87 -14.81
C ASP J 10 -46.23 32.92 -16.27
N HIS J 11 -45.42 32.41 -17.18
CA HIS J 11 -45.71 32.52 -18.61
C HIS J 11 -46.81 31.56 -19.08
N LYS J 12 -46.94 30.40 -18.42
CA LYS J 12 -47.88 29.37 -18.86
C LYS J 12 -49.32 29.71 -18.45
N THR J 13 -49.51 30.04 -17.18
CA THR J 13 -50.82 30.43 -16.67
C THR J 13 -51.06 31.92 -16.89
N LEU J 14 -50.90 32.33 -18.13
CA LEU J 14 -51.39 33.61 -18.57
C LEU J 14 -52.02 33.36 -19.90
N ASP J 15 -51.23 32.86 -20.84
CA ASP J 15 -51.74 32.46 -22.15
C ASP J 15 -52.86 31.44 -21.98
N ALA J 16 -52.82 30.69 -20.88
CA ALA J 16 -53.90 29.79 -20.51
C ALA J 16 -55.11 30.56 -19.98
N SER J 17 -54.92 31.27 -18.86
CA SER J 17 -56.04 31.96 -18.22
C SER J 17 -56.49 33.24 -18.96
N ALA J 18 -55.83 33.56 -20.06
CA ALA J 18 -56.28 34.63 -20.95
C ALA J 18 -56.64 34.09 -22.33
N GLN J 19 -56.64 32.76 -22.46
CA GLN J 19 -57.40 32.11 -23.53
C GLN J 19 -58.70 31.61 -22.90
N LYS J 20 -58.84 31.87 -21.60
CA LYS J 20 -60.08 31.69 -20.84
C LYS J 20 -60.98 32.91 -21.02
N ILE J 21 -60.36 34.08 -21.16
CA ILE J 21 -61.06 35.30 -21.48
C ILE J 21 -61.30 35.39 -23.00
N VAL J 22 -60.51 34.62 -23.75
CA VAL J 22 -60.82 34.39 -25.16
C VAL J 22 -62.14 33.64 -25.24
N GLU J 23 -62.15 32.40 -24.75
CA GLU J 23 -63.31 31.50 -24.89
C GLU J 23 -64.60 31.98 -24.18
N ALA J 24 -64.46 32.46 -22.94
CA ALA J 24 -65.62 32.93 -22.17
C ALA J 24 -66.14 34.31 -22.62
N ALA J 25 -65.47 34.90 -23.60
CA ALA J 25 -66.00 36.05 -24.30
C ALA J 25 -66.06 35.77 -25.81
N ARG J 26 -65.98 34.49 -26.17
CA ARG J 26 -66.13 34.01 -27.56
C ARG J 26 -67.41 33.20 -27.68
N ARG J 27 -67.55 32.23 -26.78
CA ARG J 27 -68.76 31.44 -26.61
C ARG J 27 -69.92 32.43 -26.47
N SER J 28 -69.89 33.17 -25.36
CA SER J 28 -70.90 34.16 -25.02
C SER J 28 -70.40 35.58 -25.37
N GLY J 29 -70.53 35.94 -26.65
CA GLY J 29 -70.02 37.22 -27.16
C GLY J 29 -69.93 37.17 -28.67
N ALA J 30 -68.86 37.73 -29.25
CA ALA J 30 -68.67 37.70 -30.70
C ALA J 30 -67.20 37.90 -31.12
N GLN J 31 -66.90 38.96 -31.88
CA GLN J 31 -65.59 39.13 -32.55
C GLN J 31 -64.47 39.61 -31.62
N VAL J 32 -63.28 39.03 -31.80
CA VAL J 32 -62.16 39.17 -30.86
C VAL J 32 -60.89 39.77 -31.49
N SER J 33 -60.32 40.79 -30.83
CA SER J 33 -58.93 41.20 -31.11
C SER J 33 -58.07 40.38 -30.16
N GLY J 34 -57.42 39.36 -30.71
CA GLY J 34 -56.87 38.26 -29.92
C GLY J 34 -55.89 38.59 -28.80
N PRO J 35 -55.26 37.55 -28.21
CA PRO J 35 -54.25 37.79 -27.19
C PRO J 35 -52.95 38.30 -27.83
N ILE J 36 -52.57 39.55 -27.58
CA ILE J 36 -51.29 40.04 -28.07
C ILE J 36 -50.32 40.26 -26.93
N PRO J 37 -49.07 39.77 -27.12
CA PRO J 37 -48.06 39.83 -26.08
C PRO J 37 -47.20 41.11 -26.14
N LEU J 38 -47.42 41.98 -25.18
CA LEU J 38 -46.49 43.05 -24.92
C LEU J 38 -45.14 42.44 -24.51
N PRO J 39 -44.04 43.15 -24.76
CA PRO J 39 -42.77 42.60 -24.36
C PRO J 39 -42.66 42.50 -22.85
N THR J 40 -41.75 41.62 -22.42
CA THR J 40 -41.55 41.28 -21.02
C THR J 40 -40.52 42.24 -20.39
N ARG J 41 -40.57 42.43 -19.08
CA ARG J 41 -39.67 43.36 -18.40
C ARG J 41 -38.86 42.64 -17.33
N VAL J 42 -37.60 42.35 -17.66
CA VAL J 42 -36.77 41.50 -16.81
C VAL J 42 -35.95 42.28 -15.79
N ARG J 43 -36.22 42.02 -14.51
CA ARG J 43 -35.53 42.65 -13.38
C ARG J 43 -34.38 41.74 -13.00
N ARG J 44 -33.15 42.09 -13.36
CA ARG J 44 -32.00 41.23 -13.07
C ARG J 44 -31.45 41.44 -11.67
N PHE J 45 -31.01 40.35 -11.05
CA PHE J 45 -30.35 40.37 -9.76
C PHE J 45 -29.06 39.57 -9.81
N THR J 46 -27.93 40.25 -9.56
CA THR J 46 -26.64 39.59 -9.63
C THR J 46 -25.96 39.70 -8.29
N VAL J 47 -25.60 38.55 -7.74
CA VAL J 47 -25.17 38.48 -6.37
C VAL J 47 -23.95 37.59 -6.28
N ILE J 48 -22.94 37.99 -5.49
CA ILE J 48 -21.81 37.09 -5.23
C ILE J 48 -22.23 35.90 -4.33
N ARG J 49 -21.84 34.70 -4.77
CA ARG J 49 -22.26 33.45 -4.15
C ARG J 49 -21.89 33.32 -2.69
N GLY J 50 -20.87 34.04 -2.26
CA GLY J 50 -20.33 33.87 -0.93
C GLY J 50 -20.77 34.88 0.10
N PRO J 51 -20.79 34.44 1.34
CA PRO J 51 -20.91 35.31 2.50
C PRO J 51 -19.79 36.37 2.63
N PHE J 52 -18.58 35.99 2.20
CA PHE J 52 -17.36 36.80 2.37
C PHE J 52 -16.66 36.95 1.04
N LYS J 53 -15.62 37.78 1.01
CA LYS J 53 -14.83 38.07 -0.19
C LYS J 53 -14.80 36.94 -1.19
N HIS J 54 -15.45 37.09 -2.33
CA HIS J 54 -15.16 36.16 -3.42
C HIS J 54 -15.62 36.76 -4.70
N LYS J 55 -15.27 38.02 -4.87
CA LYS J 55 -15.85 38.89 -5.89
C LYS J 55 -16.14 38.32 -7.25
N ASP J 56 -15.41 37.31 -7.69
CA ASP J 56 -15.77 36.61 -8.90
C ASP J 56 -16.87 35.69 -8.46
N SER J 57 -17.05 34.55 -9.13
CA SER J 57 -18.11 33.60 -8.71
C SER J 57 -19.36 34.26 -8.09
N ARG J 58 -20.32 34.60 -8.95
CA ARG J 58 -21.66 35.06 -8.58
C ARG J 58 -22.74 34.27 -9.28
N GLU J 59 -23.96 34.45 -8.77
CA GLU J 59 -25.14 33.81 -9.34
C GLU J 59 -26.10 34.87 -9.92
N HIS J 60 -26.95 34.37 -10.82
CA HIS J 60 -27.82 35.21 -11.62
C HIS J 60 -29.31 34.89 -11.54
N PHE J 61 -30.06 35.88 -11.08
CA PHE J 61 -31.50 35.77 -10.94
C PHE J 61 -32.19 36.85 -11.75
N GLU J 62 -33.34 36.49 -12.31
CA GLU J 62 -34.19 37.42 -13.01
C GLU J 62 -35.63 37.34 -12.46
N LEU J 63 -36.39 38.41 -12.69
CA LEU J 63 -37.81 38.45 -12.36
C LEU J 63 -38.60 38.93 -13.57
N ARG J 64 -38.81 38.04 -14.53
CA ARG J 64 -39.46 38.44 -15.77
C ARG J 64 -40.98 38.64 -15.63
N THR J 65 -41.42 39.88 -15.85
CA THR J 65 -42.83 40.27 -15.82
C THR J 65 -43.42 40.14 -17.23
N HIS J 66 -43.96 38.99 -17.58
CA HIS J 66 -44.59 38.82 -18.88
C HIS J 66 -45.84 39.70 -18.91
N ASN J 67 -46.11 40.32 -20.05
CA ASN J 67 -47.33 41.11 -20.21
C ASN J 67 -48.11 40.60 -21.41
N ARG J 68 -49.41 40.32 -21.21
CA ARG J 68 -50.28 39.85 -22.31
C ARG J 68 -51.52 40.75 -22.44
N LEU J 69 -51.88 41.09 -23.69
CA LEU J 69 -52.99 42.02 -23.93
C LEU J 69 -54.14 41.43 -24.72
N VAL J 70 -55.36 41.72 -24.26
CA VAL J 70 -56.61 41.16 -24.81
C VAL J 70 -57.75 42.19 -24.78
N ASP J 71 -58.30 42.46 -25.96
CA ASP J 71 -59.45 43.35 -26.13
C ASP J 71 -60.50 42.68 -27.02
N ILE J 72 -61.77 43.03 -26.80
CA ILE J 72 -62.90 42.44 -27.54
C ILE J 72 -63.98 43.49 -27.88
N ILE J 73 -64.58 43.37 -29.07
CA ILE J 73 -65.42 44.47 -29.63
C ILE J 73 -66.96 44.27 -29.59
N ASN J 74 -67.47 43.75 -28.48
CA ASN J 74 -68.91 43.67 -28.20
C ASN J 74 -69.17 43.86 -26.71
N PRO J 75 -69.17 45.13 -26.25
CA PRO J 75 -69.45 45.36 -24.81
C PRO J 75 -70.89 45.00 -24.34
N ASN J 76 -71.21 43.70 -24.32
CA ASN J 76 -72.51 43.18 -23.81
C ASN J 76 -72.38 42.43 -22.46
N ARG J 77 -73.49 42.31 -21.72
CA ARG J 77 -73.53 41.59 -20.43
C ARG J 77 -73.87 40.12 -20.63
N LYS J 78 -74.09 39.74 -21.89
CA LYS J 78 -74.17 38.34 -22.29
C LYS J 78 -72.75 37.83 -22.52
N THR J 79 -71.75 38.64 -22.17
CA THR J 79 -70.33 38.25 -22.12
C THR J 79 -69.83 38.16 -20.65
N ILE J 80 -70.22 39.13 -19.82
CA ILE J 80 -69.84 39.18 -18.39
C ILE J 80 -70.57 38.08 -17.59
N GLU J 81 -70.82 36.95 -18.24
CA GLU J 81 -71.46 35.80 -17.62
C GLU J 81 -70.41 35.09 -16.78
N GLN J 82 -69.45 34.47 -17.46
CA GLN J 82 -68.31 33.81 -16.82
C GLN J 82 -67.40 34.90 -16.26
N LEU J 83 -67.31 36.01 -17.01
CA LEU J 83 -66.42 37.13 -16.69
C LEU J 83 -66.96 37.97 -15.49
N MET J 84 -67.97 37.41 -14.82
CA MET J 84 -68.45 37.86 -13.51
C MET J 84 -67.52 37.29 -12.44
N THR J 85 -67.70 35.99 -12.13
CA THR J 85 -66.87 35.23 -11.18
C THR J 85 -66.84 33.75 -11.63
N LEU J 86 -65.80 33.39 -12.39
CA LEU J 86 -65.59 32.02 -12.90
C LEU J 86 -64.07 31.80 -13.00
N ASP J 87 -63.41 31.84 -11.84
CA ASP J 87 -61.97 32.13 -11.76
C ASP J 87 -61.01 30.94 -11.62
N LEU J 88 -60.07 30.84 -12.57
CA LEU J 88 -58.84 30.03 -12.44
C LEU J 88 -57.55 30.85 -12.76
N PRO J 89 -57.30 31.96 -12.04
CA PRO J 89 -55.92 32.46 -12.00
C PRO J 89 -55.25 31.87 -10.75
N THR J 90 -54.40 32.65 -10.08
CA THR J 90 -53.77 32.27 -8.79
C THR J 90 -52.91 33.45 -8.32
N GLY J 91 -52.05 33.90 -9.22
CA GLY J 91 -51.27 35.11 -9.05
C GLY J 91 -51.12 35.84 -10.38
N VAL J 92 -52.25 36.07 -11.03
CA VAL J 92 -52.32 36.97 -12.18
C VAL J 92 -53.00 38.23 -11.68
N GLU J 93 -52.67 39.38 -12.25
CA GLU J 93 -53.36 40.61 -11.91
C GLU J 93 -54.11 41.05 -13.14
N ILE J 94 -55.17 41.82 -12.91
CA ILE J 94 -56.09 42.24 -13.98
C ILE J 94 -56.26 43.75 -13.99
N GLU J 95 -56.32 44.30 -15.20
CA GLU J 95 -56.54 45.72 -15.40
C GLU J 95 -57.66 45.91 -16.42
N ILE J 96 -58.89 45.91 -15.92
CA ILE J 96 -60.04 46.16 -16.76
C ILE J 96 -60.07 47.67 -17.01
N LYS J 97 -59.92 48.07 -18.28
CA LYS J 97 -60.02 49.48 -18.67
C LYS J 97 -61.04 49.72 -19.79
N THR J 98 -61.29 50.99 -20.06
CA THR J 98 -62.48 51.45 -20.79
C THR J 98 -62.44 51.23 -22.34
N VAL J 99 -62.92 50.07 -22.78
N LYS K 1 56.01 25.79 -60.80
CA LYS K 1 55.90 24.88 -59.62
C LYS K 1 55.49 23.46 -60.04
N ARG K 2 55.97 22.45 -59.34
CA ARG K 2 55.62 21.03 -59.60
C ARG K 2 54.14 20.86 -59.89
N GLN K 3 53.81 20.01 -60.85
CA GLN K 3 52.39 19.76 -61.15
C GLN K 3 52.02 18.28 -61.11
N VAL K 4 51.25 17.94 -60.08
CA VAL K 4 50.58 16.65 -59.99
C VAL K 4 49.31 16.73 -60.81
N ALA K 5 48.61 15.63 -60.95
CA ALA K 5 47.35 15.62 -61.67
C ALA K 5 46.33 14.75 -60.98
N SER K 6 46.78 13.60 -60.46
CA SER K 6 45.99 12.78 -59.55
C SER K 6 46.70 12.69 -58.17
N GLY K 7 45.94 12.44 -57.11
CA GLY K 7 46.53 12.34 -55.78
C GLY K 7 45.67 11.62 -54.73
N ARG K 8 45.96 11.95 -53.47
CA ARG K 8 45.24 11.40 -52.35
C ARG K 8 44.66 12.50 -51.49
N ALA K 9 43.42 12.31 -51.07
CA ALA K 9 42.79 13.23 -50.13
C ALA K 9 42.54 12.53 -48.81
N TYR K 10 43.33 12.86 -47.81
CA TYR K 10 43.12 12.30 -46.50
C TYR K 10 42.14 13.17 -45.72
N ILE K 11 41.05 12.55 -45.28
CA ILE K 11 40.10 13.21 -44.42
C ILE K 11 40.27 12.67 -43.02
N HIS K 12 40.75 13.50 -42.11
CA HIS K 12 40.88 13.11 -40.73
C HIS K 12 39.77 13.77 -39.94
N ALA K 13 38.71 13.00 -39.73
CA ALA K 13 37.48 13.44 -39.03
C ALA K 13 37.45 13.03 -37.55
N SER K 14 37.54 14.02 -36.67
CA SER K 14 37.42 13.80 -35.24
C SER K 14 36.15 14.48 -34.83
N TYR K 15 35.80 14.33 -33.55
CA TYR K 15 34.61 14.97 -33.02
C TYR K 15 34.84 16.42 -32.63
N ASN K 16 36.03 16.92 -32.95
CA ASN K 16 36.45 18.20 -32.46
C ASN K 16 36.97 19.18 -33.50
N ASN K 17 37.06 18.69 -34.74
CA ASN K 17 37.67 19.37 -35.86
C ASN K 17 37.66 18.40 -37.03
N THR K 18 37.68 18.93 -38.24
CA THR K 18 37.89 18.10 -39.43
C THR K 18 39.12 18.64 -40.11
N ILE K 19 39.99 17.77 -40.61
CA ILE K 19 41.19 18.27 -41.33
C ILE K 19 41.53 17.36 -42.50
N VAL K 20 41.86 18.01 -43.60
CA VAL K 20 42.02 17.35 -44.89
C VAL K 20 43.38 17.69 -45.43
N THR K 21 44.13 16.69 -45.89
CA THR K 21 45.40 17.00 -46.53
C THR K 21 45.44 16.29 -47.86
N ILE K 22 45.94 16.99 -48.85
CA ILE K 22 46.01 16.45 -50.18
C ILE K 22 47.45 16.16 -50.48
N THR K 23 47.71 14.96 -50.99
CA THR K 23 49.05 14.52 -51.25
C THR K 23 49.17 14.06 -52.67
N ASP K 24 50.41 13.84 -53.09
CA ASP K 24 50.71 13.21 -54.37
C ASP K 24 50.34 11.73 -54.32
N PRO K 25 50.45 11.02 -55.45
CA PRO K 25 50.11 9.60 -55.42
C PRO K 25 51.04 8.74 -54.57
N ASP K 26 52.05 9.35 -53.95
CA ASP K 26 53.01 8.61 -53.14
C ASP K 26 52.80 8.88 -51.64
N GLY K 27 51.89 9.80 -51.32
CA GLY K 27 51.53 10.06 -49.95
C GLY K 27 52.07 11.34 -49.35
N ASN K 28 53.01 11.99 -50.03
CA ASN K 28 53.58 13.26 -49.55
C ASN K 28 52.63 14.46 -49.71
N PRO K 29 52.40 15.20 -48.62
CA PRO K 29 51.50 16.34 -48.63
C PRO K 29 51.83 17.37 -49.69
N ILE K 30 50.84 17.71 -50.52
CA ILE K 30 50.89 18.90 -51.36
C ILE K 30 50.43 20.10 -50.54
N THR K 31 49.19 20.06 -50.06
CA THR K 31 48.60 21.13 -49.23
C THR K 31 47.58 20.61 -48.25
N TRP K 32 47.10 21.49 -47.39
CA TRP K 32 46.02 21.16 -46.49
C TRP K 32 45.20 22.33 -46.02
N SER K 33 44.13 21.96 -45.33
CA SER K 33 43.25 22.88 -44.66
C SER K 33 42.69 22.18 -43.42
N SER K 34 42.12 22.96 -42.53
CA SER K 34 41.48 22.44 -41.35
C SER K 34 40.30 23.32 -41.14
N GLY K 35 39.56 23.04 -40.07
CA GLY K 35 38.52 23.94 -39.65
C GLY K 35 39.09 25.23 -39.11
N GLY K 36 40.35 25.20 -38.69
CA GLY K 36 41.00 26.37 -38.13
C GLY K 36 41.52 27.24 -39.25
N VAL K 37 41.83 26.60 -40.38
CA VAL K 37 42.37 27.31 -41.54
C VAL K 37 41.27 28.15 -42.16
N ILE K 38 40.12 27.57 -42.45
CA ILE K 38 38.91 28.38 -42.55
C ILE K 38 38.87 29.17 -41.25
N GLY K 39 38.22 30.31 -41.24
CA GLY K 39 38.26 31.16 -40.03
C GLY K 39 37.82 30.57 -38.69
N TYR K 40 37.20 29.39 -38.69
CA TYR K 40 36.48 28.91 -37.50
C TYR K 40 37.35 28.59 -36.31
N LYS K 41 36.86 28.92 -35.13
CA LYS K 41 37.65 28.76 -33.93
C LYS K 41 36.96 27.89 -32.88
N GLY K 42 37.74 27.02 -32.24
CA GLY K 42 37.23 26.12 -31.23
C GLY K 42 36.09 25.18 -31.65
N SER K 43 34.98 25.30 -30.93
CA SER K 43 33.86 24.35 -31.01
C SER K 43 33.20 24.25 -32.37
N ARG K 44 33.39 25.26 -33.21
CA ARG K 44 32.73 25.32 -34.51
C ARG K 44 33.56 24.58 -35.57
N LYS K 45 34.81 24.27 -35.28
CA LYS K 45 35.66 23.60 -36.27
C LYS K 45 35.15 22.19 -36.53
N GLY K 46 34.19 21.76 -35.70
CA GLY K 46 33.58 20.44 -35.84
C GLY K 46 32.44 20.37 -36.86
N THR K 47 31.59 21.39 -36.85
CA THR K 47 30.43 21.48 -37.73
C THR K 47 30.72 21.00 -39.15
N PRO K 48 29.75 20.34 -39.77
CA PRO K 48 29.89 19.86 -41.15
C PRO K 48 30.09 20.96 -42.19
N TYR K 49 29.72 22.19 -41.86
CA TYR K 49 29.99 23.31 -42.75
C TYR K 49 31.49 23.62 -42.71
N ALA K 50 32.02 23.76 -41.50
CA ALA K 50 33.45 23.81 -41.28
C ALA K 50 34.11 22.71 -42.10
N ALA K 51 33.56 21.51 -42.01
CA ALA K 51 34.09 20.39 -42.75
C ALA K 51 34.11 20.74 -44.21
N GLN K 52 32.94 21.00 -44.77
CA GLN K 52 32.83 21.40 -46.18
C GLN K 52 33.82 22.49 -46.58
N LEU K 53 33.76 23.66 -45.94
CA LEU K 53 34.68 24.79 -46.21
C LEU K 53 36.16 24.40 -46.23
N ALA K 54 36.60 23.67 -45.21
CA ALA K 54 37.98 23.21 -45.14
C ALA K 54 38.30 22.33 -46.32
N ALA K 55 37.44 21.36 -46.59
CA ALA K 55 37.65 20.46 -47.70
C ALA K 55 37.67 21.25 -48.99
N LEU K 56 36.71 22.14 -49.16
CA LEU K 56 36.65 22.96 -50.35
C LEU K 56 37.93 23.77 -50.52
N ASP K 57 38.34 24.47 -49.47
CA ASP K 57 39.57 25.28 -49.47
C ASP K 57 40.81 24.45 -49.79
N ALA K 58 40.91 23.24 -49.26
CA ALA K 58 42.08 22.40 -49.52
C ALA K 58 42.11 21.89 -50.96
N ALA K 59 40.95 21.85 -51.62
CA ALA K 59 40.89 21.47 -53.02
C ALA K 59 41.29 22.63 -53.94
N LYS K 60 40.80 23.82 -53.67
CA LYS K 60 41.20 25.01 -54.42
C LYS K 60 42.70 25.15 -54.41
N LYS K 61 43.31 24.98 -53.24
CA LYS K 61 44.77 25.08 -53.05
C LYS K 61 45.51 24.00 -53.85
N ALA K 62 44.93 22.81 -53.92
CA ALA K 62 45.57 21.72 -54.61
C ALA K 62 45.33 21.74 -56.11
N MET K 63 44.58 22.74 -56.59
CA MET K 63 44.31 22.89 -58.00
C MET K 63 45.30 23.86 -58.61
N ALA K 64 45.95 24.63 -57.75
CA ALA K 64 47.08 25.46 -58.18
C ALA K 64 48.30 24.58 -58.52
N TYR K 65 48.24 23.30 -58.21
CA TYR K 65 49.26 22.37 -58.64
C TYR K 65 48.64 21.58 -59.77
N GLY K 66 47.52 22.09 -60.26
CA GLY K 66 46.80 21.52 -61.39
C GLY K 66 46.21 20.14 -61.20
N MET K 67 45.89 19.75 -59.96
CA MET K 67 45.35 18.41 -59.73
C MET K 67 43.89 18.32 -60.17
N GLN K 68 43.57 17.26 -60.92
CA GLN K 68 42.24 17.07 -61.51
C GLN K 68 41.44 15.91 -60.93
N SER K 69 42.08 14.95 -60.24
CA SER K 69 41.38 13.81 -59.62
C SER K 69 42.12 13.25 -58.40
N VAL K 70 41.43 12.47 -57.57
CA VAL K 70 41.99 11.93 -56.31
C VAL K 70 41.28 10.70 -55.77
N ASP K 71 42.01 9.92 -54.98
CA ASP K 71 41.43 8.87 -54.11
C ASP K 71 41.24 9.39 -52.69
N VAL K 72 40.03 9.26 -52.17
CA VAL K 72 39.76 9.67 -50.81
C VAL K 72 40.05 8.51 -49.86
N ILE K 73 40.64 8.88 -48.74
CA ILE K 73 41.01 7.99 -47.68
C ILE K 73 40.59 8.71 -46.43
N VAL K 74 39.66 8.11 -45.70
CA VAL K 74 39.07 8.76 -44.53
C VAL K 74 39.41 7.99 -43.27
N ARG K 75 39.74 8.74 -42.22
CA ARG K 75 40.02 8.18 -40.92
C ARG K 75 39.19 8.91 -39.89
N GLY K 76 38.48 8.14 -39.08
CA GLY K 76 37.73 8.69 -37.97
C GLY K 76 36.25 8.73 -38.26
N THR K 77 35.45 8.53 -37.22
CA THR K 77 34.03 8.84 -37.25
C THR K 77 33.89 10.17 -36.56
N GLY K 78 33.54 11.17 -37.34
CA GLY K 78 33.44 12.53 -36.85
C GLY K 78 32.21 13.20 -37.41
N ALA K 79 31.94 14.40 -36.89
CA ALA K 79 30.76 15.17 -37.25
C ALA K 79 30.72 15.42 -38.77
N GLY K 80 31.49 16.39 -39.22
CA GLY K 80 31.72 16.61 -40.64
C GLY K 80 32.54 15.43 -41.09
N ARG K 81 32.21 14.89 -42.23
CA ARG K 81 32.67 13.56 -42.54
C ARG K 81 32.21 13.28 -43.92
N GLU K 82 30.91 13.06 -44.05
CA GLU K 82 30.35 12.85 -45.36
C GLU K 82 30.27 14.19 -46.03
N GLN K 83 30.21 15.26 -45.25
CA GLN K 83 30.18 16.61 -45.83
C GLN K 83 31.49 16.97 -46.50
N ALA K 84 32.59 16.48 -45.96
CA ALA K 84 33.91 16.70 -46.56
C ALA K 84 34.17 15.80 -47.76
N ILE K 85 33.52 14.65 -47.84
CA ILE K 85 33.60 13.86 -49.06
C ILE K 85 32.66 14.48 -50.07
N ARG K 86 31.52 14.96 -49.59
CA ARG K 86 30.52 15.60 -50.43
C ARG K 86 31.16 16.76 -51.16
N ALA K 87 32.02 17.49 -50.45
CA ALA K 87 32.75 18.61 -51.03
C ALA K 87 33.60 18.18 -52.22
N LEU K 88 34.58 17.32 -51.98
CA LEU K 88 35.48 16.83 -53.03
C LEU K 88 34.71 16.29 -54.23
N GLN K 89 33.51 15.80 -53.98
CA GLN K 89 32.67 15.29 -55.06
C GLN K 89 32.13 16.45 -55.89
N ALA K 90 31.67 17.50 -55.21
CA ALA K 90 31.17 18.70 -55.87
C ALA K 90 32.21 19.83 -55.91
N SER K 91 33.49 19.49 -55.87
CA SER K 91 34.55 20.49 -55.85
C SER K 91 35.23 20.65 -57.22
N GLY K 92 34.59 20.13 -58.27
CA GLY K 92 35.19 20.15 -59.60
C GLY K 92 36.44 19.29 -59.65
N LEU K 93 36.60 18.43 -58.65
CA LEU K 93 37.69 17.49 -58.63
C LEU K 93 37.03 16.16 -58.81
N GLN K 94 37.71 15.27 -59.52
CA GLN K 94 37.11 13.98 -59.74
C GLN K 94 37.55 13.11 -58.59
N VAL K 95 36.62 12.38 -58.02
CA VAL K 95 36.92 11.50 -56.93
C VAL K 95 36.91 10.10 -57.48
N LYS K 96 38.10 9.53 -57.67
CA LYS K 96 38.28 8.17 -58.20
C LYS K 96 37.83 7.06 -57.25
N SER K 97 37.92 7.29 -55.92
CA SER K 97 37.58 6.26 -54.93
C SER K 97 37.51 6.82 -53.49
N ILE K 98 36.76 6.13 -52.65
CA ILE K 98 36.68 6.48 -51.23
C ILE K 98 36.95 5.23 -50.42
N VAL K 99 37.80 5.34 -49.40
CA VAL K 99 38.20 4.17 -48.63
C VAL K 99 38.27 4.50 -47.16
N ASP K 100 37.56 3.76 -46.32
CA ASP K 100 37.73 3.96 -44.90
C ASP K 100 38.94 3.19 -44.43
N ASP K 101 39.68 3.80 -43.53
CA ASP K 101 41.00 3.32 -43.13
C ASP K 101 41.21 3.50 -41.65
N THR K 102 40.16 3.90 -40.93
CA THR K 102 40.29 4.28 -39.51
C THR K 102 41.10 3.20 -38.75
N PRO K 103 42.10 3.65 -37.99
CA PRO K 103 42.89 2.72 -37.19
C PRO K 103 42.03 2.06 -36.11
N VAL K 104 42.27 0.79 -35.84
CA VAL K 104 41.68 0.15 -34.67
C VAL K 104 42.67 -0.84 -34.08
N PRO K 105 42.90 -0.78 -32.77
CA PRO K 105 43.80 -1.77 -32.18
C PRO K 105 43.18 -3.15 -32.18
N HIS K 106 44.01 -4.19 -32.26
CA HIS K 106 43.54 -5.52 -31.92
C HIS K 106 43.79 -5.70 -30.43
N ASN K 107 43.31 -4.71 -29.67
CA ASN K 107 43.52 -4.51 -28.22
C ASN K 107 44.91 -4.15 -27.69
N GLY K 108 45.16 -2.85 -27.61
CA GLY K 108 46.48 -2.32 -27.32
C GLY K 108 46.57 -1.61 -26.00
N CYS K 109 46.72 -0.29 -26.04
CA CYS K 109 46.91 0.48 -24.81
C CYS K 109 45.59 0.85 -24.08
N ARG K 110 45.66 0.94 -22.76
CA ARG K 110 44.51 1.33 -21.95
C ARG K 110 44.04 2.69 -22.41
N PRO K 111 42.75 2.84 -22.68
CA PRO K 111 42.26 4.15 -23.05
C PRO K 111 42.15 5.11 -21.89
N LYS K 112 41.97 6.37 -22.22
CA LYS K 112 41.72 7.39 -21.23
C LYS K 112 40.39 7.05 -20.57
N LYS K 113 40.22 7.51 -19.34
CA LYS K 113 38.99 7.26 -18.60
C LYS K 113 37.78 7.60 -19.44
N LYS K 114 37.93 8.56 -20.33
CA LYS K 114 36.82 9.03 -21.15
C LYS K 114 36.33 8.01 -22.19
N PHE K 115 37.24 7.17 -22.67
CA PHE K 115 36.89 6.15 -23.68
C PHE K 115 36.79 4.76 -23.07
N ARG K 116 36.77 4.70 -21.75
CA ARG K 116 36.28 3.55 -21.04
C ARG K 116 35.19 3.99 -20.07
N LYS K 117 34.43 5.04 -20.39
CA LYS K 117 33.27 5.41 -19.56
C LYS K 117 32.25 4.27 -19.69
N ALA K 118 31.83 4.00 -20.93
CA ALA K 118 31.33 2.67 -21.30
C ALA K 118 32.56 1.74 -21.26
N SER K 119 32.85 1.19 -20.07
CA SER K 119 34.17 0.61 -19.76
C SER K 119 34.70 -0.37 -20.79
N PRO L 1 21.39 -27.56 14.00
CA PRO L 1 22.72 -28.23 14.11
C PRO L 1 22.59 -29.74 14.25
N THR L 2 23.46 -30.52 13.61
CA THR L 2 23.34 -31.97 13.77
C THR L 2 23.40 -32.35 15.23
N ILE L 3 22.95 -33.57 15.51
CA ILE L 3 22.98 -34.06 16.87
C ILE L 3 24.43 -34.18 17.35
N ASN L 4 25.29 -34.75 16.52
CA ASN L 4 26.71 -34.86 16.84
C ASN L 4 27.21 -33.50 17.23
N GLN L 5 26.88 -32.51 16.41
CA GLN L 5 27.19 -31.13 16.73
C GLN L 5 26.70 -30.77 18.14
N LEU L 6 25.42 -30.94 18.43
CA LEU L 6 24.87 -30.63 19.75
C LEU L 6 25.61 -31.38 20.83
N VAL L 7 25.89 -32.65 20.57
CA VAL L 7 26.72 -33.45 21.45
C VAL L 7 28.11 -32.84 21.65
N ARG L 8 28.77 -32.38 20.60
CA ARG L 8 30.07 -31.71 20.79
C ARG L 8 29.99 -30.32 21.47
N LYS L 9 28.90 -29.60 21.25
CA LYS L 9 28.85 -28.17 21.52
C LYS L 9 27.80 -27.77 22.53
N GLY L 10 26.69 -28.50 22.57
CA GLY L 10 25.59 -28.15 23.46
C GLY L 10 24.91 -26.87 23.01
N ARG L 11 23.91 -26.45 23.76
CA ARG L 11 23.29 -25.15 23.57
C ARG L 11 23.87 -24.21 24.61
N GLU L 12 23.34 -22.99 24.73
CA GLU L 12 23.94 -21.99 25.59
C GLU L 12 22.87 -21.13 26.24
N LYS L 13 22.85 -21.09 27.57
CA LYS L 13 21.87 -20.29 28.31
C LYS L 13 22.14 -18.82 28.13
N VAL L 14 21.36 -18.15 27.29
CA VAL L 14 21.35 -16.69 27.37
C VAL L 14 20.87 -16.36 28.78
N ARG L 15 21.54 -15.40 29.42
CA ARG L 15 21.15 -15.01 30.76
C ARG L 15 21.31 -13.54 30.96
N LYS L 16 20.68 -12.73 30.10
CA LYS L 16 20.92 -11.27 30.12
C LYS L 16 20.64 -10.67 31.51
N LYS L 17 21.20 -9.50 31.76
CA LYS L 17 21.55 -9.12 33.12
C LYS L 17 20.81 -7.90 33.62
N SER L 18 21.12 -7.55 34.88
CA SER L 18 20.32 -6.68 35.74
C SER L 18 20.13 -5.32 35.17
N LYS L 19 18.94 -4.75 35.34
CA LYS L 19 18.64 -3.40 34.87
C LYS L 19 18.91 -2.40 36.00
N VAL L 20 19.45 -2.88 37.10
CA VAL L 20 19.48 -2.14 38.34
C VAL L 20 20.74 -2.54 39.09
N PRO L 21 21.88 -1.94 38.82
CA PRO L 21 22.88 -2.20 39.90
C PRO L 21 22.74 -1.32 41.24
N ALA L 22 21.67 -1.68 41.96
CA ALA L 22 21.43 -1.37 43.36
C ALA L 22 22.16 -2.50 44.10
N LEU L 23 23.15 -3.10 43.42
CA LEU L 23 24.01 -4.19 43.92
C LEU L 23 23.25 -5.29 44.67
N LYS L 24 23.96 -5.95 45.61
CA LYS L 24 23.49 -7.13 46.40
C LYS L 24 21.99 -7.37 46.32
N GLY L 25 21.50 -7.79 45.15
CA GLY L 25 20.05 -7.93 44.93
C GLY L 25 19.49 -6.63 45.42
N ALA L 26 19.19 -6.57 46.72
CA ALA L 26 18.82 -5.36 47.41
C ALA L 26 17.55 -4.80 46.77
N PRO L 27 16.45 -4.97 47.46
CA PRO L 27 15.24 -4.42 46.86
C PRO L 27 15.24 -2.88 46.89
N PHE L 28 16.04 -2.31 47.79
CA PHE L 28 16.23 -0.87 47.93
C PHE L 28 17.65 -0.62 48.38
N ARG L 29 18.14 0.59 48.11
CA ARG L 29 19.40 1.02 48.70
C ARG L 29 19.32 2.43 49.24
N ARG L 30 20.06 2.66 50.32
CA ARG L 30 20.17 3.98 50.95
C ARG L 30 21.25 4.81 50.28
N GLY L 31 20.99 6.10 50.11
CA GLY L 31 21.97 6.96 49.49
C GLY L 31 21.87 8.38 50.00
N VAL L 32 22.93 9.14 49.73
CA VAL L 32 22.95 10.56 50.07
C VAL L 32 22.97 11.36 48.79
N CYS L 33 22.16 12.42 48.72
CA CYS L 33 22.16 13.27 47.53
C CYS L 33 23.49 14.01 47.39
N THR L 34 23.72 14.55 46.21
CA THR L 34 24.99 15.16 45.88
C THR L 34 24.65 16.43 45.14
N VAL L 35 23.60 16.33 44.34
CA VAL L 35 23.20 17.34 43.40
C VAL L 35 21.72 17.10 43.21
N VAL L 36 20.91 18.13 43.44
CA VAL L 36 19.53 18.13 43.01
C VAL L 36 19.40 19.10 41.84
N ARG L 37 18.99 18.61 40.70
CA ARG L 37 18.90 19.44 39.53
C ARG L 37 17.47 19.38 39.03
N THR L 38 17.33 19.80 37.79
CA THR L 38 16.10 19.76 37.08
C THR L 38 16.58 19.35 35.71
N VAL L 39 15.79 18.54 34.99
CA VAL L 39 16.21 18.05 33.67
C VAL L 39 15.11 18.20 32.62
N THR L 40 15.52 18.73 31.48
CA THR L 40 14.78 18.67 30.26
C THR L 40 14.71 17.21 29.82
N PRO L 41 13.51 16.69 29.54
CA PRO L 41 13.28 15.33 29.04
C PRO L 41 13.50 15.25 27.56
N LYS L 42 13.01 14.22 26.90
CA LYS L 42 13.45 13.97 25.54
C LYS L 42 12.34 13.59 24.56
N LYS L 43 12.74 12.82 23.55
CA LYS L 43 11.88 12.23 22.52
C LYS L 43 10.84 13.28 22.16
N PRO L 44 9.51 13.09 22.47
CA PRO L 44 8.60 14.14 22.07
C PRO L 44 8.04 14.93 23.25
N ASN L 45 8.75 14.93 24.38
CA ASN L 45 8.24 15.57 25.58
C ASN L 45 9.01 16.76 26.08
N SER L 46 8.36 17.51 26.97
CA SER L 46 8.83 18.79 27.45
C SER L 46 8.28 19.00 28.84
N ALA L 47 9.17 19.30 29.79
CA ALA L 47 8.79 19.77 31.14
C ALA L 47 10.05 19.83 31.99
N LEU L 48 9.97 20.46 33.15
CA LEU L 48 11.14 20.54 34.03
C LEU L 48 11.09 19.43 35.09
N ARG L 49 11.68 18.31 34.69
CA ARG L 49 11.55 17.06 35.40
C ARG L 49 12.58 16.99 36.51
N LYS L 50 12.13 16.74 37.73
CA LYS L 50 13.01 16.76 38.93
C LYS L 50 13.79 15.45 39.13
N VAL L 51 15.04 15.56 39.58
CA VAL L 51 15.91 14.39 39.69
C VAL L 51 17.14 14.72 40.56
N ALA L 52 17.64 13.74 41.30
CA ALA L 52 18.81 13.89 42.18
C ALA L 52 20.00 12.97 41.80
N LYS L 53 21.23 13.42 42.05
CA LYS L 53 22.39 12.51 42.04
C LYS L 53 22.62 11.95 43.43
N VAL L 54 22.93 10.66 43.52
CA VAL L 54 22.94 10.02 44.83
C VAL L 54 24.22 9.24 45.02
N ARG L 55 24.85 9.42 46.17
CA ARG L 55 26.05 8.67 46.55
C ARG L 55 25.58 7.45 47.31
N LEU L 56 25.97 6.28 46.83
CA LEU L 56 25.35 5.06 47.29
C LEU L 56 26.17 4.32 48.32
N THR L 57 25.47 3.67 49.25
CA THR L 57 26.13 2.81 50.23
C THR L 57 26.69 1.55 49.59
N SER L 58 26.22 1.25 48.37
CA SER L 58 26.79 0.19 47.55
C SER L 58 28.12 0.62 46.89
N GLY L 59 28.55 1.87 47.15
CA GLY L 59 29.78 2.41 46.58
C GLY L 59 29.52 3.16 45.28
N TYR L 60 28.30 3.04 44.75
CA TYR L 60 27.86 3.63 43.48
C TYR L 60 27.48 5.13 43.55
N GLU L 61 27.33 5.79 42.39
CA GLU L 61 26.73 7.14 42.34
C GLU L 61 25.80 7.28 41.12
N VAL L 62 24.51 7.39 41.37
CA VAL L 62 23.50 7.30 40.32
C VAL L 62 22.51 8.43 40.39
N THR L 63 21.96 8.80 39.24
CA THR L 63 20.88 9.77 39.20
C THR L 63 19.59 8.98 39.44
N ALA L 64 18.78 9.50 40.34
CA ALA L 64 17.50 8.91 40.69
C ALA L 64 16.39 9.96 40.59
N TYR L 65 15.22 9.55 40.13
CA TYR L 65 14.11 10.46 39.95
C TYR L 65 13.33 10.74 41.23
N ILE L 66 12.83 11.98 41.31
CA ILE L 66 12.03 12.49 42.44
C ILE L 66 10.56 12.65 42.06
N PRO L 67 9.76 11.61 42.33
CA PRO L 67 8.34 11.62 41.98
C PRO L 67 7.59 12.52 42.90
N GLY L 68 6.30 12.66 42.65
CA GLY L 68 5.48 13.56 43.45
C GLY L 68 5.51 14.97 42.89
N GLU L 69 4.52 15.75 43.30
CA GLU L 69 4.27 17.05 42.69
C GLU L 69 5.18 18.14 43.22
N GLY L 70 5.76 17.96 44.39
CA GLY L 70 6.79 18.90 44.85
C GLY L 70 7.58 18.35 46.01
N HIS L 71 8.84 18.78 46.13
CA HIS L 71 9.78 18.09 47.02
C HIS L 71 10.67 18.96 47.93
N ASN L 72 11.21 18.30 48.94
CA ASN L 72 11.96 18.94 50.00
C ASN L 72 13.44 18.52 50.00
N LEU L 73 14.04 18.37 48.83
CA LEU L 73 15.38 17.75 48.76
C LEU L 73 16.43 18.73 48.30
N GLN L 74 17.52 18.81 49.07
CA GLN L 74 18.67 19.65 48.73
C GLN L 74 19.94 18.83 48.94
N GLU L 75 21.08 19.49 48.99
CA GLU L 75 22.33 18.80 48.78
C GLU L 75 22.58 17.56 49.64
N HIS L 76 22.65 17.69 50.97
CA HIS L 76 23.07 16.54 51.79
C HIS L 76 21.90 15.72 52.32
N SER L 77 20.93 15.40 51.47
CA SER L 77 19.65 14.92 51.95
C SER L 77 19.50 13.47 52.45
N VAL L 78 20.26 12.48 52.00
CA VAL L 78 20.11 11.10 52.57
C VAL L 78 18.72 10.49 52.40
N VAL L 79 18.64 9.47 51.54
CA VAL L 79 17.39 9.09 50.92
C VAL L 79 17.38 7.58 50.63
N LEU L 80 16.23 7.05 50.22
CA LEU L 80 16.16 5.64 49.84
C LEU L 80 15.75 5.46 48.38
N ILE L 81 16.46 4.59 47.69
CA ILE L 81 16.31 4.41 46.26
C ILE L 81 15.55 3.12 45.98
N ARG L 82 14.65 3.14 45.01
CA ARG L 82 13.85 1.93 44.77
C ARG L 82 13.95 1.31 43.40
N GLY L 83 14.50 2.00 42.42
CA GLY L 83 14.57 1.33 41.13
C GLY L 83 13.24 1.37 40.42
N GLY L 84 13.29 1.25 39.11
CA GLY L 84 12.21 1.69 38.26
C GLY L 84 12.71 2.89 37.49
N ARG L 85 12.71 2.78 36.17
CA ARG L 85 13.24 3.83 35.33
C ARG L 85 12.24 4.94 35.18
N VAL L 86 12.68 6.02 34.55
CA VAL L 86 11.79 7.07 34.14
C VAL L 86 11.30 6.85 32.72
N LYS L 87 12.24 6.79 31.76
CA LYS L 87 11.94 6.54 30.34
C LYS L 87 12.15 7.79 29.54
N ASP L 88 11.53 8.89 29.92
CA ASP L 88 11.74 10.16 29.20
C ASP L 88 12.98 10.89 29.59
N LEU L 89 13.63 10.41 30.65
CA LEU L 89 14.88 10.93 31.13
C LEU L 89 15.82 9.79 30.94
N PRO L 90 16.55 9.78 29.83
CA PRO L 90 17.55 8.78 29.54
C PRO L 90 18.59 8.74 30.63
N GLY L 91 19.01 7.55 31.00
CA GLY L 91 20.03 7.39 32.03
C GLY L 91 19.52 7.49 33.45
N VAL L 92 18.21 7.64 33.63
CA VAL L 92 17.63 7.63 34.97
C VAL L 92 16.94 6.27 35.18
N ARG L 93 17.52 5.44 36.02
CA ARG L 93 17.03 4.07 36.11
C ARG L 93 16.57 3.69 37.49
N TYR L 94 16.43 4.66 38.39
CA TYR L 94 15.97 4.40 39.75
C TYR L 94 15.08 5.54 40.20
N HIS L 95 14.14 5.24 41.10
CA HIS L 95 13.28 6.27 41.68
C HIS L 95 13.62 6.44 43.14
N ILE L 96 13.23 7.58 43.68
CA ILE L 96 13.35 7.80 45.11
C ILE L 96 12.04 7.45 45.80
N VAL L 97 12.15 6.73 46.92
CA VAL L 97 10.99 6.45 47.74
C VAL L 97 10.66 7.65 48.59
N ARG L 98 9.45 8.15 48.39
CA ARG L 98 8.95 9.27 49.16
C ARG L 98 8.43 8.81 50.51
N GLY L 99 8.78 9.56 51.55
CA GLY L 99 8.29 9.26 52.88
C GLY L 99 9.27 8.42 53.68
N VAL L 100 10.48 8.26 53.16
CA VAL L 100 11.52 7.56 53.92
C VAL L 100 12.77 8.45 54.01
N TYR L 101 13.31 8.55 55.23
CA TYR L 101 14.44 9.42 55.50
C TYR L 101 14.05 10.89 55.25
N ASP L 102 15.00 11.73 54.81
CA ASP L 102 14.77 13.18 54.69
C ASP L 102 13.91 13.58 53.50
N ALA L 103 13.39 12.60 52.77
CA ALA L 103 12.47 12.83 51.66
C ALA L 103 11.07 12.70 52.17
N ALA L 104 10.38 13.82 52.30
CA ALA L 104 9.06 13.82 52.88
C ALA L 104 8.07 13.17 51.95
N GLY L 105 6.91 12.80 52.48
CA GLY L 105 5.78 12.41 51.65
C GLY L 105 5.31 13.61 50.86
N VAL L 106 4.32 13.44 50.00
CA VAL L 106 3.79 14.57 49.26
C VAL L 106 2.57 15.19 49.98
N LYS L 107 2.57 16.52 50.12
CA LYS L 107 1.51 17.22 50.85
C LYS L 107 0.21 17.27 50.01
N ASP L 108 -0.93 17.27 50.70
CA ASP L 108 -2.25 17.43 50.07
C ASP L 108 -2.47 16.38 48.97
N ARG L 109 -2.15 15.13 49.28
CA ARG L 109 -2.15 14.06 48.29
C ARG L 109 -3.15 13.01 48.74
N LYS L 110 -4.24 12.86 48.01
CA LYS L 110 -5.39 12.13 48.53
C LYS L 110 -5.61 10.76 47.87
N LYS L 111 -5.26 10.66 46.58
CA LYS L 111 -5.53 9.44 45.77
C LYS L 111 -4.49 8.29 45.94
N SER L 112 -3.55 8.14 45.01
CA SER L 112 -2.62 7.03 45.11
C SER L 112 -1.61 7.26 46.22
N ARG L 113 -2.03 7.03 47.46
CA ARG L 113 -1.33 7.60 48.60
C ARG L 113 -0.15 6.78 49.13
N SER L 114 -0.25 5.45 49.07
CA SER L 114 0.82 4.62 49.61
C SER L 114 2.11 4.81 48.83
N LYS L 115 1.98 5.03 47.52
CA LYS L 115 3.08 5.57 46.69
C LYS L 115 3.05 7.03 46.96
N TYR L 116 4.19 7.70 46.95
CA TYR L 116 4.27 9.14 47.39
C TYR L 116 4.31 9.31 48.93
N GLY L 117 4.13 8.20 49.66
CA GLY L 117 4.29 8.16 51.12
C GLY L 117 3.57 9.19 51.95
N THR L 118 2.26 9.30 51.77
CA THR L 118 1.45 10.34 52.42
C THR L 118 0.39 9.72 53.31
N LYS L 119 0.45 10.02 54.61
CA LYS L 119 -0.39 9.32 55.55
C LYS L 119 -1.83 9.72 55.40
N LYS L 120 -2.72 8.86 55.87
CA LYS L 120 -4.16 9.05 55.79
C LYS L 120 -4.60 10.30 56.53
N PRO L 121 -5.24 11.25 55.81
CA PRO L 121 -5.72 12.45 56.48
C PRO L 121 -7.03 12.16 57.23
N LYS L 122 -7.30 12.93 58.28
CA LYS L 122 -8.53 12.75 59.03
C LYS L 122 -9.53 13.85 58.71
N GLU L 123 -9.31 14.56 57.62
CA GLU L 123 -10.14 15.73 57.26
C GLU L 123 -11.62 15.38 57.00
N ALA L 124 -11.89 14.20 56.44
CA ALA L 124 -13.26 13.74 56.23
C ALA L 124 -13.79 13.04 57.50
N ALA L 125 -12.87 12.57 58.34
CA ALA L 125 -13.21 11.92 59.61
C ALA L 125 -13.82 12.93 60.59
N LYS L 126 -13.42 14.19 60.48
N ALA M 1 3.43 90.94 -32.67
CA ALA M 1 2.66 92.14 -32.20
C ALA M 1 2.54 92.16 -30.67
N ARG M 2 3.25 93.09 -30.02
CA ARG M 2 3.25 93.14 -28.56
C ARG M 2 1.88 93.48 -28.02
N ILE M 3 1.36 92.68 -27.08
CA ILE M 3 0.09 93.00 -26.43
C ILE M 3 0.31 93.20 -24.94
N ALA M 4 -0.21 92.27 -24.13
CA ALA M 4 -0.27 92.48 -22.71
C ALA M 4 1.14 92.53 -22.20
N GLY M 5 1.33 93.22 -21.08
CA GLY M 5 2.64 93.29 -20.43
C GLY M 5 3.78 93.48 -21.42
N VAL M 6 4.21 92.38 -22.03
CA VAL M 6 5.33 92.40 -22.98
C VAL M 6 5.12 91.40 -24.13
N GLU M 7 4.01 90.69 -24.13
CA GLU M 7 3.89 89.50 -24.95
C GLU M 7 3.93 89.77 -26.44
N ILE M 8 4.78 89.03 -27.15
CA ILE M 8 4.87 89.10 -28.60
C ILE M 8 4.56 87.73 -29.19
N PRO M 9 3.27 87.33 -29.22
CA PRO M 9 2.94 86.09 -29.93
C PRO M 9 3.06 86.37 -31.42
N ARG M 10 3.45 85.41 -32.26
CA ARG M 10 3.52 85.75 -33.71
C ARG M 10 3.53 84.57 -34.63
N ASN M 11 3.12 84.83 -35.86
CA ASN M 11 3.19 83.87 -36.97
C ASN M 11 2.27 82.66 -36.79
N LYS M 12 1.40 82.73 -35.78
CA LYS M 12 0.26 81.81 -35.64
C LYS M 12 -1.02 82.61 -35.48
N ARG M 13 -2.14 81.99 -35.85
CA ARG M 13 -3.48 82.54 -35.65
C ARG M 13 -3.63 83.29 -34.32
N VAL M 14 -4.13 84.53 -34.39
CA VAL M 14 -4.32 85.35 -33.21
C VAL M 14 -5.07 84.65 -32.07
N ASP M 15 -6.14 83.91 -32.41
CA ASP M 15 -6.94 83.21 -31.38
C ASP M 15 -6.08 82.29 -30.53
N VAL M 16 -5.20 81.53 -31.19
CA VAL M 16 -4.23 80.70 -30.48
C VAL M 16 -3.11 81.57 -29.95
N ALA M 17 -2.50 82.33 -30.84
CA ALA M 17 -1.43 83.24 -30.45
C ALA M 17 -1.77 84.05 -29.20
N LEU M 18 -3.04 84.42 -29.04
CA LEU M 18 -3.47 85.19 -27.89
C LEU M 18 -3.19 84.45 -26.59
N THR M 19 -3.32 83.13 -26.68
CA THR M 19 -3.19 82.18 -25.56
C THR M 19 -1.91 82.34 -24.75
N TYR M 20 -0.85 82.77 -25.45
CA TYR M 20 0.50 82.90 -24.91
C TYR M 20 0.61 84.05 -23.90
N ILE M 21 -0.53 84.53 -23.39
CA ILE M 21 -0.57 85.49 -22.30
C ILE M 21 -1.06 84.80 -21.02
N TYR M 22 -0.45 85.17 -19.89
CA TYR M 22 -0.88 84.67 -18.58
C TYR M 22 -2.18 85.35 -18.23
N GLY M 23 -3.30 84.67 -18.47
CA GLY M 23 -4.62 85.25 -18.26
C GLY M 23 -5.49 85.14 -19.48
N ILE M 24 -4.94 84.67 -20.60
CA ILE M 24 -5.76 84.37 -21.76
C ILE M 24 -5.78 82.87 -22.04
N GLY M 25 -7.02 82.37 -22.15
CA GLY M 25 -7.29 81.00 -22.58
C GLY M 25 -8.08 81.06 -23.87
N LYS M 26 -8.45 79.91 -24.40
CA LYS M 26 -9.18 79.86 -25.66
C LYS M 26 -10.52 80.58 -25.50
N ALA M 27 -10.98 80.70 -24.25
CA ALA M 27 -12.20 81.42 -23.96
C ALA M 27 -12.02 82.93 -24.17
N ARG M 28 -11.25 83.58 -23.31
CA ARG M 28 -11.07 85.02 -23.36
C ARG M 28 -10.57 85.52 -24.72
N ALA M 29 -10.06 84.61 -25.54
CA ALA M 29 -9.63 84.92 -26.90
C ALA M 29 -10.82 84.98 -27.85
N LYS M 30 -11.65 83.94 -27.83
CA LYS M 30 -12.86 83.92 -28.66
C LYS M 30 -13.60 85.25 -28.53
N GLU M 31 -13.65 85.77 -27.30
CA GLU M 31 -14.30 87.05 -27.01
C GLU M 31 -13.63 88.19 -27.73
N ALA M 32 -12.36 88.44 -27.42
CA ALA M 32 -11.64 89.58 -27.99
C ALA M 32 -11.71 89.67 -29.53
N LEU M 33 -11.77 88.54 -30.21
CA LEU M 33 -11.78 88.55 -31.67
C LEU M 33 -13.22 88.62 -32.22
N GLU M 34 -14.17 88.91 -31.34
CA GLU M 34 -15.56 89.18 -31.74
C GLU M 34 -16.06 90.46 -31.06
N LYS M 35 -15.69 90.71 -29.82
CA LYS M 35 -15.99 92.00 -29.19
C LYS M 35 -14.94 93.02 -29.57
N THR M 36 -14.27 92.79 -30.70
CA THR M 36 -13.42 93.79 -31.34
C THR M 36 -13.37 93.47 -32.84
N GLY M 37 -14.12 92.45 -33.26
CA GLY M 37 -14.30 92.12 -34.68
C GLY M 37 -13.04 91.89 -35.48
N ILE M 38 -12.28 90.86 -35.12
CA ILE M 38 -11.09 90.47 -35.87
C ILE M 38 -11.22 89.03 -36.24
N ASN M 39 -10.96 88.67 -37.50
CA ASN M 39 -10.99 87.24 -37.85
C ASN M 39 -9.97 86.52 -36.98
N PRO M 40 -10.42 85.53 -36.21
CA PRO M 40 -9.48 84.73 -35.45
C PRO M 40 -8.49 83.97 -36.35
N ALA M 41 -8.95 83.59 -37.54
CA ALA M 41 -8.12 82.81 -38.45
C ALA M 41 -6.82 83.48 -38.87
N THR M 42 -6.79 84.81 -38.91
CA THR M 42 -5.64 85.53 -39.50
C THR M 42 -4.40 85.41 -38.65
N ARG M 43 -3.25 85.25 -39.31
CA ARG M 43 -1.97 85.27 -38.61
C ARG M 43 -1.67 86.63 -38.02
N VAL M 44 -0.88 86.67 -36.97
CA VAL M 44 -0.50 87.95 -36.38
C VAL M 44 0.35 88.67 -37.41
N LYS M 45 1.22 87.91 -38.07
CA LYS M 45 2.04 88.40 -39.19
C LYS M 45 1.31 89.47 -40.04
N ASP M 46 0.26 89.05 -40.74
CA ASP M 46 -0.56 89.93 -41.58
C ASP M 46 -1.80 90.39 -40.82
N LEU M 47 -1.69 91.54 -40.15
CA LEU M 47 -2.72 91.94 -39.21
C LEU M 47 -2.59 93.44 -38.97
N THR M 48 -3.67 94.18 -39.20
CA THR M 48 -3.67 95.65 -39.18
C THR M 48 -3.21 96.23 -37.85
N GLU M 49 -2.47 97.34 -37.92
CA GLU M 49 -1.95 98.00 -36.73
C GLU M 49 -3.02 98.87 -36.11
N ALA M 50 -4.15 98.97 -36.79
CA ALA M 50 -5.35 99.56 -36.22
C ALA M 50 -6.07 98.52 -35.37
N GLU M 51 -6.02 97.27 -35.83
CA GLU M 51 -6.61 96.14 -35.13
C GLU M 51 -5.80 95.78 -33.90
N VAL M 52 -4.49 95.95 -33.96
CA VAL M 52 -3.67 95.71 -32.81
C VAL M 52 -4.05 96.65 -31.67
N VAL M 53 -4.31 97.91 -31.96
CA VAL M 53 -4.57 98.86 -30.88
C VAL M 53 -5.96 98.66 -30.26
N ARG M 54 -6.95 98.40 -31.11
CA ARG M 54 -8.29 98.02 -30.63
C ARG M 54 -8.19 96.82 -29.66
N LEU M 55 -7.33 95.86 -30.01
CA LEU M 55 -7.00 94.71 -29.17
C LEU M 55 -6.26 95.10 -27.91
N ARG M 56 -5.06 95.65 -28.09
CA ARG M 56 -4.15 95.95 -27.01
C ARG M 56 -4.89 96.69 -25.89
N GLU M 57 -5.77 97.63 -26.25
CA GLU M 57 -6.46 98.43 -25.23
C GLU M 57 -7.69 97.75 -24.66
N TYR M 58 -8.37 96.95 -25.48
CA TYR M 58 -9.46 96.12 -24.98
C TYR M 58 -8.95 95.23 -23.86
N VAL M 59 -8.30 94.16 -24.27
CA VAL M 59 -7.76 93.14 -23.39
C VAL M 59 -7.07 93.68 -22.14
N GLU M 60 -6.23 94.70 -22.31
CA GLU M 60 -5.42 95.23 -21.20
C GLU M 60 -6.27 95.99 -20.17
N ASN M 61 -7.43 96.47 -20.58
CA ASN M 61 -8.33 97.20 -19.67
C ASN M 61 -9.67 96.52 -19.44
N THR M 62 -9.82 95.31 -19.96
CA THR M 62 -11.02 94.50 -19.72
C THR M 62 -10.81 93.60 -18.49
N TRP M 63 -9.56 93.23 -18.23
CA TRP M 63 -9.26 92.29 -17.15
C TRP M 63 -7.75 92.21 -16.73
N LYS M 64 -7.59 91.98 -15.41
CA LYS M 64 -6.29 91.85 -14.73
C LYS M 64 -5.47 90.70 -15.30
N LEU M 65 -4.28 90.99 -15.78
CA LEU M 65 -3.51 90.00 -16.53
C LEU M 65 -2.08 89.87 -16.09
N GLU M 66 -1.46 88.78 -16.52
CA GLU M 66 -0.01 88.70 -16.72
C GLU M 66 0.84 89.40 -15.67
N GLY M 67 1.25 88.70 -14.64
CA GLY M 67 2.20 89.30 -13.71
C GLY M 67 1.55 90.18 -12.66
N GLU M 68 0.35 90.67 -12.94
CA GLU M 68 -0.49 91.20 -11.87
C GLU M 68 -1.20 90.00 -11.21
N LEU M 69 -1.84 89.19 -12.06
CA LEU M 69 -2.35 87.90 -11.66
C LEU M 69 -1.33 87.18 -10.82
N ARG M 70 -0.22 86.85 -11.47
CA ARG M 70 0.89 86.16 -10.84
C ARG M 70 1.17 86.65 -9.41
N ALA M 71 1.19 87.98 -9.23
CA ALA M 71 1.51 88.58 -7.93
C ALA M 71 0.29 88.75 -7.00
N GLU M 72 -0.91 88.81 -7.59
CA GLU M 72 -2.15 88.68 -6.82
C GLU M 72 -2.27 87.25 -6.32
N VAL M 73 -2.35 86.31 -7.28
CA VAL M 73 -2.49 84.89 -6.98
C VAL M 73 -1.49 84.43 -5.93
N ALA M 74 -0.26 84.92 -6.03
CA ALA M 74 0.76 84.60 -5.03
C ALA M 74 0.44 85.24 -3.67
N ALA M 75 0.08 86.51 -3.68
CA ALA M 75 -0.29 87.19 -2.44
C ALA M 75 -1.65 86.67 -1.94
N ASN M 76 -2.46 86.19 -2.88
CA ASN M 76 -3.77 85.63 -2.58
C ASN M 76 -3.67 84.35 -1.75
N ILE M 77 -2.56 83.63 -1.92
CA ILE M 77 -2.33 82.36 -1.24
C ILE M 77 -1.72 82.63 0.10
N LYS M 78 -0.70 83.50 0.12
CA LYS M 78 -0.09 83.87 1.39
C LYS M 78 -1.12 84.56 2.30
N ARG M 79 -2.26 84.94 1.73
CA ARG M 79 -3.40 85.32 2.56
C ARG M 79 -3.84 84.10 3.35
N LEU M 80 -3.90 82.95 2.70
CA LEU M 80 -4.35 81.76 3.38
C LEU M 80 -3.37 81.26 4.43
N MET M 81 -2.20 81.88 4.47
CA MET M 81 -1.38 81.80 5.66
C MET M 81 -2.10 82.41 6.87
N ASP M 82 -2.72 83.57 6.65
CA ASP M 82 -3.35 84.43 7.70
C ASP M 82 -3.02 84.12 9.17
N ILE M 83 -4.02 83.63 9.91
CA ILE M 83 -3.84 83.04 11.24
C ILE M 83 -3.55 81.54 11.07
N GLY M 84 -3.96 80.98 9.93
CA GLY M 84 -3.54 79.65 9.53
C GLY M 84 -4.71 78.77 9.24
N CYS M 85 -5.47 79.10 8.21
CA CYS M 85 -6.53 78.22 7.76
C CYS M 85 -5.91 76.89 7.34
N TYR M 86 -6.74 75.88 7.07
CA TYR M 86 -6.27 74.54 6.68
C TYR M 86 -5.45 74.53 5.38
N ARG M 87 -6.02 75.02 4.30
CA ARG M 87 -5.28 75.19 3.05
C ARG M 87 -3.99 75.98 3.28
N GLY M 88 -3.90 76.69 4.40
CA GLY M 88 -2.64 77.28 4.86
C GLY M 88 -1.59 76.21 5.00
N LEU M 89 -1.49 75.59 6.17
CA LEU M 89 -0.66 74.39 6.29
C LEU M 89 -1.20 73.31 5.35
N ARG M 90 -0.73 73.38 4.11
CA ARG M 90 -1.19 72.53 3.03
C ARG M 90 -0.48 73.07 1.81
N HIS M 91 -0.56 74.39 1.67
CA HIS M 91 0.34 75.12 0.82
C HIS M 91 1.65 75.20 1.60
N ARG M 92 1.55 75.48 2.90
CA ARG M 92 2.72 75.57 3.81
C ARG M 92 3.55 74.28 3.70
N ARG M 93 2.87 73.14 3.72
CA ARG M 93 3.50 71.83 3.70
C ARG M 93 3.69 71.33 2.28
N GLY M 94 3.00 71.95 1.33
CA GLY M 94 3.12 71.56 -0.07
C GLY M 94 2.42 70.25 -0.39
N LEU M 95 1.25 70.03 0.20
CA LEU M 95 0.46 68.83 -0.07
C LEU M 95 -0.90 69.21 -0.59
N PRO M 96 -1.50 68.36 -1.44
CA PRO M 96 -2.78 68.58 -2.07
C PRO M 96 -3.78 69.24 -1.17
N VAL M 97 -4.49 70.20 -1.77
CA VAL M 97 -5.20 71.23 -1.05
C VAL M 97 -6.70 71.12 -1.32
N ARG M 98 -7.09 70.21 -2.19
CA ARG M 98 -8.47 70.14 -2.59
C ARG M 98 -9.09 68.82 -2.16
N GLY M 99 -8.64 68.33 -1.00
CA GLY M 99 -9.14 67.10 -0.39
C GLY M 99 -9.06 65.87 -1.29
N GLN M 100 -7.85 65.43 -1.56
CA GLN M 100 -7.65 64.21 -2.34
C GLN M 100 -6.74 63.35 -1.52
N ARG M 101 -6.55 62.10 -1.91
CA ARG M 101 -5.71 61.20 -1.13
C ARG M 101 -4.24 61.62 -1.11
N THR M 102 -3.41 60.85 -0.44
CA THR M 102 -1.99 61.20 -0.28
C THR M 102 -1.15 59.96 0.09
N ARG M 103 -1.82 58.87 0.43
CA ARG M 103 -1.19 57.59 0.74
C ARG M 103 -0.36 57.22 -0.47
N THR M 104 -0.98 57.33 -1.64
CA THR M 104 -0.30 57.11 -2.89
C THR M 104 -0.52 58.34 -3.70
N ASN M 105 0.05 58.36 -4.90
CA ASN M 105 0.02 59.54 -5.78
C ASN M 105 0.38 60.86 -5.05
N ALA M 106 -0.23 61.96 -5.47
CA ALA M 106 0.09 63.31 -5.00
C ALA M 106 1.49 63.73 -5.44
N ARG M 107 1.91 63.21 -6.58
CA ARG M 107 3.26 63.43 -7.08
C ARG M 107 3.40 64.80 -7.71
N THR M 108 2.31 65.33 -8.25
CA THR M 108 2.42 66.64 -8.85
C THR M 108 2.73 67.69 -7.78
N ARG M 109 2.02 67.67 -6.66
CA ARG M 109 2.30 68.61 -5.57
C ARG M 109 3.51 68.28 -4.69
N LYS M 110 3.84 67.01 -4.54
CA LYS M 110 5.10 66.60 -3.90
C LYS M 110 6.10 66.40 -5.02
N GLY M 111 7.15 67.21 -5.08
CA GLY M 111 8.09 67.09 -6.20
C GLY M 111 8.71 65.69 -6.30
N PRO M 112 9.06 65.26 -7.52
CA PRO M 112 9.57 63.93 -7.83
C PRO M 112 9.31 62.82 -6.78
N ARG M 113 10.38 62.28 -6.18
CA ARG M 113 10.30 61.21 -5.19
C ARG M 113 11.50 61.21 -4.24
N LYS M 114 11.26 61.04 -2.95
CA LYS M 114 12.33 60.92 -1.96
C LYS M 114 12.10 59.59 -1.26
N THR M 115 12.89 58.58 -1.64
CA THR M 115 12.65 57.21 -1.20
C THR M 115 13.43 56.84 0.09
N VAL M 116 12.90 55.86 0.84
CA VAL M 116 13.59 55.26 2.02
C VAL M 116 13.54 53.71 2.02
N ALA M 117 13.98 53.09 3.13
CA ALA M 117 14.22 51.63 3.22
C ALA M 117 13.29 50.86 4.17
N GLY M 118 13.80 49.86 4.88
CA GLY M 118 13.07 49.26 6.00
C GLY M 118 13.49 47.88 6.48
N LYS M 119 13.68 47.75 7.80
CA LYS M 119 13.65 46.47 8.55
C LYS M 119 14.58 45.34 8.04
N LYS M 120 14.29 44.11 8.49
CA LYS M 120 15.02 42.90 8.09
C LYS M 120 14.03 41.72 7.94
N LYS M 121 14.33 40.81 7.02
N ALA N 1 -22.20 46.85 16.74
CA ALA N 1 -22.96 46.53 17.98
C ALA N 1 -24.30 45.76 17.72
N ARG N 2 -24.39 45.03 16.59
CA ARG N 2 -25.67 44.56 15.96
C ARG N 2 -26.79 44.10 16.92
N LYS N 3 -27.60 45.06 17.36
CA LYS N 3 -28.92 44.84 17.98
C LYS N 3 -29.54 46.15 18.34
N ALA N 4 -28.86 46.87 19.22
CA ALA N 4 -29.18 48.28 19.49
C ALA N 4 -29.22 49.07 18.19
N LEU N 5 -28.58 48.50 17.17
CA LEU N 5 -28.49 49.07 15.86
C LEU N 5 -29.62 48.62 14.98
N ILE N 6 -30.11 47.40 15.15
CA ILE N 6 -31.22 46.95 14.31
C ILE N 6 -32.54 47.60 14.76
N GLU N 7 -32.61 47.98 16.04
CA GLU N 7 -33.77 48.65 16.63
C GLU N 7 -33.54 50.15 16.67
N LYS N 8 -32.57 50.62 15.89
CA LYS N 8 -32.40 52.02 15.59
C LYS N 8 -32.54 52.25 14.08
N ALA N 9 -32.43 51.17 13.32
CA ALA N 9 -32.61 51.16 11.88
C ALA N 9 -34.09 51.35 11.53
N LYS N 10 -34.93 51.22 12.56
CA LYS N 10 -36.38 51.33 12.45
C LYS N 10 -36.86 52.70 12.93
N ARG N 11 -36.18 53.26 13.94
CA ARG N 11 -36.60 54.55 14.51
C ARG N 11 -36.66 55.65 13.46
N THR N 12 -37.71 56.47 13.51
CA THR N 12 -37.76 57.67 12.69
C THR N 12 -36.65 58.60 13.19
N PRO N 13 -35.72 58.95 12.31
CA PRO N 13 -34.50 59.65 12.72
C PRO N 13 -34.62 61.17 12.71
N LYS N 14 -33.99 61.81 13.69
CA LYS N 14 -33.75 63.25 13.68
C LYS N 14 -32.99 63.53 12.37
N PHE N 15 -33.47 64.46 11.54
CA PHE N 15 -32.97 64.68 10.17
C PHE N 15 -33.28 63.49 9.25
N LYS N 16 -33.89 63.76 8.11
CA LYS N 16 -34.32 62.67 7.21
C LYS N 16 -33.18 61.73 6.89
N VAL N 17 -32.04 62.30 6.46
CA VAL N 17 -30.96 61.55 5.78
C VAL N 17 -30.47 60.32 6.51
N ARG N 18 -30.27 60.42 7.82
CA ARG N 18 -29.65 59.35 8.58
C ARG N 18 -30.32 57.97 8.41
N ALA N 19 -31.44 57.92 7.68
CA ALA N 19 -32.16 56.69 7.34
C ALA N 19 -31.33 55.73 6.46
N TYR N 20 -31.26 54.45 6.85
CA TYR N 20 -30.63 53.42 5.99
C TYR N 20 -31.35 52.08 5.96
N THR N 21 -31.08 51.32 4.91
CA THR N 21 -31.74 50.01 4.73
C THR N 21 -31.10 48.94 5.67
N ARG N 22 -31.55 47.68 5.53
CA ARG N 22 -31.14 46.60 6.42
C ARG N 22 -31.77 45.26 6.00
N CYS N 23 -31.01 44.15 6.00
CA CYS N 23 -31.57 42.78 5.77
C CYS N 23 -32.71 42.71 6.82
N VAL N 24 -33.91 42.31 6.40
CA VAL N 24 -35.01 42.13 7.37
C VAL N 24 -34.71 40.91 8.24
N ARG N 25 -34.14 39.87 7.64
CA ARG N 25 -33.76 38.68 8.42
C ARG N 25 -32.27 38.53 8.82
N CYS N 26 -31.42 39.50 8.44
CA CYS N 26 -29.96 39.55 8.73
C CYS N 26 -29.69 40.58 9.79
N GLY N 27 -30.39 41.70 9.66
CA GLY N 27 -30.03 42.91 10.37
C GLY N 27 -28.77 43.43 9.69
N ARG N 28 -28.63 43.17 8.39
CA ARG N 28 -27.40 43.44 7.68
C ARG N 28 -27.43 44.77 6.93
N ALA N 29 -26.44 45.63 7.21
CA ALA N 29 -26.35 47.00 6.67
C ALA N 29 -26.05 47.08 5.17
N ARG N 30 -25.01 46.38 4.73
CA ARG N 30 -24.50 46.48 3.35
C ARG N 30 -25.27 45.63 2.33
N SER N 31 -25.27 46.11 1.10
CA SER N 31 -25.81 45.42 -0.10
C SER N 31 -27.25 44.90 0.07
N VAL N 32 -28.15 45.82 0.41
CA VAL N 32 -29.54 45.49 0.68
C VAL N 32 -30.41 46.04 -0.42
N TYR N 33 -30.88 45.12 -1.26
CA TYR N 33 -31.69 45.48 -2.42
C TYR N 33 -32.97 46.18 -1.93
N ARG N 34 -33.40 47.21 -2.64
CA ARG N 34 -34.57 47.99 -2.21
C ARG N 34 -35.82 47.13 -2.37
N PHE N 35 -35.87 46.38 -3.46
CA PHE N 35 -37.01 45.54 -3.83
C PHE N 35 -37.37 44.45 -2.83
N PHE N 36 -36.45 44.07 -1.95
CA PHE N 36 -36.66 42.95 -1.04
C PHE N 36 -36.38 43.27 0.41
N GLY N 37 -35.58 44.29 0.71
CA GLY N 37 -35.15 44.54 2.09
C GLY N 37 -34.30 43.38 2.63
N LEU N 38 -33.52 42.76 1.74
CA LEU N 38 -32.73 41.56 2.01
C LEU N 38 -31.27 41.76 1.64
N CYS N 39 -30.40 41.24 2.46
CA CYS N 39 -28.99 41.20 2.18
C CYS N 39 -28.77 40.28 0.98
N ARG N 40 -27.69 40.46 0.26
CA ARG N 40 -27.46 39.65 -0.95
C ARG N 40 -27.42 38.17 -0.58
N ILE N 41 -27.06 37.93 0.68
CA ILE N 41 -26.87 36.57 1.18
C ILE N 41 -28.26 35.93 1.34
N CYS N 42 -28.95 36.35 2.42
CA CYS N 42 -30.35 35.99 2.75
C CYS N 42 -31.12 36.54 1.53
N LEU N 43 -31.33 35.74 0.48
CA LEU N 43 -31.81 36.24 -0.84
C LEU N 43 -31.40 35.21 -1.84
N ARG N 44 -30.12 34.87 -1.85
CA ARG N 44 -29.70 33.72 -2.62
C ARG N 44 -30.28 32.51 -1.90
N GLU N 45 -30.45 32.67 -0.58
CA GLU N 45 -31.00 31.65 0.32
C GLU N 45 -32.44 31.33 -0.01
N LEU N 46 -33.29 32.35 0.00
CA LEU N 46 -34.72 32.18 -0.27
C LEU N 46 -34.99 31.82 -1.73
N ALA N 47 -34.35 32.51 -2.66
CA ALA N 47 -34.53 32.24 -4.08
C ALA N 47 -34.33 30.78 -4.43
N HIS N 48 -33.60 30.06 -3.59
CA HIS N 48 -33.31 28.66 -3.83
C HIS N 48 -34.34 27.78 -3.20
N LYS N 49 -34.86 28.22 -2.06
CA LYS N 49 -35.96 27.52 -1.39
C LYS N 49 -37.15 27.47 -2.35
N GLY N 50 -37.42 28.62 -2.98
CA GLY N 50 -38.60 28.81 -3.84
C GLY N 50 -39.55 29.83 -3.27
N GLN N 51 -39.20 30.39 -2.10
CA GLN N 51 -40.03 31.32 -1.36
C GLN N 51 -39.96 32.75 -1.89
N LEU N 52 -39.36 32.90 -3.07
CA LEU N 52 -39.30 34.17 -3.78
C LEU N 52 -39.94 34.08 -5.15
N PRO N 53 -41.21 34.53 -5.24
CA PRO N 53 -42.08 34.21 -6.38
C PRO N 53 -41.54 34.73 -7.71
N GLY N 54 -41.61 33.88 -8.74
CA GLY N 54 -41.23 34.26 -10.10
C GLY N 54 -39.74 34.53 -10.33
N VAL N 55 -39.00 34.64 -9.22
CA VAL N 55 -37.55 34.75 -9.24
C VAL N 55 -36.95 33.43 -9.75
N ARG N 56 -36.35 33.51 -10.91
CA ARG N 56 -35.79 32.34 -11.58
C ARG N 56 -34.25 32.36 -11.58
N LYS N 57 -33.68 31.23 -11.96
CA LYS N 57 -32.24 31.10 -12.07
C LYS N 57 -31.90 31.57 -13.48
N ALA N 58 -31.35 32.78 -13.57
CA ALA N 58 -31.19 33.50 -14.86
C ALA N 58 -30.12 32.90 -15.76
N SER N 59 -30.47 32.59 -17.00
CA SER N 59 -29.54 31.92 -17.90
C SER N 59 -29.67 32.40 -19.34
N TRP N 60 -28.56 32.82 -19.94
CA TRP N 60 -28.58 33.30 -21.33
C TRP N 60 -27.21 33.37 -22.08
N PRO O 1 54.51 -37.53 -21.15
CA PRO O 1 53.36 -38.24 -20.61
C PRO O 1 53.70 -39.63 -20.05
N ILE O 2 52.81 -40.60 -20.27
CA ILE O 2 53.02 -41.99 -19.90
C ILE O 2 52.46 -42.91 -21.00
N THR O 3 53.34 -43.50 -21.82
CA THR O 3 52.88 -44.35 -22.92
C THR O 3 52.16 -45.63 -22.46
N LYS O 4 51.38 -46.22 -23.36
CA LYS O 4 50.77 -47.53 -23.15
C LYS O 4 51.80 -48.57 -22.69
N GLU O 5 52.92 -48.61 -23.41
CA GLU O 5 54.05 -49.49 -23.11
C GLU O 5 54.38 -49.46 -21.63
N GLU O 6 54.53 -48.23 -21.12
CA GLU O 6 54.83 -48.01 -19.71
C GLU O 6 53.77 -48.59 -18.79
N LYS O 7 52.54 -48.08 -18.89
CA LYS O 7 51.42 -48.60 -18.11
C LYS O 7 51.40 -50.12 -18.12
N GLN O 8 51.21 -50.68 -19.32
CA GLN O 8 51.13 -52.11 -19.52
C GLN O 8 52.24 -52.86 -18.86
N LYS O 9 53.45 -52.31 -18.94
CA LYS O 9 54.56 -52.86 -18.21
C LYS O 9 54.23 -52.93 -16.70
N VAL O 10 53.69 -51.85 -16.15
CA VAL O 10 53.48 -51.78 -14.70
C VAL O 10 52.36 -52.72 -14.29
N ILE O 11 51.27 -52.66 -15.02
CA ILE O 11 50.14 -53.52 -14.76
C ILE O 11 50.59 -54.99 -14.74
N GLN O 12 51.47 -55.38 -15.65
CA GLN O 12 51.95 -56.75 -15.69
C GLN O 12 52.86 -57.00 -14.50
N GLU O 13 53.81 -56.10 -14.30
CA GLU O 13 54.74 -56.23 -13.19
C GLU O 13 54.06 -56.33 -11.80
N PHE O 14 52.75 -56.06 -11.76
CA PHE O 14 52.07 -55.94 -10.47
C PHE O 14 50.77 -56.70 -10.29
N ALA O 15 50.20 -57.20 -11.38
CA ALA O 15 48.95 -57.94 -11.31
C ALA O 15 49.09 -59.20 -10.45
N ARG O 16 48.01 -59.54 -9.76
CA ARG O 16 47.96 -60.68 -8.85
C ARG O 16 47.79 -61.97 -9.63
N PHE O 17 47.55 -61.85 -10.92
CA PHE O 17 47.34 -62.97 -11.81
C PHE O 17 47.14 -62.40 -13.22
N PRO O 18 47.39 -63.22 -14.26
CA PRO O 18 47.18 -62.82 -15.65
C PRO O 18 45.81 -62.19 -15.92
N GLY O 19 45.80 -61.02 -16.55
CA GLY O 19 44.56 -60.31 -16.88
C GLY O 19 43.95 -59.50 -15.76
N ASP O 20 44.70 -59.34 -14.66
CA ASP O 20 44.27 -58.51 -13.54
C ASP O 20 44.65 -57.06 -13.84
N THR O 21 43.64 -56.20 -13.91
CA THR O 21 43.83 -54.80 -14.20
C THR O 21 43.31 -53.89 -13.10
N GLY O 22 42.94 -54.45 -11.95
CA GLY O 22 42.21 -53.65 -10.97
C GLY O 22 42.38 -53.96 -9.51
N SER O 23 43.31 -54.83 -9.17
CA SER O 23 43.64 -55.08 -7.79
C SER O 23 44.16 -53.81 -7.15
N THR O 24 43.94 -53.70 -5.84
CA THR O 24 44.60 -52.71 -4.98
C THR O 24 46.04 -52.49 -5.35
N GLU O 25 46.73 -53.57 -5.61
CA GLU O 25 48.14 -53.54 -5.89
C GLU O 25 48.39 -52.86 -7.25
N VAL O 26 47.61 -53.23 -8.26
CA VAL O 26 47.75 -52.64 -9.58
C VAL O 26 47.50 -51.13 -9.46
N GLN O 27 46.39 -50.78 -8.80
CA GLN O 27 45.99 -49.38 -8.60
C GLN O 27 47.07 -48.53 -7.93
N VAL O 28 47.51 -48.96 -6.75
CA VAL O 28 48.59 -48.28 -6.05
C VAL O 28 49.85 -48.11 -6.87
N ALA O 29 50.22 -49.16 -7.60
CA ALA O 29 51.34 -49.12 -8.51
C ALA O 29 51.11 -48.02 -9.50
N LEU O 30 49.98 -48.09 -10.19
CA LEU O 30 49.65 -47.11 -11.20
C LEU O 30 49.66 -45.66 -10.70
N LEU O 31 49.11 -45.42 -9.52
CA LEU O 31 49.18 -44.10 -8.88
C LEU O 31 50.61 -43.65 -8.60
N THR O 32 51.41 -44.54 -8.03
CA THR O 32 52.79 -44.23 -7.76
C THR O 32 53.51 -43.76 -9.01
N LEU O 33 53.20 -44.41 -10.13
CA LEU O 33 53.77 -44.01 -11.40
C LEU O 33 53.45 -42.56 -11.67
N ARG O 34 52.18 -42.21 -11.50
CA ARG O 34 51.69 -40.87 -11.81
C ARG O 34 52.21 -39.86 -10.84
N ILE O 35 52.24 -40.23 -9.57
CA ILE O 35 52.73 -39.36 -8.54
C ILE O 35 54.18 -39.00 -8.81
N ASN O 36 55.03 -40.02 -8.93
CA ASN O 36 56.47 -39.78 -9.07
C ASN O 36 56.81 -39.12 -10.42
N ARG O 37 55.87 -39.16 -11.37
CA ARG O 37 55.99 -38.43 -12.64
C ARG O 37 55.64 -36.97 -12.42
N LEU O 38 54.48 -36.77 -11.84
CA LEU O 38 53.94 -35.45 -11.57
C LEU O 38 54.81 -34.68 -10.59
N SER O 39 55.34 -35.34 -9.58
CA SER O 39 56.13 -34.65 -8.56
C SER O 39 57.55 -34.32 -9.03
N GLU O 40 57.95 -34.86 -10.19
CA GLU O 40 59.20 -34.46 -10.86
C GLU O 40 58.95 -33.28 -11.81
N HIS O 41 57.67 -33.03 -12.07
CA HIS O 41 57.22 -31.90 -12.88
C HIS O 41 57.04 -30.63 -12.02
N LEU O 42 56.73 -30.78 -10.74
CA LEU O 42 56.53 -29.62 -9.87
C LEU O 42 57.84 -29.04 -9.39
N LYS O 43 58.85 -29.90 -9.31
CA LYS O 43 60.18 -29.48 -8.85
C LYS O 43 60.71 -28.40 -9.77
N VAL O 44 60.31 -28.50 -11.03
CA VAL O 44 60.72 -27.56 -12.05
C VAL O 44 59.68 -26.44 -12.15
N HIS O 45 58.40 -26.81 -12.11
CA HIS O 45 57.32 -25.85 -12.32
C HIS O 45 56.68 -25.43 -11.00
N LYS O 46 57.54 -25.03 -10.05
CA LYS O 46 57.16 -24.62 -8.69
C LYS O 46 55.82 -23.87 -8.57
N LYS O 47 55.44 -23.12 -9.60
CA LYS O 47 54.29 -22.23 -9.51
C LYS O 47 53.03 -22.85 -10.10
N ASP O 48 53.14 -24.06 -10.65
CA ASP O 48 52.01 -24.70 -11.30
C ASP O 48 51.06 -25.25 -10.26
N HIS O 49 50.39 -24.39 -9.51
CA HIS O 49 49.62 -24.86 -8.37
C HIS O 49 48.43 -25.73 -8.75
N HIS O 50 47.82 -25.45 -9.90
CA HIS O 50 46.67 -26.23 -10.35
C HIS O 50 46.96 -27.73 -10.43
N SER O 51 48.14 -28.06 -10.91
CA SER O 51 48.56 -29.44 -10.92
C SER O 51 48.73 -29.90 -9.47
N HIS O 52 49.46 -29.14 -8.66
CA HIS O 52 49.78 -29.53 -7.27
C HIS O 52 48.53 -30.00 -6.53
N ARG O 53 47.36 -29.51 -6.92
CA ARG O 53 46.09 -30.00 -6.37
C ARG O 53 45.81 -31.43 -6.76
N GLY O 54 45.73 -31.68 -8.06
CA GLY O 54 45.62 -33.03 -8.61
C GLY O 54 46.55 -34.04 -7.95
N LEU O 55 47.74 -33.59 -7.53
CA LEU O 55 48.70 -34.43 -6.82
C LEU O 55 48.17 -34.91 -5.50
N LEU O 56 47.72 -33.97 -4.68
CA LEU O 56 47.11 -34.28 -3.40
C LEU O 56 45.95 -35.25 -3.52
N MET O 57 45.25 -35.14 -4.63
CA MET O 57 44.16 -36.01 -4.87
C MET O 57 44.71 -37.43 -5.01
N MET O 58 45.71 -37.59 -5.86
CA MET O 58 46.32 -38.90 -6.07
C MET O 58 46.91 -39.40 -4.76
N VAL O 59 47.89 -38.70 -4.21
CA VAL O 59 48.48 -39.08 -2.93
C VAL O 59 47.44 -39.58 -1.92
N GLY O 60 46.34 -38.85 -1.85
CA GLY O 60 45.26 -39.17 -0.93
C GLY O 60 44.51 -40.41 -1.35
N GLN O 61 44.23 -40.51 -2.64
CA GLN O 61 43.65 -41.74 -3.19
C GLN O 61 44.59 -42.94 -2.98
N ARG O 62 45.91 -42.72 -3.03
CA ARG O 62 46.86 -43.79 -2.83
C ARG O 62 46.78 -44.25 -1.41
N ARG O 63 46.83 -43.31 -0.46
CA ARG O 63 46.78 -43.68 0.96
C ARG O 63 45.42 -44.26 1.37
N ARG O 64 44.40 -43.98 0.60
CA ARG O 64 43.13 -44.59 0.86
C ARG O 64 43.32 -46.09 0.62
N LEU O 65 43.62 -46.44 -0.63
CA LEU O 65 43.86 -47.82 -1.04
C LEU O 65 44.78 -48.58 -0.08
N LEU O 66 45.95 -48.01 0.20
CA LEU O 66 46.87 -48.61 1.15
C LEU O 66 46.20 -48.99 2.47
N ARG O 67 45.50 -48.04 3.08
CA ARG O 67 44.77 -48.30 4.33
C ARG O 67 43.89 -49.53 4.22
N TYR O 68 43.23 -49.69 3.07
CA TYR O 68 42.38 -50.85 2.83
C TYR O 68 43.18 -52.12 2.90
N LEU O 69 44.31 -52.11 2.20
CA LEU O 69 45.14 -53.29 2.06
C LEU O 69 45.68 -53.78 3.39
N GLN O 70 46.13 -52.86 4.20
CA GLN O 70 46.62 -53.19 5.52
C GLN O 70 45.54 -53.85 6.36
N ARG O 71 44.37 -53.23 6.39
CA ARG O 71 43.28 -53.72 7.22
C ARG O 71 42.83 -55.12 6.81
N GLU O 72 43.04 -55.47 5.55
CA GLU O 72 42.56 -56.75 5.03
C GLU O 72 43.57 -57.85 5.03
N ASP O 73 44.80 -57.53 4.59
CA ASP O 73 45.86 -58.53 4.41
C ASP O 73 47.26 -57.91 4.60
N PRO O 74 47.69 -57.77 5.86
CA PRO O 74 48.91 -57.02 6.18
C PRO O 74 50.17 -57.53 5.51
N GLU O 75 50.08 -58.71 4.90
CA GLU O 75 51.23 -59.30 4.20
C GLU O 75 51.46 -58.66 2.84
N ARG O 76 50.41 -58.59 2.05
CA ARG O 76 50.51 -57.97 0.73
C ARG O 76 50.88 -56.51 0.86
N TYR O 77 50.40 -55.85 1.92
CA TYR O 77 50.80 -54.48 2.25
C TYR O 77 52.30 -54.43 2.42
N ARG O 78 52.81 -55.13 3.43
CA ARG O 78 54.24 -55.18 3.73
C ARG O 78 55.05 -55.38 2.46
N ALA O 79 54.55 -56.23 1.56
CA ALA O 79 55.24 -56.56 0.31
C ALA O 79 55.17 -55.42 -0.68
N LEU O 80 53.95 -54.95 -0.93
CA LEU O 80 53.70 -53.91 -1.94
C LEU O 80 54.45 -52.59 -1.70
N ILE O 81 54.61 -52.18 -0.44
CA ILE O 81 55.33 -50.93 -0.18
C ILE O 81 56.83 -51.18 -0.33
N GLU O 82 57.31 -52.37 0.00
CA GLU O 82 58.74 -52.69 -0.15
C GLU O 82 59.12 -52.75 -1.61
N LYS O 83 58.17 -53.16 -2.44
CA LYS O 83 58.36 -53.19 -3.88
C LYS O 83 58.30 -51.78 -4.49
N LEU O 84 57.81 -50.81 -3.72
CA LEU O 84 57.64 -49.47 -4.21
C LEU O 84 58.40 -48.43 -3.42
N GLY O 85 58.82 -48.79 -2.21
CA GLY O 85 59.47 -47.85 -1.29
C GLY O 85 58.61 -46.64 -1.01
N ILE O 86 57.72 -46.73 -0.01
CA ILE O 86 56.71 -45.68 0.22
C ILE O 86 56.53 -45.26 1.69
N ARG O 87 55.52 -45.81 2.36
CA ARG O 87 55.03 -45.24 3.63
C ARG O 87 56.03 -45.56 4.76
N GLY O 88 57.32 -45.37 4.48
CA GLY O 88 58.40 -45.94 5.30
C GLY O 88 58.93 -47.21 4.66
N MET P 1 26.50 -48.41 71.90
CA MET P 1 25.23 -48.87 72.54
C MET P 1 24.04 -48.30 71.81
N VAL P 2 23.21 -49.22 71.32
CA VAL P 2 22.05 -48.89 70.51
C VAL P 2 20.84 -48.94 71.42
N LYS P 3 19.85 -48.11 71.17
CA LYS P 3 18.76 -47.97 72.09
C LYS P 3 17.39 -48.00 71.46
N ILE P 4 16.49 -48.78 72.05
CA ILE P 4 15.08 -48.59 71.76
C ILE P 4 14.71 -47.28 72.48
N ARG P 5 14.03 -46.38 71.79
CA ARG P 5 13.64 -45.14 72.46
C ARG P 5 12.59 -44.37 71.71
N LEU P 6 12.24 -43.22 72.24
CA LEU P 6 11.23 -42.37 71.60
C LEU P 6 11.83 -41.21 70.81
N ALA P 7 11.28 -41.02 69.61
CA ALA P 7 11.57 -39.86 68.78
C ALA P 7 10.29 -39.08 68.72
N ARG P 8 10.36 -37.76 68.63
CA ARG P 8 9.13 -36.95 68.71
C ARG P 8 8.69 -36.40 67.36
N PHE P 9 7.49 -36.78 66.97
CA PHE P 9 6.83 -36.23 65.78
C PHE P 9 5.56 -35.48 66.20
N GLY P 10 4.71 -35.11 65.26
CA GLY P 10 3.50 -34.36 65.64
C GLY P 10 3.80 -32.88 65.67
N SER P 11 2.92 -32.11 66.27
CA SER P 11 3.12 -30.67 66.36
C SER P 11 3.20 -30.15 67.82
N LYS P 12 3.20 -28.83 67.95
CA LYS P 12 3.29 -28.19 69.24
C LYS P 12 1.99 -28.42 70.02
N HIS P 13 2.16 -29.07 71.17
CA HIS P 13 1.07 -29.54 72.02
C HIS P 13 0.36 -30.70 71.34
N ASN P 14 1.09 -31.38 70.44
CA ASN P 14 0.55 -32.48 69.67
C ASN P 14 1.57 -33.60 69.62
N PRO P 15 2.02 -34.05 70.78
CA PRO P 15 3.16 -34.93 70.76
C PRO P 15 2.74 -36.27 70.19
N HIS P 16 3.64 -36.86 69.42
CA HIS P 16 3.44 -38.18 68.83
C HIS P 16 4.78 -38.82 68.71
N TYR P 17 4.99 -39.94 69.37
CA TYR P 17 6.31 -40.52 69.37
C TYR P 17 6.37 -41.74 68.50
N ARG P 18 7.60 -42.06 68.14
CA ARG P 18 7.94 -43.17 67.32
C ARG P 18 8.91 -44.04 68.07
N ILE P 19 8.48 -45.25 68.38
CA ILE P 19 9.32 -46.20 69.06
C ILE P 19 10.37 -46.68 68.06
N VAL P 20 11.62 -46.26 68.28
CA VAL P 20 12.70 -46.48 67.33
C VAL P 20 13.91 -47.08 68.00
N VAL P 21 14.69 -47.82 67.20
CA VAL P 21 16.02 -48.22 67.65
C VAL P 21 16.97 -47.29 66.91
N THR P 22 18.11 -47.00 67.54
CA THR P 22 19.04 -45.97 67.10
C THR P 22 20.29 -45.97 67.96
N ASP P 23 21.43 -45.56 67.40
CA ASP P 23 22.63 -45.41 68.20
C ASP P 23 22.40 -44.25 69.13
N ALA P 24 22.91 -44.40 70.35
CA ALA P 24 22.54 -43.52 71.43
C ALA P 24 23.03 -42.14 71.15
N ARG P 25 24.11 -42.06 70.39
CA ARG P 25 24.74 -40.79 70.14
C ARG P 25 24.02 -39.98 69.08
N ARG P 26 23.00 -40.52 68.44
CA ARG P 26 22.34 -39.71 67.44
C ARG P 26 21.36 -38.77 68.07
N LYS P 27 20.99 -37.74 67.32
CA LYS P 27 20.01 -36.75 67.75
C LYS P 27 18.70 -37.45 68.11
N ARG P 28 17.87 -36.78 68.92
CA ARG P 28 16.58 -37.36 69.33
C ARG P 28 15.72 -37.69 68.11
N ASP P 29 15.47 -36.68 67.28
CA ASP P 29 14.66 -36.85 66.09
C ASP P 29 15.51 -37.09 64.87
N GLY P 30 16.76 -37.47 65.09
CA GLY P 30 17.67 -37.84 63.99
C GLY P 30 17.36 -39.17 63.34
N LYS P 31 18.24 -39.56 62.44
CA LYS P 31 18.06 -40.79 61.67
C LYS P 31 17.97 -42.02 62.61
N TYR P 32 17.22 -43.04 62.23
CA TYR P 32 17.16 -44.20 63.09
C TYR P 32 17.34 -45.50 62.35
N ILE P 33 17.48 -46.58 63.08
CA ILE P 33 17.87 -47.83 62.49
C ILE P 33 16.64 -48.55 62.03
N GLU P 34 15.53 -48.32 62.73
CA GLU P 34 14.29 -49.00 62.44
C GLU P 34 13.21 -48.39 63.30
N LYS P 35 12.02 -48.23 62.72
CA LYS P 35 10.82 -47.90 63.49
C LYS P 35 10.21 -49.20 63.95
N ILE P 36 9.88 -49.32 65.23
CA ILE P 36 9.24 -50.55 65.70
C ILE P 36 7.98 -50.25 66.48
N GLY P 37 7.38 -49.10 66.26
CA GLY P 37 6.08 -48.85 66.83
C GLY P 37 5.88 -47.37 66.95
N TYR P 38 4.80 -46.99 67.61
CA TYR P 38 4.52 -45.58 67.86
C TYR P 38 3.72 -45.45 69.13
N TYR P 39 3.38 -44.23 69.53
CA TYR P 39 2.79 -43.99 70.82
C TYR P 39 2.25 -42.59 70.89
N ASP P 40 0.98 -42.46 71.26
CA ASP P 40 0.35 -41.16 71.43
C ASP P 40 0.04 -41.04 72.91
N PRO P 41 0.78 -40.17 73.61
CA PRO P 41 0.64 -39.99 75.04
C PRO P 41 -0.71 -39.43 75.42
N ARG P 42 -1.47 -38.96 74.43
CA ARG P 42 -2.73 -38.34 74.72
C ARG P 42 -3.91 -39.27 74.44
N LYS P 43 -3.59 -40.42 73.86
CA LYS P 43 -4.59 -41.45 73.61
C LYS P 43 -5.84 -40.80 73.00
N THR P 44 -5.67 -40.24 71.80
CA THR P 44 -6.75 -39.51 71.11
C THR P 44 -7.39 -40.36 70.01
N THR P 45 -6.70 -41.43 69.66
CA THR P 45 -7.17 -42.43 68.73
C THR P 45 -7.41 -43.62 69.63
N PRO P 46 -8.32 -44.54 69.22
CA PRO P 46 -8.48 -45.77 69.96
C PRO P 46 -7.28 -46.63 69.80
N ASP P 47 -6.39 -46.28 68.88
CA ASP P 47 -5.13 -46.98 68.74
C ASP P 47 -3.96 -46.06 68.94
N TRP P 48 -3.58 -45.87 70.20
CA TRP P 48 -2.55 -44.93 70.56
C TRP P 48 -1.32 -45.64 71.07
N LEU P 49 -1.18 -46.91 70.74
CA LEU P 49 0.04 -47.60 71.04
C LEU P 49 0.10 -48.84 70.19
N LYS P 50 1.28 -49.15 69.68
CA LYS P 50 1.49 -50.27 68.77
C LYS P 50 2.97 -50.57 68.83
N VAL P 51 3.32 -51.84 68.64
CA VAL P 51 4.70 -52.30 68.71
C VAL P 51 4.84 -53.58 67.90
N ASP P 52 5.73 -53.57 66.92
CA ASP P 52 6.09 -54.82 66.28
C ASP P 52 6.77 -55.66 67.33
N VAL P 53 6.06 -56.54 68.00
CA VAL P 53 6.69 -57.19 69.15
C VAL P 53 7.67 -58.32 68.79
N GLU P 54 7.61 -58.85 67.58
CA GLU P 54 8.71 -59.73 67.21
C GLU P 54 9.97 -58.87 67.20
N ARG P 55 9.95 -57.76 66.47
CA ARG P 55 11.16 -56.97 66.30
C ARG P 55 11.71 -56.47 67.64
N ALA P 56 10.84 -55.91 68.49
CA ALA P 56 11.24 -55.53 69.83
C ALA P 56 12.10 -56.63 70.43
N ARG P 57 11.60 -57.86 70.42
CA ARG P 57 12.37 -58.98 70.98
C ARG P 57 13.70 -59.20 70.22
N TYR P 58 13.71 -58.98 68.92
CA TYR P 58 14.98 -59.07 68.18
C TYR P 58 16.01 -58.11 68.74
N TRP P 59 15.68 -56.84 68.78
CA TRP P 59 16.63 -55.82 69.16
C TRP P 59 17.13 -55.98 70.57
N LEU P 60 16.29 -56.49 71.44
CA LEU P 60 16.76 -56.84 72.75
C LEU P 60 17.77 -57.92 72.61
N SER P 61 17.44 -58.95 71.83
CA SER P 61 18.31 -60.11 71.68
C SER P 61 19.75 -59.78 71.21
N VAL P 62 19.88 -58.71 70.46
CA VAL P 62 21.20 -58.28 70.02
C VAL P 62 21.74 -57.20 70.91
N GLY P 63 20.93 -56.80 71.89
CA GLY P 63 21.38 -55.98 73.00
C GLY P 63 21.16 -54.53 72.70
N ALA P 64 20.17 -53.95 73.35
CA ALA P 64 19.81 -52.60 73.01
C ALA P 64 18.98 -51.98 74.08
N GLN P 65 19.59 -51.44 75.12
CA GLN P 65 18.79 -50.97 76.25
C GLN P 65 17.76 -49.94 75.79
N PRO P 66 16.51 -50.19 76.18
CA PRO P 66 15.42 -49.24 76.02
C PRO P 66 15.45 -48.13 77.03
N THR P 67 15.11 -46.91 76.61
CA THR P 67 14.80 -45.86 77.57
C THR P 67 13.85 -46.42 78.62
N ASP P 68 13.97 -45.92 79.85
CA ASP P 68 13.10 -46.39 80.93
C ASP P 68 11.60 -46.25 80.60
N THR P 69 11.25 -45.25 79.83
CA THR P 69 9.85 -45.04 79.49
C THR P 69 9.49 -45.75 78.16
N ALA P 70 10.50 -46.08 77.37
CA ALA P 70 10.26 -46.83 76.16
C ALA P 70 10.11 -48.28 76.48
N ARG P 71 10.64 -48.69 77.63
CA ARG P 71 10.47 -50.06 78.06
C ARG P 71 9.14 -50.22 78.79
N ARG P 72 8.70 -49.13 79.44
CA ARG P 72 7.38 -49.11 80.03
C ARG P 72 6.31 -49.49 79.01
N LEU P 73 6.46 -48.94 77.81
CA LEU P 73 5.51 -49.15 76.73
C LEU P 73 5.66 -50.55 76.16
N LEU P 74 6.89 -50.98 75.94
CA LEU P 74 7.15 -52.34 75.48
C LEU P 74 6.52 -53.37 76.41
N ARG P 75 6.50 -53.05 77.70
CA ARG P 75 5.85 -53.88 78.68
C ARG P 75 4.36 -53.92 78.37
N GLN P 76 3.77 -52.75 78.19
CA GLN P 76 2.33 -52.61 77.97
C GLN P 76 1.80 -53.51 76.89
N ALA P 77 2.59 -53.71 75.84
CA ALA P 77 2.23 -54.59 74.75
C ALA P 77 2.96 -55.92 74.93
N GLY P 78 3.20 -56.27 76.17
CA GLY P 78 3.81 -57.55 76.52
C GLY P 78 5.05 -57.97 75.78
N VAL P 79 6.01 -57.07 75.61
CA VAL P 79 7.27 -57.49 75.00
C VAL P 79 7.96 -58.47 75.92
N PHE P 80 7.78 -58.30 77.23
CA PHE P 80 8.51 -59.07 78.25
C PHE P 80 7.66 -60.15 78.89
N ARG P 81 6.33 -60.02 78.78
CA ARG P 81 5.41 -61.09 79.17
C ARG P 81 5.74 -62.42 78.47
N GLN P 82 6.14 -63.43 79.24
CA GLN P 82 6.42 -64.78 78.72
C GLN P 82 5.43 -65.80 79.30
N GLU P 83 5.36 -66.99 78.68
CA GLU P 83 4.57 -68.16 79.15
C GLU P 83 3.09 -67.89 79.54
N ALA P 84 2.45 -68.89 80.14
N PRO Q 1 30.60 -57.06 43.97
CA PRO Q 1 31.52 -57.49 42.93
C PRO Q 1 32.56 -56.46 42.62
N LYS Q 2 33.82 -56.86 42.67
CA LYS Q 2 34.87 -56.01 42.17
C LYS Q 2 34.55 -55.81 40.68
N LYS Q 3 34.46 -54.55 40.28
CA LYS Q 3 34.19 -54.22 38.89
C LYS Q 3 35.30 -54.81 38.06
N VAL Q 4 34.93 -55.58 37.02
CA VAL Q 4 35.90 -56.14 36.04
C VAL Q 4 35.72 -55.49 34.68
N LEU Q 5 36.78 -54.86 34.20
CA LEU Q 5 36.71 -54.13 32.95
C LEU Q 5 37.63 -54.78 31.99
N THR Q 6 37.49 -54.45 30.72
CA THR Q 6 38.39 -55.00 29.74
C THR Q 6 38.81 -53.93 28.74
N GLY Q 7 40.12 -53.81 28.56
CA GLY Q 7 40.63 -52.82 27.65
C GLY Q 7 41.81 -53.32 26.85
N VAL Q 8 42.58 -52.35 26.37
CA VAL Q 8 43.78 -52.61 25.61
C VAL Q 8 44.94 -52.05 26.39
N VAL Q 9 46.02 -52.82 26.45
CA VAL Q 9 47.28 -52.29 26.93
C VAL Q 9 47.86 -51.31 25.92
N VAL Q 10 48.08 -50.06 26.33
CA VAL Q 10 48.67 -49.05 25.43
C VAL Q 10 50.03 -48.58 25.94
N SER Q 11 50.53 -49.20 27.02
CA SER Q 11 51.90 -48.95 27.49
C SER Q 11 52.35 -50.02 28.48
N ASP Q 12 53.60 -50.49 28.34
CA ASP Q 12 54.24 -51.35 29.35
C ASP Q 12 55.63 -50.79 29.67
N LYS Q 13 55.81 -49.53 29.29
CA LYS Q 13 57.03 -48.81 29.56
C LYS Q 13 57.15 -48.42 31.04
N MET Q 14 56.47 -49.16 31.91
CA MET Q 14 56.60 -49.02 33.37
C MET Q 14 56.89 -50.39 33.95
N GLN Q 15 57.56 -50.40 35.08
CA GLN Q 15 57.92 -51.66 35.72
C GLN Q 15 56.68 -52.26 36.33
N LYS Q 16 56.41 -53.53 36.04
CA LYS Q 16 55.28 -54.25 36.66
C LYS Q 16 53.92 -53.55 36.54
N THR Q 17 53.78 -52.68 35.55
CA THR Q 17 52.56 -51.93 35.35
C THR Q 17 52.21 -51.78 33.86
N VAL Q 18 50.92 -51.93 33.54
CA VAL Q 18 50.40 -51.64 32.21
C VAL Q 18 49.27 -50.60 32.22
N THR Q 19 49.38 -49.62 31.32
CA THR Q 19 48.29 -48.71 31.06
C THR Q 19 47.29 -49.44 30.21
N VAL Q 20 46.07 -49.54 30.69
CA VAL Q 20 44.98 -50.13 29.95
C VAL Q 20 43.90 -49.14 29.51
N LEU Q 21 43.55 -49.19 28.23
CA LEU Q 21 42.53 -48.30 27.71
C LEU Q 21 41.19 -49.02 27.64
N VAL Q 22 40.29 -48.65 28.56
CA VAL Q 22 38.90 -49.16 28.59
C VAL Q 22 37.92 -48.21 27.92
N GLU Q 23 37.23 -48.69 26.92
CA GLU Q 23 36.25 -47.86 26.23
C GLU Q 23 34.86 -48.29 26.66
N ARG Q 24 33.96 -47.33 26.71
CA ARG Q 24 32.63 -47.47 27.29
C ARG Q 24 31.68 -46.78 26.35
N GLN Q 25 30.44 -47.22 26.24
CA GLN Q 25 29.49 -46.47 25.41
C GLN Q 25 28.07 -46.41 25.93
N PHE Q 26 27.36 -45.33 25.59
CA PHE Q 26 26.05 -45.11 26.16
C PHE Q 26 25.21 -44.04 25.48
N PRO Q 27 23.90 -44.20 25.57
CA PRO Q 27 22.90 -43.20 25.29
C PRO Q 27 23.23 -41.91 25.96
N HIS Q 28 23.51 -40.90 25.16
CA HIS Q 28 23.76 -39.55 25.68
C HIS Q 28 22.57 -39.05 26.48
N PRO Q 29 22.82 -38.56 27.68
CA PRO Q 29 21.81 -38.21 28.66
C PRO Q 29 20.74 -37.28 28.16
N LEU Q 30 21.06 -36.43 27.21
CA LEU Q 30 20.07 -35.49 26.70
C LEU Q 30 19.75 -35.66 25.23
N TYR Q 31 20.73 -36.09 24.47
CA TYR Q 31 20.61 -36.00 23.06
C TYR Q 31 20.41 -37.33 22.40
N GLY Q 32 20.40 -38.40 23.19
CA GLY Q 32 20.00 -39.72 22.69
C GLY Q 32 21.11 -40.51 22.02
N LYS Q 33 21.80 -39.89 21.07
CA LYS Q 33 22.85 -40.55 20.31
C LYS Q 33 23.68 -41.41 21.26
N VAL Q 34 24.04 -42.62 20.83
CA VAL Q 34 25.01 -43.43 21.59
C VAL Q 34 26.42 -42.88 21.36
N ILE Q 35 27.00 -42.30 22.41
CA ILE Q 35 28.35 -41.76 22.29
C ILE Q 35 29.34 -42.75 22.90
N LYS Q 36 30.58 -42.73 22.45
CA LYS Q 36 31.63 -43.54 23.06
C LYS Q 36 32.49 -42.68 23.96
N ARG Q 37 33.18 -43.31 24.89
CA ARG Q 37 34.03 -42.59 25.81
C ARG Q 37 34.96 -43.60 26.45
N SER Q 38 36.07 -43.11 26.98
CA SER Q 38 37.14 -44.01 27.40
C SER Q 38 38.08 -43.42 28.45
N LYS Q 39 38.77 -44.34 29.14
CA LYS Q 39 39.59 -44.05 30.30
C LYS Q 39 40.76 -45.01 30.42
N LYS Q 40 41.96 -44.48 30.59
CA LYS Q 40 43.10 -45.35 30.85
C LYS Q 40 43.21 -45.66 32.34
N TYR Q 41 43.58 -46.89 32.63
CA TYR Q 41 43.73 -47.39 33.98
C TYR Q 41 45.17 -47.90 34.14
N LEU Q 42 45.78 -47.71 35.30
CA LEU Q 42 47.08 -48.33 35.57
C LEU Q 42 46.90 -49.63 36.30
N ALA Q 43 47.29 -50.70 35.61
CA ALA Q 43 46.96 -52.04 36.05
C ALA Q 43 48.19 -52.82 36.40
N HIS Q 44 48.07 -53.63 37.46
CA HIS Q 44 49.24 -54.22 38.13
C HIS Q 44 49.64 -55.55 37.49
N ASP Q 45 50.91 -55.63 37.06
CA ASP Q 45 51.43 -56.81 36.31
C ASP Q 45 52.73 -57.36 36.91
N PRO Q 46 52.61 -58.20 37.96
CA PRO Q 46 53.77 -58.59 38.74
C PRO Q 46 54.82 -59.39 37.96
N GLU Q 47 54.41 -60.03 36.86
CA GLU Q 47 55.33 -60.89 36.12
C GLU Q 47 55.75 -60.28 34.78
N GLU Q 48 55.60 -58.96 34.63
CA GLU Q 48 55.61 -58.27 33.31
C GLU Q 48 55.20 -59.26 32.17
N LYS Q 49 54.01 -59.83 32.35
CA LYS Q 49 53.48 -60.94 31.57
C LYS Q 49 52.68 -60.46 30.35
N TYR Q 50 52.23 -59.22 30.37
CA TYR Q 50 51.40 -58.70 29.27
C TYR Q 50 52.20 -57.65 28.51
N LYS Q 51 51.92 -57.51 27.22
CA LYS Q 51 52.61 -56.47 26.43
C LYS Q 51 51.68 -55.68 25.52
N LEU Q 52 52.29 -54.82 24.71
CA LEU Q 52 51.55 -53.94 23.83
C LEU Q 52 50.60 -54.66 22.89
N GLY Q 53 49.32 -54.35 23.05
CA GLY Q 53 48.29 -54.83 22.14
C GLY Q 53 47.40 -55.90 22.73
N ASP Q 54 47.87 -56.62 23.75
CA ASP Q 54 47.05 -57.63 24.39
C ASP Q 54 45.75 -56.95 24.86
N VAL Q 55 44.63 -57.59 24.59
CA VAL Q 55 43.40 -57.16 25.20
C VAL Q 55 43.25 -57.98 26.46
N VAL Q 56 43.04 -57.28 27.57
CA VAL Q 56 43.07 -57.88 28.90
C VAL Q 56 41.82 -57.55 29.71
N GLU Q 57 41.35 -58.52 30.49
CA GLU Q 57 40.41 -58.22 31.55
C GLU Q 57 41.22 -57.52 32.66
N ILE Q 58 40.51 -56.95 33.63
CA ILE Q 58 41.08 -55.99 34.55
C ILE Q 58 40.16 -55.92 35.74
N ILE Q 59 40.69 -56.02 36.95
CA ILE Q 59 39.79 -56.11 38.13
C ILE Q 59 40.04 -55.10 39.25
N GLU Q 60 38.93 -54.62 39.82
CA GLU Q 60 38.96 -53.67 40.93
C GLU Q 60 39.66 -54.35 42.09
N SER Q 61 40.62 -53.64 42.67
CA SER Q 61 41.56 -54.29 43.55
C SER Q 61 42.05 -53.40 44.70
N ARG Q 62 42.68 -54.09 45.65
CA ARG Q 62 43.35 -53.49 46.78
C ARG Q 62 44.42 -52.57 46.28
N PRO Q 63 44.54 -51.37 46.86
CA PRO Q 63 45.51 -50.42 46.30
C PRO Q 63 46.99 -50.88 46.34
N ILE Q 64 47.67 -50.71 45.21
CA ILE Q 64 49.08 -51.01 45.04
C ILE Q 64 49.90 -49.71 45.03
N SER Q 65 49.37 -48.66 44.38
CA SER Q 65 50.03 -47.37 44.28
C SER Q 65 49.03 -46.22 44.39
N LYS Q 66 49.52 -44.99 44.46
CA LYS Q 66 48.64 -43.85 44.16
C LYS Q 66 48.31 -44.03 42.71
N ARG Q 67 47.10 -44.50 42.44
CA ARG Q 67 46.57 -44.68 41.09
C ARG Q 67 46.71 -46.09 40.49
N LYS Q 68 47.46 -46.97 41.14
CA LYS Q 68 47.32 -48.38 40.81
C LYS Q 68 46.24 -48.98 41.69
N ARG Q 69 45.11 -49.28 41.10
CA ARG Q 69 44.01 -49.83 41.86
C ARG Q 69 43.40 -51.02 41.19
N PHE Q 70 44.03 -51.54 40.15
CA PHE Q 70 43.51 -52.66 39.41
C PHE Q 70 44.61 -53.65 39.07
N ARG Q 71 44.28 -54.93 39.07
CA ARG Q 71 45.23 -55.97 38.69
C ARG Q 71 44.74 -56.61 37.42
N VAL Q 72 45.67 -57.13 36.61
CA VAL Q 72 45.31 -57.76 35.34
C VAL Q 72 44.84 -59.19 35.49
N LEU Q 73 43.53 -59.39 35.31
CA LEU Q 73 42.91 -60.68 35.47
C LEU Q 73 43.38 -61.67 34.41
N ARG Q 74 42.67 -61.80 33.30
CA ARG Q 74 43.16 -62.66 32.20
C ARG Q 74 43.45 -61.87 30.94
N LEU Q 75 43.94 -62.58 29.93
CA LEU Q 75 44.20 -61.99 28.62
C LEU Q 75 43.15 -62.47 27.68
N VAL Q 76 42.57 -61.60 26.86
CA VAL Q 76 41.48 -62.03 25.99
C VAL Q 76 41.97 -62.33 24.59
N GLU Q 77 42.85 -61.49 24.06
CA GLU Q 77 43.39 -61.77 22.75
C GLU Q 77 44.64 -60.98 22.52
N SER Q 78 45.62 -61.60 21.88
CA SER Q 78 46.84 -60.89 21.53
C SER Q 78 46.61 -60.14 20.23
N GLY Q 79 47.64 -59.42 19.79
CA GLY Q 79 47.55 -58.67 18.55
C GLY Q 79 46.92 -57.31 18.80
N ARG Q 80 45.96 -56.92 17.97
CA ARG Q 80 45.23 -55.67 18.15
C ARG Q 80 46.08 -54.43 18.35
N MET Q 81 47.26 -54.40 17.73
CA MET Q 81 48.07 -53.19 17.70
C MET Q 81 47.51 -52.17 16.70
N ASP Q 82 46.29 -52.41 16.23
CA ASP Q 82 45.54 -51.38 15.54
C ASP Q 82 44.96 -50.41 16.57
N LEU Q 83 44.33 -50.94 17.63
CA LEU Q 83 43.70 -50.11 18.64
C LEU Q 83 44.75 -49.25 19.26
N VAL Q 84 45.90 -49.86 19.51
CA VAL Q 84 47.08 -49.14 19.98
C VAL Q 84 47.47 -48.01 19.03
N GLU Q 85 47.45 -48.32 17.73
CA GLU Q 85 47.79 -47.33 16.72
C GLU Q 85 46.88 -46.15 16.83
N LYS Q 86 45.58 -46.40 17.03
CA LYS Q 86 44.58 -45.30 17.05
C LYS Q 86 44.79 -44.33 18.24
N TYR Q 87 45.14 -44.90 19.40
CA TYR Q 87 45.47 -44.12 20.59
C TYR Q 87 46.69 -43.26 20.34
N LEU Q 88 47.68 -43.82 19.66
CA LEU Q 88 48.94 -43.14 19.43
C LEU Q 88 48.81 -41.96 18.47
N ILE Q 89 47.85 -42.07 17.58
CA ILE Q 89 47.59 -41.04 16.59
C ILE Q 89 46.91 -39.87 17.26
N ARG Q 90 45.86 -40.16 18.03
CA ARG Q 90 45.16 -39.12 18.77
C ARG Q 90 46.15 -38.34 19.60
N ARG Q 91 47.15 -39.01 20.14
CA ARG Q 91 48.16 -38.33 20.93
C ARG Q 91 48.93 -37.31 20.13
N GLN Q 92 49.55 -37.71 19.03
CA GLN Q 92 50.41 -36.79 18.29
C GLN Q 92 49.61 -35.85 17.40
N ASN Q 93 48.31 -36.13 17.29
CA ASN Q 93 47.35 -35.14 16.81
C ASN Q 93 47.51 -33.85 17.62
N TYR Q 94 47.54 -34.01 18.95
CA TYR Q 94 47.64 -32.92 19.91
C TYR Q 94 48.90 -32.09 19.73
N GLU Q 95 49.91 -32.68 19.10
CA GLU Q 95 51.16 -31.98 18.85
C GLU Q 95 50.89 -30.83 17.88
N SER Q 96 50.35 -31.17 16.71
CA SER Q 96 49.87 -30.16 15.76
C SER Q 96 48.50 -29.67 16.24
N LEU Q 97 48.53 -28.94 17.35
CA LEU Q 97 47.32 -28.40 17.98
C LEU Q 97 47.56 -27.25 19.00
N SER Q 98 48.78 -26.72 19.11
CA SER Q 98 49.09 -25.69 20.14
C SER Q 98 49.12 -24.28 19.53
N LYS Q 99 50.04 -23.45 20.05
CA LYS Q 99 50.60 -22.30 19.31
C LYS Q 99 52.10 -22.21 19.70
N ARG Q 100 52.94 -22.93 18.95
N LYS R 1 21.30 -13.21 -46.98
CA LYS R 1 22.06 -13.37 -48.25
C LYS R 1 22.12 -14.85 -48.67
N ALA R 2 23.31 -15.47 -48.60
CA ALA R 2 23.54 -16.87 -48.97
C ALA R 2 24.76 -17.40 -48.21
N LYS R 3 24.60 -18.50 -47.47
CA LYS R 3 25.64 -18.92 -46.50
C LYS R 3 26.80 -19.66 -47.17
N VAL R 4 27.89 -19.85 -46.44
CA VAL R 4 29.14 -20.28 -47.07
C VAL R 4 29.28 -21.80 -47.25
N LYS R 5 28.79 -22.62 -46.32
CA LYS R 5 28.86 -24.07 -46.52
C LYS R 5 27.96 -24.41 -47.72
N ALA R 6 26.93 -23.58 -47.94
CA ALA R 6 25.99 -23.80 -49.04
C ALA R 6 26.66 -23.57 -50.40
N THR R 7 27.94 -23.19 -50.37
CA THR R 7 28.70 -22.76 -51.55
C THR R 7 29.73 -23.78 -52.00
N LEU R 8 30.48 -24.32 -51.06
CA LEU R 8 31.57 -25.22 -51.36
C LEU R 8 31.15 -26.68 -51.26
N GLY R 9 32.05 -27.55 -51.72
CA GLY R 9 31.92 -28.98 -51.52
C GLY R 9 32.56 -29.37 -50.21
N GLU R 10 32.80 -30.66 -50.03
CA GLU R 10 33.46 -31.10 -48.82
C GLU R 10 34.90 -30.61 -48.84
N PHE R 11 35.36 -30.11 -47.70
CA PHE R 11 36.72 -29.57 -47.58
C PHE R 11 37.27 -29.76 -46.18
N ASP R 12 38.57 -30.03 -46.08
CA ASP R 12 39.28 -30.09 -44.82
C ASP R 12 39.30 -28.69 -44.30
N LEU R 13 38.94 -28.48 -43.04
CA LEU R 13 39.08 -27.17 -42.46
C LEU R 13 40.04 -27.23 -41.29
N ARG R 14 40.94 -28.19 -41.34
CA ARG R 14 42.10 -28.20 -40.51
C ARG R 14 43.27 -27.69 -41.36
N ASP R 15 42.98 -27.31 -42.62
CA ASP R 15 44.02 -26.91 -43.61
C ASP R 15 44.34 -25.41 -43.58
N TYR R 16 45.52 -25.12 -43.06
CA TYR R 16 45.92 -23.76 -42.81
C TYR R 16 46.68 -23.21 -44.02
N ARG R 17 46.53 -23.88 -45.15
CA ARG R 17 47.22 -23.46 -46.36
C ARG R 17 46.27 -23.30 -47.52
N ASN R 18 44.99 -23.56 -47.30
CA ASN R 18 44.06 -23.59 -48.40
C ASN R 18 43.41 -22.24 -48.65
N VAL R 19 44.22 -21.29 -49.07
CA VAL R 19 43.80 -19.90 -49.16
C VAL R 19 42.58 -19.63 -50.02
N GLU R 20 42.32 -20.51 -50.97
CA GLU R 20 41.26 -20.30 -51.94
C GLU R 20 39.94 -20.52 -51.23
N VAL R 21 39.94 -21.49 -50.32
CA VAL R 21 38.76 -21.78 -49.51
C VAL R 21 38.65 -20.74 -48.39
N LEU R 22 39.70 -20.69 -47.57
CA LEU R 22 39.76 -19.86 -46.39
C LEU R 22 39.42 -18.43 -46.70
N LYS R 23 39.78 -17.97 -47.89
CA LYS R 23 39.44 -16.64 -48.36
C LYS R 23 37.95 -16.35 -48.16
N ARG R 24 37.11 -17.22 -48.72
CA ARG R 24 35.65 -16.98 -48.74
C ARG R 24 35.05 -16.89 -47.32
N PHE R 25 35.82 -17.30 -46.31
CA PHE R 25 35.40 -17.24 -44.92
C PHE R 25 35.84 -15.96 -44.23
N LEU R 26 36.10 -14.92 -45.01
CA LEU R 26 36.55 -13.66 -44.45
C LEU R 26 35.71 -12.50 -44.94
N SER R 27 35.55 -11.51 -44.07
CA SER R 27 35.00 -10.21 -44.44
C SER R 27 35.86 -9.60 -45.55
N GLU R 28 35.35 -8.59 -46.24
CA GLU R 28 36.19 -7.88 -47.19
C GLU R 28 37.15 -6.95 -46.43
N THR R 29 36.83 -6.65 -45.17
CA THR R 29 37.79 -6.05 -44.27
C THR R 29 38.63 -7.15 -43.65
N GLY R 30 38.59 -8.35 -44.26
CA GLY R 30 39.42 -9.47 -43.86
C GLY R 30 39.20 -9.98 -42.45
N LYS R 31 38.00 -9.75 -41.91
CA LYS R 31 37.62 -10.19 -40.55
C LYS R 31 36.94 -11.55 -40.60
N ILE R 32 37.04 -12.32 -39.51
CA ILE R 32 36.48 -13.68 -39.50
C ILE R 32 34.97 -13.56 -39.43
N LEU R 33 34.30 -14.18 -40.38
CA LEU R 33 32.87 -14.03 -40.51
C LEU R 33 32.15 -14.74 -39.38
N PRO R 34 30.99 -14.17 -38.96
CA PRO R 34 30.12 -14.74 -37.93
C PRO R 34 29.43 -16.02 -38.39
N ARG R 35 28.89 -16.79 -37.45
CA ARG R 35 28.18 -18.00 -37.84
C ARG R 35 26.89 -17.68 -38.61
N ARG R 36 26.33 -16.49 -38.46
CA ARG R 36 25.16 -16.11 -39.24
C ARG R 36 25.46 -16.16 -40.74
N ARG R 37 26.74 -16.19 -41.07
CA ARG R 37 27.18 -16.01 -42.43
C ARG R 37 27.91 -17.23 -42.96
N THR R 38 28.78 -17.83 -42.13
CA THR R 38 29.51 -19.03 -42.54
C THR R 38 28.60 -20.29 -42.58
N GLY R 39 27.55 -20.30 -41.75
CA GLY R 39 26.62 -21.42 -41.68
C GLY R 39 27.25 -22.67 -41.08
N LEU R 40 28.21 -22.49 -40.19
CA LEU R 40 28.91 -23.61 -39.56
C LEU R 40 28.36 -23.87 -38.18
N SER R 41 28.62 -25.07 -37.64
CA SER R 41 28.28 -25.37 -36.26
C SER R 41 29.40 -24.83 -35.37
N ALA R 42 29.15 -24.84 -34.09
CA ALA R 42 30.08 -24.23 -33.15
C ALA R 42 31.39 -24.95 -33.23
N LYS R 43 31.32 -26.27 -33.25
CA LYS R 43 32.51 -27.12 -33.24
C LYS R 43 33.39 -26.84 -34.45
N GLU R 44 32.74 -26.67 -35.61
CA GLU R 44 33.43 -26.38 -36.84
C GLU R 44 33.99 -24.96 -36.74
N GLN R 45 33.09 -24.00 -36.56
CA GLN R 45 33.45 -22.58 -36.41
C GLN R 45 34.66 -22.37 -35.48
N ARG R 46 34.72 -23.16 -34.42
CA ARG R 46 35.83 -23.15 -33.47
C ARG R 46 37.13 -23.64 -34.08
N ILE R 47 37.05 -24.68 -34.91
CA ILE R 47 38.22 -25.27 -35.53
C ILE R 47 38.75 -24.35 -36.62
N LEU R 48 37.82 -23.72 -37.33
CA LEU R 48 38.16 -22.79 -38.38
C LEU R 48 39.04 -21.68 -37.85
N ALA R 49 38.52 -20.94 -36.88
CA ALA R 49 39.22 -19.78 -36.33
C ALA R 49 40.70 -20.10 -36.12
N LYS R 50 40.96 -21.25 -35.49
CA LYS R 50 42.31 -21.74 -35.29
C LYS R 50 43.08 -21.73 -36.60
N THR R 51 42.49 -22.35 -37.63
CA THR R 51 43.23 -22.54 -38.89
C THR R 51 43.47 -21.22 -39.63
N ILE R 52 42.47 -20.33 -39.65
CA ILE R 52 42.62 -19.00 -40.25
C ILE R 52 43.75 -18.22 -39.58
N LYS R 53 43.74 -18.20 -38.25
CA LYS R 53 44.75 -17.45 -37.53
C LYS R 53 46.12 -18.03 -37.82
N ARG R 54 46.16 -19.33 -38.14
CA ARG R 54 47.41 -19.99 -38.52
C ARG R 54 47.90 -19.44 -39.85
N ALA R 55 46.97 -19.29 -40.79
CA ALA R 55 47.32 -18.85 -42.13
C ALA R 55 47.77 -17.38 -42.13
N ARG R 56 47.13 -16.58 -41.29
CA ARG R 56 47.55 -15.20 -41.12
C ARG R 56 49.04 -15.11 -40.78
N ILE R 57 49.53 -16.01 -39.94
CA ILE R 57 50.94 -15.94 -39.57
C ILE R 57 51.87 -16.31 -40.72
N LEU R 58 51.44 -17.23 -41.57
CA LEU R 58 52.19 -17.55 -42.79
C LEU R 58 52.02 -16.49 -43.90
N GLY R 59 51.37 -15.36 -43.59
CA GLY R 59 51.19 -14.29 -44.58
C GLY R 59 50.17 -14.60 -45.66
N LEU R 60 49.37 -15.64 -45.47
CA LEU R 60 48.49 -16.15 -46.52
C LEU R 60 47.10 -15.61 -46.41
N LEU R 61 46.74 -15.15 -45.23
CA LEU R 61 45.50 -14.43 -45.08
C LEU R 61 45.78 -13.09 -44.40
N PRO R 62 45.03 -12.06 -44.77
CA PRO R 62 45.10 -10.78 -44.08
C PRO R 62 44.58 -10.85 -42.63
N PHE R 63 45.12 -10.01 -41.77
CA PHE R 63 44.52 -9.77 -40.45
C PHE R 63 43.44 -8.72 -40.66
N THR R 64 43.76 -7.67 -41.42
CA THR R 64 42.79 -6.61 -41.76
C THR R 64 43.03 -6.10 -43.16
N GLU R 65 41.94 -5.63 -43.76
CA GLU R 65 41.98 -4.89 -44.99
C GLU R 65 41.37 -3.53 -44.69
N LYS R 66 40.90 -2.86 -45.73
CA LYS R 66 40.29 -1.55 -45.59
C LYS R 66 39.01 -1.58 -46.41
N LEU R 67 38.05 -0.76 -45.99
CA LEU R 67 36.72 -0.75 -46.57
C LEU R 67 36.74 0.03 -47.88
N VAL R 68 35.91 -0.36 -48.85
CA VAL R 68 35.93 0.34 -50.12
C VAL R 68 34.58 0.95 -50.44
N ARG R 69 34.66 2.18 -50.98
CA ARG R 69 33.55 3.15 -51.17
C ARG R 69 32.75 3.53 -49.89
N LYS R 70 31.93 4.57 -50.00
CA LYS R 70 31.38 5.27 -48.83
C LYS R 70 30.40 6.38 -49.26
N SER S 1 -21.17 75.43 -3.30
CA SER S 1 -20.75 75.81 -1.92
C SER S 1 -21.77 76.72 -1.19
N LEU S 2 -23.08 76.52 -1.46
CA LEU S 2 -24.19 77.30 -0.83
C LEU S 2 -24.36 78.72 -1.36
N LYS S 3 -25.51 79.36 -1.05
CA LYS S 3 -25.91 80.69 -1.63
C LYS S 3 -27.26 81.26 -1.16
N LYS S 4 -27.99 80.48 -0.36
CA LYS S 4 -29.23 80.90 0.31
C LYS S 4 -29.04 80.59 1.78
N GLY S 5 -28.48 81.56 2.51
CA GLY S 5 -28.07 81.34 3.88
C GLY S 5 -26.58 81.11 3.91
N VAL S 6 -26.08 80.87 5.11
CA VAL S 6 -24.67 80.54 5.34
C VAL S 6 -24.59 79.42 6.38
N PHE S 7 -25.76 78.89 6.73
CA PHE S 7 -25.91 77.56 7.35
C PHE S 7 -25.16 77.32 8.68
N VAL S 8 -24.80 78.42 9.33
CA VAL S 8 -24.21 78.44 10.67
C VAL S 8 -25.18 78.01 11.77
N ASP S 9 -24.74 77.10 12.64
CA ASP S 9 -25.50 76.66 13.83
C ASP S 9 -26.12 77.85 14.58
N ASP S 10 -27.45 77.80 14.70
CA ASP S 10 -28.20 78.84 15.39
C ASP S 10 -27.83 78.93 16.86
N HIS S 11 -27.68 77.79 17.53
CA HIS S 11 -27.26 77.80 18.95
C HIS S 11 -25.90 78.49 19.21
N LEU S 12 -25.18 78.80 18.14
CA LEU S 12 -23.92 79.49 18.27
C LEU S 12 -24.12 80.99 18.39
N LEU S 13 -24.83 81.57 17.42
CA LEU S 13 -25.07 83.03 17.44
C LEU S 13 -25.77 83.50 18.71
N GLU S 14 -26.81 82.77 19.16
CA GLU S 14 -27.55 83.13 20.37
C GLU S 14 -26.54 83.45 21.45
N LYS S 15 -25.53 82.59 21.56
CA LYS S 15 -24.45 82.85 22.48
C LYS S 15 -23.74 84.14 22.03
N VAL S 16 -23.30 84.19 20.78
CA VAL S 16 -22.56 85.34 20.23
C VAL S 16 -23.30 86.67 20.31
N LEU S 17 -24.52 86.69 19.77
CA LEU S 17 -25.34 87.90 19.73
C LEU S 17 -25.62 88.41 21.13
N GLU S 18 -26.11 87.53 21.99
CA GLU S 18 -26.41 87.90 23.37
C GLU S 18 -25.12 88.01 24.18
N LEU S 19 -23.99 87.71 23.55
CA LEU S 19 -22.66 88.03 24.08
C LEU S 19 -22.23 89.32 23.42
N ASN S 20 -22.97 89.76 22.40
CA ASN S 20 -22.75 91.06 21.78
C ASN S 20 -23.87 92.03 22.15
N ALA S 21 -23.84 92.40 23.41
CA ALA S 21 -24.69 93.41 23.99
C ALA S 21 -24.01 93.62 25.34
N LYS S 22 -22.78 94.12 25.27
CA LYS S 22 -21.84 94.14 26.39
C LYS S 22 -21.53 92.71 26.83
N GLY S 23 -20.60 92.09 26.11
CA GLY S 23 -20.15 90.73 26.44
C GLY S 23 -18.74 90.50 25.94
N GLU S 24 -17.88 89.98 26.81
CA GLU S 24 -16.43 90.03 26.61
C GLU S 24 -15.79 88.62 26.66
N LYS S 25 -16.61 87.57 26.61
CA LYS S 25 -16.21 86.21 27.02
C LYS S 25 -15.22 85.51 26.07
N ARG S 26 -14.30 84.78 26.68
CA ARG S 26 -13.23 84.08 25.98
C ARG S 26 -13.35 82.57 26.21
N LEU S 27 -14.04 82.19 27.29
CA LEU S 27 -14.29 80.79 27.62
C LEU S 27 -15.37 80.17 26.71
N ILE S 28 -15.69 80.88 25.63
CA ILE S 28 -16.64 80.41 24.62
C ILE S 28 -16.05 79.19 23.91
N LYS S 29 -16.80 78.07 23.91
CA LYS S 29 -16.29 76.79 23.38
C LYS S 29 -17.36 75.96 22.64
N THR S 30 -16.99 75.37 21.50
CA THR S 30 -18.00 74.74 20.65
C THR S 30 -17.54 73.48 19.92
N TRP S 31 -18.51 72.75 19.39
CA TRP S 31 -18.31 71.56 18.57
C TRP S 31 -18.91 71.81 17.20
N SER S 32 -19.23 73.08 16.95
CA SER S 32 -19.89 73.50 15.73
C SER S 32 -18.84 74.03 14.77
N ARG S 33 -18.00 73.12 14.30
CA ARG S 33 -17.01 73.44 13.30
C ARG S 33 -17.70 73.50 11.93
N ARG S 34 -18.93 73.00 11.87
CA ARG S 34 -19.69 73.02 10.63
C ARG S 34 -20.24 74.40 10.25
N SER S 35 -20.04 75.40 11.12
CA SER S 35 -20.75 76.66 11.03
C SER S 35 -19.88 77.80 10.53
N THR S 36 -20.43 78.54 9.56
CA THR S 36 -19.67 79.59 8.89
C THR S 36 -19.45 80.78 9.80
N ILE S 37 -18.27 81.39 9.71
CA ILE S 37 -18.02 82.63 10.42
C ILE S 37 -18.83 83.74 9.74
N VAL S 38 -19.11 84.80 10.47
CA VAL S 38 -20.13 85.77 10.09
C VAL S 38 -19.63 87.20 10.32
N PRO S 39 -20.30 88.21 9.71
CA PRO S 39 -19.66 89.51 9.55
C PRO S 39 -19.21 90.11 10.86
N GLU S 40 -17.92 90.42 10.94
CA GLU S 40 -17.35 91.19 12.05
C GLU S 40 -17.82 90.65 13.41
N MET S 41 -17.95 89.34 13.51
CA MET S 41 -18.18 88.67 14.78
C MET S 41 -16.79 88.28 15.32
N VAL S 42 -15.86 89.23 15.13
CA VAL S 42 -14.41 89.10 15.34
C VAL S 42 -14.10 89.07 16.82
N GLY S 43 -12.98 89.69 17.23
CA GLY S 43 -12.67 89.96 18.63
C GLY S 43 -12.80 88.79 19.60
N HIS S 44 -13.88 88.02 19.46
CA HIS S 44 -14.16 86.86 20.31
C HIS S 44 -13.05 85.81 20.16
N THR S 45 -13.07 84.83 21.04
CA THR S 45 -12.12 83.74 20.95
C THR S 45 -12.91 82.45 21.16
N ILE S 46 -13.23 81.79 20.05
CA ILE S 46 -13.91 80.50 20.10
C ILE S 46 -12.93 79.33 20.19
N ALA S 47 -13.04 78.54 21.26
CA ALA S 47 -12.32 77.29 21.33
C ALA S 47 -13.11 76.27 20.53
N VAL S 48 -12.45 75.59 19.59
CA VAL S 48 -13.14 74.62 18.76
C VAL S 48 -12.61 73.21 18.99
N TYR S 49 -13.53 72.24 19.00
CA TYR S 49 -13.17 70.84 19.19
C TYR S 49 -12.52 70.32 17.92
N ASN S 50 -11.41 69.61 18.08
CA ASN S 50 -10.75 68.95 16.97
C ASN S 50 -11.04 67.46 16.96
N GLY S 51 -11.90 67.04 17.89
CA GLY S 51 -12.21 65.63 18.11
C GLY S 51 -11.58 65.08 19.39
N LYS S 52 -10.58 65.78 19.90
CA LYS S 52 -9.93 65.38 21.13
C LYS S 52 -10.00 66.48 22.18
N GLN S 53 -9.86 67.74 21.76
CA GLN S 53 -9.91 68.87 22.69
C GLN S 53 -10.36 70.15 21.98
N HIS S 54 -10.46 71.25 22.74
CA HIS S 54 -10.91 72.56 22.23
C HIS S 54 -9.72 73.51 21.96
N VAL S 55 -9.79 74.25 20.85
CA VAL S 55 -8.64 75.07 20.41
C VAL S 55 -8.85 76.59 20.52
N PRO S 56 -8.06 77.23 21.39
CA PRO S 56 -8.21 78.68 21.53
C PRO S 56 -7.85 79.45 20.25
N VAL S 57 -8.79 79.58 19.31
CA VAL S 57 -8.54 80.40 18.10
C VAL S 57 -9.15 81.81 18.16
N TYR S 58 -8.29 82.83 18.05
CA TYR S 58 -8.74 84.23 17.97
C TYR S 58 -9.15 84.58 16.55
N ILE S 59 -10.32 85.20 16.44
CA ILE S 59 -10.91 85.44 15.14
C ILE S 59 -10.63 86.88 14.67
N THR S 60 -10.11 87.01 13.45
CA THR S 60 -9.82 88.33 12.85
C THR S 60 -10.84 88.63 11.78
N GLU S 61 -10.63 89.70 11.02
CA GLU S 61 -11.53 90.02 9.93
C GLU S 61 -11.33 89.02 8.79
N ASN S 62 -10.62 89.41 7.73
CA ASN S 62 -10.11 88.50 6.66
C ASN S 62 -10.60 87.04 6.60
N MET S 63 -10.64 86.36 7.75
CA MET S 63 -11.15 84.98 7.87
C MET S 63 -12.68 84.88 7.97
N VAL S 64 -13.36 85.99 7.68
CA VAL S 64 -14.81 86.07 7.83
C VAL S 64 -15.52 85.02 6.99
N GLY S 65 -15.04 84.79 5.77
CA GLY S 65 -15.69 83.83 4.87
C GLY S 65 -15.69 82.39 5.36
N HIS S 66 -14.61 81.99 6.02
CA HIS S 66 -14.30 80.57 6.23
C HIS S 66 -15.12 79.92 7.32
N LYS S 67 -15.06 78.59 7.40
CA LYS S 67 -15.72 77.85 8.46
C LYS S 67 -14.77 77.58 9.64
N LEU S 68 -15.35 77.24 10.78
CA LEU S 68 -14.59 77.16 12.05
C LEU S 68 -13.62 76.00 12.15
N GLY S 69 -13.91 74.91 11.46
CA GLY S 69 -13.05 73.73 11.48
C GLY S 69 -11.77 73.90 10.68
N GLU S 70 -11.70 74.95 9.88
CA GLU S 70 -10.50 75.25 9.11
C GLU S 70 -9.37 75.76 9.99
N PHE S 71 -9.64 75.92 11.29
CA PHE S 71 -8.67 76.49 12.22
C PHE S 71 -8.35 75.52 13.37
N ALA S 72 -9.19 74.49 13.51
CA ALA S 72 -8.97 73.38 14.41
C ALA S 72 -8.73 72.15 13.58
N PRO S 73 -7.46 71.92 13.21
CA PRO S 73 -7.12 70.74 12.41
C PRO S 73 -7.32 69.45 13.22
N THR S 74 -7.61 68.35 12.54
CA THR S 74 -8.03 67.13 13.24
C THR S 74 -6.99 66.01 13.31
N ARG S 75 -5.71 66.29 13.12
CA ARG S 75 -4.69 65.24 13.04
C ARG S 75 -3.38 65.70 13.66
N THR S 76 -2.28 64.98 13.38
CA THR S 76 -0.96 65.43 13.80
C THR S 76 0.22 64.94 12.92
N TYR S 77 1.13 65.88 12.64
CA TYR S 77 2.42 65.69 11.96
C TYR S 77 2.34 65.77 10.42
N ARG S 78 2.17 67.03 10.00
CA ARG S 78 2.13 67.49 8.60
C ARG S 78 3.35 68.39 8.31
N GLY S 79 4.38 67.82 7.68
N ARG T 1 34.98 -19.34 84.94
CA ARG T 1 36.10 -19.33 83.96
C ARG T 1 37.21 -20.31 84.37
N ASN T 2 36.83 -21.53 84.73
CA ASN T 2 37.81 -22.54 85.08
C ASN T 2 37.24 -23.95 85.00
N LEU T 3 37.42 -24.63 83.88
CA LEU T 3 36.89 -25.98 83.74
C LEU T 3 37.70 -26.98 84.54
N SER T 4 37.39 -27.16 85.82
CA SER T 4 38.15 -28.11 86.67
C SER T 4 38.59 -29.42 85.97
N ALA T 5 37.82 -29.93 84.99
CA ALA T 5 38.37 -30.95 84.04
C ALA T 5 39.34 -30.33 82.95
N LEU T 6 40.32 -29.58 83.47
CA LEU T 6 41.57 -29.25 82.81
C LEU T 6 42.63 -30.06 83.55
N LYS T 7 42.16 -30.84 84.52
CA LYS T 7 42.95 -31.90 85.08
C LYS T 7 43.10 -32.98 84.04
N ARG T 8 42.14 -32.99 83.12
CA ARG T 8 42.20 -33.87 81.99
C ARG T 8 43.52 -33.68 81.28
N HIS T 9 43.94 -32.44 81.24
CA HIS T 9 45.23 -32.14 80.67
C HIS T 9 46.33 -32.73 81.53
N ARG T 10 46.34 -32.37 82.81
CA ARG T 10 47.34 -32.86 83.77
C ARG T 10 47.66 -34.35 83.60
N GLN T 11 46.59 -35.14 83.49
CA GLN T 11 46.72 -36.57 83.42
C GLN T 11 47.35 -36.97 82.12
N SER T 12 46.91 -36.33 81.03
CA SER T 12 47.46 -36.60 79.71
C SER T 12 48.99 -36.53 79.77
N LEU T 13 49.52 -35.57 80.54
CA LEU T 13 50.96 -35.40 80.64
C LEU T 13 51.66 -36.55 81.34
N LYS T 14 50.95 -37.20 82.26
CA LYS T 14 51.54 -38.29 83.04
C LYS T 14 51.60 -39.49 82.16
N ARG T 15 50.53 -39.66 81.39
CA ARG T 15 50.40 -40.84 80.57
C ARG T 15 51.36 -40.66 79.44
N ARG T 16 51.49 -39.42 78.99
CA ARG T 16 52.44 -39.10 77.93
C ARG T 16 53.80 -39.69 78.32
N LEU T 17 54.23 -39.35 79.54
CA LEU T 17 55.51 -39.80 80.07
C LEU T 17 55.61 -41.31 80.11
N ARG T 18 54.63 -41.96 80.71
CA ARG T 18 54.67 -43.41 80.81
C ARG T 18 54.81 -44.08 79.45
N ASN T 19 54.03 -43.60 78.48
CA ASN T 19 54.01 -44.17 77.15
C ASN T 19 55.36 -44.03 76.52
N LYS T 20 55.75 -42.77 76.32
CA LYS T 20 57.05 -42.40 75.77
C LYS T 20 58.15 -43.28 76.37
N ALA T 21 58.08 -43.45 77.68
CA ALA T 21 59.03 -44.29 78.39
C ALA T 21 59.08 -45.70 77.86
N LYS T 22 57.99 -46.43 78.02
CA LYS T 22 57.92 -47.88 77.70
C LYS T 22 58.39 -48.09 76.30
N LYS T 23 57.94 -47.19 75.42
CA LYS T 23 58.24 -47.23 74.01
C LYS T 23 59.73 -47.07 73.80
N SER T 24 60.26 -45.97 74.32
CA SER T 24 61.67 -45.65 74.13
C SER T 24 62.59 -46.80 74.49
N ALA T 25 62.08 -47.75 75.28
CA ALA T 25 62.86 -48.89 75.74
C ALA T 25 62.67 -50.04 74.81
N ILE T 26 61.46 -50.18 74.32
CA ILE T 26 61.21 -51.15 73.26
C ILE T 26 62.21 -50.92 72.14
N LYS T 27 62.27 -49.68 71.69
CA LYS T 27 63.10 -49.32 70.57
C LYS T 27 64.53 -49.73 70.87
N THR T 28 65.08 -49.19 71.94
CA THR T 28 66.50 -49.41 72.27
C THR T 28 66.85 -50.87 72.33
N LEU T 29 65.91 -51.70 72.72
CA LEU T 29 66.18 -53.10 72.80
C LEU T 29 66.10 -53.75 71.43
N SER T 30 65.19 -53.26 70.60
CA SER T 30 64.96 -53.93 69.34
C SER T 30 66.21 -53.71 68.56
N LYS T 31 66.65 -52.46 68.51
CA LYS T 31 67.86 -52.12 67.79
C LYS T 31 69.05 -52.93 68.32
N LYS T 32 69.22 -52.93 69.64
CA LYS T 32 70.28 -53.70 70.27
C LYS T 32 70.25 -55.17 69.85
N ALA T 33 69.07 -55.66 69.48
CA ALA T 33 68.91 -57.07 69.15
C ALA T 33 69.36 -57.34 67.73
N ILE T 34 68.81 -56.57 66.79
CA ILE T 34 69.11 -56.80 65.37
C ILE T 34 70.56 -56.47 65.11
N GLN T 35 71.18 -55.71 66.00
CA GLN T 35 72.60 -55.42 65.91
C GLN T 35 73.41 -56.65 66.24
N LEU T 36 72.98 -57.41 67.23
CA LEU T 36 73.69 -58.62 67.61
C LEU T 36 73.54 -59.68 66.54
N ALA T 37 72.36 -59.77 65.94
CA ALA T 37 72.13 -60.68 64.81
C ALA T 37 73.05 -60.32 63.63
N GLN T 38 72.95 -59.07 63.20
CA GLN T 38 73.80 -58.54 62.14
C GLN T 38 75.28 -58.71 62.44
N GLU T 39 75.62 -59.00 63.70
CA GLU T 39 76.99 -59.36 64.09
C GLU T 39 77.13 -60.88 64.23
N GLY T 40 76.05 -61.61 63.98
CA GLY T 40 76.09 -63.05 63.99
C GLY T 40 76.22 -63.67 65.37
N LYS T 41 75.44 -63.17 66.33
CA LYS T 41 75.41 -63.74 67.67
C LYS T 41 74.23 -64.67 67.80
N ALA T 42 74.33 -65.64 68.70
CA ALA T 42 73.29 -66.67 68.80
C ALA T 42 72.45 -66.42 70.04
N GLU T 43 73.02 -66.75 71.21
CA GLU T 43 72.28 -66.70 72.47
C GLU T 43 71.67 -65.32 72.74
N GLU T 44 72.54 -64.43 73.23
CA GLU T 44 72.22 -63.06 73.62
C GLU T 44 71.33 -62.31 72.61
N ALA T 45 71.47 -62.66 71.34
CA ALA T 45 70.69 -62.03 70.29
C ALA T 45 69.20 -62.30 70.50
N LEU T 46 68.86 -63.58 70.62
CA LEU T 46 67.48 -63.97 70.85
C LEU T 46 67.04 -63.52 72.23
N LYS T 47 67.88 -63.85 73.23
CA LYS T 47 67.65 -63.48 74.65
C LYS T 47 67.16 -62.04 74.82
N ILE T 48 67.77 -61.10 74.08
CA ILE T 48 67.25 -59.72 74.06
C ILE T 48 65.96 -59.53 73.25
N MET T 49 65.88 -60.22 72.12
CA MET T 49 64.68 -60.20 71.30
C MET T 49 63.48 -60.66 72.12
N ARG T 50 63.71 -61.70 72.94
CA ARG T 50 62.69 -62.26 73.85
C ARG T 50 62.27 -61.25 74.88
N LYS T 51 63.23 -60.45 75.32
CA LYS T 51 62.97 -59.40 76.27
C LYS T 51 62.13 -58.35 75.58
N ALA T 52 62.59 -57.93 74.41
CA ALA T 52 61.87 -56.92 73.63
C ALA T 52 60.44 -57.36 73.38
N GLU T 53 60.29 -58.55 72.79
CA GLU T 53 58.97 -59.18 72.58
C GLU T 53 58.04 -58.94 73.78
N SER T 54 58.52 -59.33 74.96
CA SER T 54 57.80 -59.14 76.23
C SER T 54 57.35 -57.70 76.39
N LEU T 55 58.31 -56.80 76.43
CA LEU T 55 58.02 -55.38 76.58
C LEU T 55 57.00 -54.81 75.59
N ILE T 56 56.99 -55.34 74.38
CA ILE T 56 55.98 -54.97 73.41
C ILE T 56 54.63 -55.44 73.90
N ASP T 57 54.47 -56.75 74.04
CA ASP T 57 53.20 -57.32 74.48
C ASP T 57 52.73 -56.67 75.77
N LYS T 58 53.67 -56.40 76.67
CA LYS T 58 53.33 -55.76 77.94
C LYS T 58 52.75 -54.39 77.67
N ALA T 59 53.43 -53.61 76.85
CA ALA T 59 52.96 -52.28 76.51
C ALA T 59 51.59 -52.34 75.86
N ALA T 60 51.37 -53.39 75.06
CA ALA T 60 50.09 -53.64 74.41
C ALA T 60 48.94 -53.72 75.38
N LYS T 61 49.21 -54.25 76.59
CA LYS T 61 48.23 -54.40 77.69
C LYS T 61 47.35 -53.18 77.94
N GLY T 62 47.93 -51.98 77.81
CA GLY T 62 47.21 -50.73 78.07
C GLY T 62 46.86 -49.89 76.86
N SER T 63 47.37 -48.67 76.82
CA SER T 63 47.02 -47.71 75.77
C SER T 63 48.25 -47.24 75.04
N THR T 64 49.38 -47.84 75.33
CA THR T 64 50.62 -47.29 74.86
C THR T 64 50.75 -47.64 73.41
N LEU T 65 50.57 -48.92 73.13
CA LEU T 65 51.07 -49.49 71.91
C LEU T 65 50.12 -50.58 71.61
N HIS T 66 48.88 -50.31 72.00
CA HIS T 66 47.83 -51.31 72.01
C HIS T 66 47.72 -52.00 70.63
N LYS T 67 46.85 -53.02 70.63
CA LYS T 67 46.36 -53.67 69.44
C LYS T 67 47.26 -54.83 69.01
N ASN T 68 48.15 -54.50 68.10
CA ASN T 68 48.56 -55.32 66.98
C ASN T 68 49.35 -54.35 66.11
N ALA T 69 49.39 -53.10 66.56
CA ALA T 69 50.53 -52.27 66.37
C ALA T 69 51.68 -53.01 67.04
N ALA T 70 51.34 -53.63 68.17
CA ALA T 70 52.20 -54.56 68.90
C ALA T 70 52.73 -55.66 68.02
N ALA T 71 51.80 -56.41 67.45
CA ALA T 71 52.09 -57.53 66.57
C ALA T 71 53.06 -57.18 65.44
N ARG T 72 52.81 -56.04 64.80
CA ARG T 72 53.72 -55.50 63.78
C ARG T 72 55.17 -55.56 64.23
N ARG T 73 55.48 -54.86 65.31
CA ARG T 73 56.85 -54.70 65.75
C ARG T 73 57.43 -56.05 66.11
N LYS T 74 56.56 -56.95 66.56
CA LYS T 74 56.96 -58.32 66.83
C LYS T 74 57.29 -59.04 65.53
N SER T 75 56.41 -58.89 64.55
CA SER T 75 56.61 -59.52 63.26
C SER T 75 57.91 -59.01 62.64
N ARG T 76 58.10 -57.70 62.69
CA ARG T 76 59.29 -57.11 62.09
C ARG T 76 60.57 -57.51 62.84
N LEU T 77 60.46 -57.83 64.12
CA LEU T 77 61.64 -58.17 64.90
C LEU T 77 62.11 -59.57 64.56
N MET T 78 61.21 -60.56 64.70
CA MET T 78 61.52 -61.98 64.42
C MET T 78 61.92 -62.20 62.97
N ARG T 79 61.21 -61.52 62.06
CA ARG T 79 61.59 -61.52 60.67
C ARG T 79 63.03 -60.98 60.58
N LYS T 80 63.28 -59.78 61.05
CA LYS T 80 64.60 -59.17 60.91
C LYS T 80 65.70 -59.95 61.66
N VAL T 81 65.36 -60.65 62.73
CA VAL T 81 66.39 -61.30 63.54
C VAL T 81 66.83 -62.55 62.82
N ARG T 82 65.84 -63.40 62.52
CA ARG T 82 66.08 -64.71 61.91
C ARG T 82 66.86 -64.61 60.59
N GLN T 83 66.45 -63.66 59.76
CA GLN T 83 67.06 -63.44 58.47
C GLN T 83 68.51 -63.00 58.65
N LEU T 84 68.69 -61.98 59.48
CA LEU T 84 70.03 -61.52 59.80
C LEU T 84 70.91 -62.64 60.36
N LEU T 85 70.28 -63.56 61.08
CA LEU T 85 71.01 -64.66 61.67
C LEU T 85 71.40 -65.69 60.65
N GLU T 86 70.54 -65.91 59.66
CA GLU T 86 70.79 -66.90 58.63
C GLU T 86 71.65 -66.30 57.52
N ALA T 87 71.89 -65.00 57.55
CA ALA T 87 72.93 -64.41 56.71
C ALA T 87 74.32 -64.73 57.29
N ALA T 88 74.35 -65.42 58.43
CA ALA T 88 75.56 -66.04 58.94
C ALA T 88 75.16 -67.41 59.54
N GLY T 89 76.03 -68.04 60.34
CA GLY T 89 75.81 -69.42 60.78
C GLY T 89 74.98 -69.60 62.05
N ALA T 90 75.19 -70.75 62.70
CA ALA T 90 74.65 -71.13 64.04
C ALA T 90 73.35 -70.46 64.47
N PRO T 91 72.24 -71.18 64.40
CA PRO T 91 70.92 -70.63 64.74
C PRO T 91 70.47 -70.91 66.18
N LEU T 92 71.44 -71.12 67.08
CA LEU T 92 71.21 -71.81 68.36
C LEU T 92 70.26 -71.13 69.37
N ILE T 93 70.01 -71.84 70.47
CA ILE T 93 69.06 -71.49 71.53
C ILE T 93 67.65 -71.50 71.01
N GLY T 94 66.78 -72.23 71.72
CA GLY T 94 65.36 -72.29 71.38
C GLY T 94 64.81 -70.88 71.21
N GLY T 95 65.10 -70.03 72.20
CA GLY T 95 64.73 -68.62 72.15
C GLY T 95 63.31 -68.44 71.71
N GLY T 96 63.03 -67.35 71.01
CA GLY T 96 61.67 -67.04 70.59
C GLY T 96 61.25 -67.69 69.29
N LEU T 97 62.21 -68.24 68.55
CA LEU T 97 61.94 -68.72 67.20
C LEU T 97 61.40 -70.14 67.20
N SER T 98 60.63 -70.44 66.16
CA SER T 98 60.13 -71.79 65.95
C SER T 98 61.21 -72.68 65.35
N ALA T 99 61.13 -73.95 65.73
CA ALA T 99 62.14 -74.95 65.37
C ALA T 99 62.35 -75.02 63.85
N GLY U 1 -8.13 63.99 -24.38
CA GLY U 1 -9.55 63.94 -24.81
C GLY U 1 -10.43 63.69 -23.61
N LYS U 2 -10.59 62.42 -23.25
CA LYS U 2 -11.61 62.02 -22.29
C LYS U 2 -11.37 62.54 -20.86
N GLY U 3 -10.45 63.48 -20.67
CA GLY U 3 -10.19 63.98 -19.32
C GLY U 3 -10.07 65.49 -19.25
N ASP U 4 -10.30 66.11 -20.41
CA ASP U 4 -10.44 67.55 -20.50
C ASP U 4 -11.92 67.76 -20.42
N ARG U 5 -12.40 68.31 -19.31
CA ARG U 5 -13.83 68.53 -19.15
C ARG U 5 -14.34 69.54 -20.16
N ARG U 6 -13.50 70.49 -20.53
CA ARG U 6 -13.85 71.46 -21.55
C ARG U 6 -13.72 70.94 -23.00
N THR U 7 -13.78 69.65 -23.24
CA THR U 7 -13.97 69.17 -24.61
C THR U 7 -15.33 68.52 -24.62
N ARG U 8 -15.90 68.33 -25.81
CA ARG U 8 -17.14 67.60 -25.91
C ARG U 8 -16.93 66.16 -25.41
N ARG U 9 -15.81 65.55 -25.80
CA ARG U 9 -15.53 64.15 -25.43
C ARG U 9 -15.22 63.99 -23.98
N GLY U 10 -14.76 65.05 -23.34
CA GLY U 10 -14.52 65.02 -21.91
C GLY U 10 -15.81 65.04 -21.13
N LYS U 11 -16.81 65.67 -21.73
CA LYS U 11 -18.16 65.77 -21.17
C LYS U 11 -18.89 64.43 -21.41
N ILE U 12 -18.94 63.99 -22.66
CA ILE U 12 -19.51 62.70 -22.99
C ILE U 12 -19.11 61.59 -22.00
N TRP U 13 -17.80 61.51 -21.77
CA TRP U 13 -17.20 60.50 -20.93
C TRP U 13 -17.62 60.74 -19.48
N ARG U 14 -17.43 61.96 -19.01
CA ARG U 14 -17.86 62.37 -17.67
C ARG U 14 -19.35 62.18 -17.53
N GLY U 15 -20.03 62.25 -18.67
CA GLY U 15 -21.46 61.98 -18.75
C GLY U 15 -22.28 63.20 -18.48
N THR U 16 -21.64 64.37 -18.43
CA THR U 16 -22.32 65.62 -18.13
C THR U 16 -22.66 66.50 -19.37
N TYR U 17 -23.12 67.72 -19.08
CA TYR U 17 -23.57 68.66 -20.08
C TYR U 17 -23.10 70.08 -19.75
N GLY U 18 -23.17 70.96 -20.74
CA GLY U 18 -22.84 72.36 -20.52
C GLY U 18 -22.43 73.13 -21.76
N LYS U 19 -21.58 74.12 -21.54
CA LYS U 19 -21.14 74.98 -22.60
C LYS U 19 -20.52 74.15 -23.71
N TYR U 20 -19.61 73.25 -23.34
CA TYR U 20 -18.82 72.52 -24.31
C TYR U 20 -19.53 71.28 -24.80
N ARG U 21 -20.67 70.98 -24.16
CA ARG U 21 -21.59 69.96 -24.64
C ARG U 21 -23.02 70.27 -24.16
N PRO U 22 -23.77 71.05 -24.96
CA PRO U 22 -25.13 71.41 -24.56
C PRO U 22 -26.14 70.46 -25.24
N ARG U 23 -27.32 70.28 -24.63
CA ARG U 23 -28.28 69.28 -25.16
C ARG U 23 -29.25 69.90 -26.19
N LYS U 24 -28.82 69.90 -27.46
CA LYS U 24 -29.55 70.53 -28.58
C LYS U 24 -29.91 72.02 -28.34
N LYS U 25 -30.66 72.59 -29.28
#